data_3CE9
#
_entry.id   3CE9
#
_cell.length_a   102.740
_cell.length_b   125.810
_cell.length_c   133.230
_cell.angle_alpha   90.000
_cell.angle_beta   102.330
_cell.angle_gamma   90.000
#
_symmetry.space_group_name_H-M   'C 1 2 1'
#
loop_
_entity.id
_entity.type
_entity.pdbx_description
1 polymer 'Glycerol dehydrogenase'
2 non-polymer 'ZINC ION'
3 non-polymer 1,2-ETHANEDIOL
4 non-polymer DI(HYDROXYETHYL)ETHER
5 water water
#
_entity_poly.entity_id   1
_entity_poly.type   'polypeptide(L)'
_entity_poly.pdbx_seq_one_letter_code
;G(MSE)KGISHRIAIPLILEVGNNKIYNIGQIIKKGNFKRVSLYFGEGIYELFGETIEKSIKSSNIEIEAVETVKNIDFD
EIGTNAFKIPAEVDALIGIGGGKAIDAVKY(MSE)AFLRKLPFISVPTSTSNDGFSSPVASLLINGKRTSVPAKTPDGIV
VDIDVIKGSPEKFIYSGIGDLVSNITALYDWKFEEENHKSIIDDFAV(MSE)ISKKSVNSFVRTDFKSIKDEVFLKELVD
SLT(MSE)NGIA(MSE)EIAGNSSPASGAEHLISHALDKFLPNPQLHGIQVGVATYI(MSE)SKVHKHREERIKKILSDT
GFFNYVKGLN(MSE)KKSDFKRAISEAHLIKPARYTYLHVEKNCETAKEIVDTDEILRNILV
;
_entity_poly.pdbx_strand_id   A,B,C,D
#
loop_
_chem_comp.id
_chem_comp.type
_chem_comp.name
_chem_comp.formula
EDO non-polymer 1,2-ETHANEDIOL 'C2 H6 O2'
PEG non-polymer DI(HYDROXYETHYL)ETHER 'C4 H10 O3'
ZN non-polymer 'ZINC ION' 'Zn 2'
#
# COMPACT_ATOMS: atom_id res chain seq x y z
N SER A 6 -7.93 -2.63 7.88
CA SER A 6 -6.99 -3.43 7.04
C SER A 6 -7.33 -3.32 5.54
N HIS A 7 -7.08 -2.12 5.05
CA HIS A 7 -7.69 -1.65 3.79
C HIS A 7 -6.75 -0.93 2.80
N ARG A 8 -6.96 -1.19 1.51
CA ARG A 8 -6.04 -0.72 0.47
C ARG A 8 -6.59 0.39 -0.43
N ILE A 9 -5.76 1.40 -0.67
CA ILE A 9 -6.16 2.63 -1.37
C ILE A 9 -5.66 2.67 -2.82
N ALA A 10 -6.58 2.85 -3.73
CA ALA A 10 -6.27 2.96 -5.17
C ALA A 10 -6.66 4.35 -5.71
N ILE A 11 -5.73 5.29 -5.59
CA ILE A 11 -5.96 6.62 -6.13
C ILE A 11 -5.91 6.50 -7.65
N PRO A 12 -6.86 7.12 -8.36
CA PRO A 12 -6.83 7.04 -9.81
C PRO A 12 -5.57 7.57 -10.45
N LEU A 13 -5.12 6.85 -11.45
CA LEU A 13 -3.89 7.16 -12.16
C LEU A 13 -4.10 8.41 -13.02
N ILE A 14 -5.28 8.48 -13.62
CA ILE A 14 -5.60 9.54 -14.57
C ILE A 14 -6.74 10.40 -14.07
N LEU A 15 -6.46 11.69 -14.00
CA LEU A 15 -7.43 12.69 -13.57
C LEU A 15 -7.31 13.92 -14.47
N GLU A 16 -8.33 14.12 -15.28
CA GLU A 16 -8.39 15.21 -16.25
C GLU A 16 -9.76 15.86 -16.27
N VAL A 17 -9.79 17.09 -15.82
CA VAL A 17 -11.01 17.87 -15.82
C VAL A 17 -10.72 19.20 -16.50
N GLY A 18 -11.37 19.42 -17.63
CA GLY A 18 -11.14 20.64 -18.39
C GLY A 18 -11.68 20.59 -19.81
N ASN A 19 -11.02 21.38 -20.65
CA ASN A 19 -11.41 21.57 -22.03
C ASN A 19 -10.62 20.69 -22.98
N ASN A 20 -11.27 20.32 -24.07
CA ASN A 20 -10.66 19.54 -25.13
C ASN A 20 -10.17 18.17 -24.69
N LYS A 21 -10.93 17.53 -23.84
CA LYS A 21 -10.51 16.25 -23.28
C LYS A 21 -10.93 15.08 -24.16
N ILE A 22 -12.15 15.15 -24.70
CA ILE A 22 -12.70 14.03 -25.48
C ILE A 22 -11.84 13.70 -26.71
N TYR A 23 -11.48 14.74 -27.43
CA TYR A 23 -10.63 14.67 -28.62
C TYR A 23 -9.27 14.05 -28.34
N ASN A 24 -8.81 14.22 -27.11
CA ASN A 24 -7.45 13.80 -26.75
C ASN A 24 -7.46 12.60 -25.82
N ILE A 25 -8.58 11.91 -25.78
CA ILE A 25 -8.78 10.77 -24.86
C ILE A 25 -7.69 9.70 -25.06
N GLY A 26 -7.25 9.55 -26.30
CA GLY A 26 -6.20 8.62 -26.64
C GLY A 26 -4.93 8.89 -25.85
N GLN A 27 -4.44 10.12 -25.96
CA GLN A 27 -3.16 10.52 -25.37
C GLN A 27 -3.31 10.52 -23.86
N ILE A 28 -4.51 10.83 -23.41
CA ILE A 28 -4.79 10.91 -21.99
C ILE A 28 -4.68 9.53 -21.35
N ILE A 29 -5.23 8.51 -22.01
CA ILE A 29 -5.23 7.18 -21.39
C ILE A 29 -3.97 6.36 -21.70
N LYS A 30 -3.11 6.90 -22.55
CA LYS A 30 -1.89 6.17 -22.96
C LYS A 30 -1.07 5.88 -21.70
N LYS A 31 -1.20 6.75 -20.73
CA LYS A 31 -0.48 6.61 -19.48
C LYS A 31 -0.79 5.26 -18.81
N GLY A 32 -1.95 4.70 -19.10
CA GLY A 32 -2.36 3.42 -18.50
C GLY A 32 -1.71 2.21 -19.17
N ASN A 33 -1.07 2.43 -20.30
CA ASN A 33 -0.41 1.36 -21.03
C ASN A 33 -1.35 0.25 -21.47
N PHE A 34 -2.60 0.59 -21.72
CA PHE A 34 -3.58 -0.38 -22.21
C PHE A 34 -3.30 -0.73 -23.66
N LYS A 35 -3.38 -2.00 -24.00
CA LYS A 35 -3.15 -2.46 -25.37
C LYS A 35 -4.45 -2.66 -26.11
N ARG A 36 -5.51 -3.00 -25.38
CA ARG A 36 -6.78 -3.37 -25.98
C ARG A 36 -7.99 -3.11 -25.10
N VAL A 37 -8.83 -2.19 -25.56
CA VAL A 37 -9.93 -1.70 -24.77
C VAL A 37 -11.25 -1.97 -25.41
N SER A 38 -12.29 -1.91 -24.59
CA SER A 38 -13.68 -1.88 -25.08
C SER A 38 -14.33 -0.59 -24.64
N LEU A 39 -15.10 0.00 -25.55
CA LEU A 39 -15.86 1.21 -25.25
C LEU A 39 -17.33 0.87 -25.05
N TYR A 40 -17.85 1.39 -23.95
CA TYR A 40 -19.28 1.32 -23.66
C TYR A 40 -19.85 2.71 -23.61
N PHE A 41 -20.81 2.95 -24.49
CA PHE A 41 -21.52 4.20 -24.60
C PHE A 41 -22.92 4.12 -24.12
N GLY A 42 -23.35 5.15 -23.41
CA GLY A 42 -24.77 5.32 -23.12
C GLY A 42 -25.53 5.50 -24.42
N GLU A 43 -26.85 5.35 -24.35
CA GLU A 43 -27.69 5.59 -25.52
C GLU A 43 -27.55 7.01 -26.03
N GLY A 44 -27.32 7.10 -27.33
CA GLY A 44 -27.24 8.37 -28.03
C GLY A 44 -25.84 8.95 -28.00
N ILE A 45 -25.06 8.51 -27.05
CA ILE A 45 -23.78 9.14 -26.80
C ILE A 45 -22.78 8.90 -27.95
N TYR A 46 -22.85 7.74 -28.55
CA TYR A 46 -21.92 7.47 -29.65
C TYR A 46 -22.17 8.41 -30.83
N GLU A 47 -23.45 8.67 -31.10
CA GLU A 47 -23.85 9.60 -32.15
C GLU A 47 -23.13 10.92 -31.96
N LEU A 48 -22.96 11.34 -30.71
CA LEU A 48 -22.41 12.65 -30.37
C LEU A 48 -20.88 12.68 -30.47
N PHE A 49 -20.24 11.72 -29.84
CA PHE A 49 -18.77 11.78 -29.60
C PHE A 49 -17.98 10.54 -30.06
N GLY A 50 -18.70 9.57 -30.59
CA GLY A 50 -18.14 8.26 -30.83
C GLY A 50 -16.97 8.17 -31.80
N GLU A 51 -17.17 8.73 -32.97
CA GLU A 51 -16.16 8.69 -34.00
C GLU A 51 -14.90 9.35 -33.51
N THR A 52 -15.04 10.54 -32.93
CA THR A 52 -13.88 11.25 -32.40
C THR A 52 -13.11 10.40 -31.38
N ILE A 53 -13.86 9.81 -30.46
CA ILE A 53 -13.25 9.03 -29.41
C ILE A 53 -12.48 7.85 -30.04
N GLU A 54 -13.12 7.15 -30.97
CA GLU A 54 -12.48 5.98 -31.63
C GLU A 54 -11.22 6.38 -32.38
N LYS A 55 -11.30 7.49 -33.10
CA LYS A 55 -10.16 7.97 -33.88
C LYS A 55 -9.00 8.23 -32.91
N SER A 56 -9.31 8.95 -31.86
CA SER A 56 -8.30 9.40 -30.90
C SER A 56 -7.57 8.19 -30.28
N ILE A 57 -8.35 7.18 -29.92
CA ILE A 57 -7.80 5.99 -29.25
C ILE A 57 -6.98 5.20 -30.27
N LYS A 58 -7.52 5.01 -31.45
CA LYS A 58 -6.83 4.21 -32.46
C LYS A 58 -5.50 4.94 -32.81
N SER A 59 -5.52 6.26 -32.84
CA SER A 59 -4.32 6.98 -33.30
C SER A 59 -3.27 6.98 -32.21
N SER A 60 -3.62 6.51 -31.03
CA SER A 60 -2.66 6.46 -29.95
C SER A 60 -2.14 5.04 -29.84
N ASN A 61 -2.42 4.29 -30.90
CA ASN A 61 -1.96 2.92 -31.00
C ASN A 61 -2.57 1.98 -29.95
N ILE A 62 -3.83 2.19 -29.63
CA ILE A 62 -4.55 1.29 -28.76
C ILE A 62 -5.61 0.61 -29.60
N GLU A 63 -5.69 -0.71 -29.47
CA GLU A 63 -6.70 -1.49 -30.17
C GLU A 63 -8.04 -1.39 -29.44
N ILE A 64 -9.10 -1.36 -30.24
CA ILE A 64 -10.47 -1.37 -29.75
C ILE A 64 -11.08 -2.72 -30.10
N GLU A 65 -11.41 -3.46 -29.07
CA GLU A 65 -12.02 -4.78 -29.23
C GLU A 65 -13.47 -4.63 -29.64
N ALA A 66 -14.17 -3.70 -29.03
CA ALA A 66 -15.61 -3.62 -29.19
C ALA A 66 -16.12 -2.26 -28.79
N VAL A 67 -17.21 -1.89 -29.45
CA VAL A 67 -17.95 -0.70 -29.13
C VAL A 67 -19.35 -1.19 -28.86
N GLU A 68 -19.87 -0.91 -27.68
CA GLU A 68 -21.20 -1.33 -27.30
C GLU A 68 -21.98 -0.23 -26.65
N THR A 69 -23.27 -0.50 -26.50
CA THR A 69 -24.20 0.41 -25.88
C THR A 69 -24.67 -0.15 -24.56
N VAL A 70 -24.75 0.72 -23.58
CA VAL A 70 -25.32 0.40 -22.29
C VAL A 70 -26.77 0.83 -22.23
N LYS A 71 -27.65 -0.13 -21.97
CA LYS A 71 -29.10 0.10 -22.01
C LYS A 71 -29.81 0.12 -20.64
N ASN A 72 -29.14 -0.31 -19.57
CA ASN A 72 -29.77 -0.44 -18.24
CA ASN A 72 -29.76 -0.35 -18.23
C ASN A 72 -28.80 -0.58 -17.08
N ILE A 73 -29.32 -0.50 -15.88
CA ILE A 73 -28.52 -0.70 -14.67
C ILE A 73 -29.04 -1.87 -13.89
N ASP A 74 -29.67 -2.79 -14.58
CA ASP A 74 -30.16 -4.04 -13.97
C ASP A 74 -29.00 -5.00 -13.63
N PHE A 75 -28.93 -5.40 -12.37
CA PHE A 75 -27.81 -6.21 -11.90
C PHE A 75 -27.62 -7.48 -12.75
N ASP A 76 -28.70 -8.20 -13.05
CA ASP A 76 -28.60 -9.45 -13.80
C ASP A 76 -28.04 -9.24 -15.20
N GLU A 77 -28.51 -8.19 -15.89
CA GLU A 77 -28.06 -7.94 -17.26
C GLU A 77 -26.59 -7.51 -17.24
N ILE A 78 -26.23 -6.76 -16.20
CA ILE A 78 -24.85 -6.30 -16.04
C ILE A 78 -23.90 -7.48 -15.86
N GLY A 79 -24.27 -8.42 -15.01
CA GLY A 79 -23.43 -9.61 -14.77
C GLY A 79 -23.30 -10.41 -16.05
N THR A 80 -24.43 -10.56 -16.75
CA THR A 80 -24.40 -11.32 -17.98
C THR A 80 -23.44 -10.65 -18.95
N ASN A 81 -23.60 -9.35 -19.11
CA ASN A 81 -22.75 -8.62 -20.04
C ASN A 81 -21.29 -8.62 -19.58
N ALA A 82 -21.08 -8.59 -18.27
CA ALA A 82 -19.72 -8.54 -17.75
C ALA A 82 -18.95 -9.76 -18.24
N PHE A 83 -19.59 -10.93 -18.14
CA PHE A 83 -18.92 -12.20 -18.44
C PHE A 83 -18.89 -12.50 -19.92
N LYS A 84 -19.42 -11.58 -20.71
CA LYS A 84 -19.38 -11.70 -22.17
C LYS A 84 -18.15 -10.94 -22.68
N ILE A 85 -17.58 -10.12 -21.82
CA ILE A 85 -16.40 -9.32 -22.22
C ILE A 85 -15.22 -10.26 -22.58
N PRO A 86 -14.66 -10.12 -23.77
CA PRO A 86 -13.62 -11.06 -24.15
C PRO A 86 -12.43 -11.01 -23.21
N ALA A 87 -11.79 -12.16 -23.04
CA ALA A 87 -10.68 -12.26 -22.09
C ALA A 87 -9.47 -11.41 -22.48
N GLU A 88 -9.36 -11.01 -23.74
CA GLU A 88 -8.17 -10.24 -24.20
C GLU A 88 -8.28 -8.74 -23.93
N VAL A 89 -9.46 -8.32 -23.46
CA VAL A 89 -9.69 -6.92 -23.14
C VAL A 89 -8.93 -6.51 -21.87
N ASP A 90 -8.19 -5.41 -21.99
CA ASP A 90 -7.30 -4.85 -20.94
C ASP A 90 -7.99 -3.81 -20.08
N ALA A 91 -9.02 -3.19 -20.62
CA ALA A 91 -9.62 -2.01 -19.96
C ALA A 91 -10.95 -1.69 -20.57
N LEU A 92 -11.80 -1.14 -19.73
CA LEU A 92 -13.14 -0.71 -20.12
C LEU A 92 -13.22 0.79 -20.06
N ILE A 93 -13.80 1.37 -21.08
CA ILE A 93 -14.06 2.81 -21.08
C ILE A 93 -15.57 3.02 -21.12
N GLY A 94 -16.05 3.82 -20.18
CA GLY A 94 -17.47 4.16 -20.09
C GLY A 94 -17.68 5.60 -20.48
N ILE A 95 -18.51 5.80 -21.47
CA ILE A 95 -18.85 7.16 -21.91
C ILE A 95 -20.36 7.38 -21.90
N GLY A 96 -20.79 8.26 -21.01
CA GLY A 96 -22.20 8.64 -20.91
C GLY A 96 -22.58 9.20 -19.56
N GLY A 97 -23.89 9.12 -19.29
CA GLY A 97 -24.48 9.58 -18.03
C GLY A 97 -24.21 8.64 -16.87
N GLY A 98 -24.71 9.04 -15.72
CA GLY A 98 -24.41 8.38 -14.45
C GLY A 98 -24.75 6.92 -14.46
N LYS A 99 -25.89 6.59 -15.06
CA LYS A 99 -26.33 5.19 -15.10
C LYS A 99 -25.39 4.37 -15.96
N ALA A 100 -25.00 4.94 -17.10
CA ALA A 100 -24.11 4.26 -18.03
C ALA A 100 -22.76 4.04 -17.35
N ILE A 101 -22.27 5.07 -16.68
CA ILE A 101 -20.96 4.99 -16.01
C ILE A 101 -21.01 3.91 -14.96
N ASP A 102 -22.08 3.91 -14.17
CA ASP A 102 -22.16 2.96 -13.05
C ASP A 102 -22.21 1.53 -13.55
N ALA A 103 -22.84 1.32 -14.70
CA ALA A 103 -22.99 -0.04 -15.25
C ALA A 103 -21.65 -0.58 -15.68
N VAL A 104 -20.87 0.27 -16.35
CA VAL A 104 -19.59 -0.15 -16.93
C VAL A 104 -18.60 -0.31 -15.80
N LYS A 105 -18.70 0.59 -14.82
CA LYS A 105 -17.85 0.53 -13.63
C LYS A 105 -18.06 -0.82 -12.95
N TYR A 106 -19.31 -1.30 -12.92
CA TYR A 106 -19.61 -2.55 -12.20
C TYR A 106 -19.10 -3.74 -12.96
N MSE A 107 -19.14 -3.66 -14.27
CA MSE A 107 -18.60 -4.75 -15.10
C MSE A 107 -17.11 -4.84 -14.86
O MSE A 107 -16.57 -5.94 -14.77
CB MSE A 107 -18.85 -4.52 -16.58
CG MSE A 107 -20.28 -4.60 -16.96
SE MSE A 107 -20.57 -4.58 -18.90
CE MSE A 107 -19.80 -2.94 -19.36
N ALA A 108 -16.45 -3.68 -14.77
CA ALA A 108 -14.99 -3.63 -14.57
C ALA A 108 -14.65 -4.19 -13.21
N PHE A 109 -15.57 -3.97 -12.28
CA PHE A 109 -15.44 -4.53 -10.94
C PHE A 109 -15.50 -6.05 -10.99
N LEU A 110 -16.51 -6.58 -11.66
CA LEU A 110 -16.71 -8.05 -11.73
C LEU A 110 -15.59 -8.75 -12.49
N ARG A 111 -14.95 -8.05 -13.43
CA ARG A 111 -13.90 -8.68 -14.24
C ARG A 111 -12.52 -8.24 -13.79
N LYS A 112 -12.49 -7.44 -12.74
CA LYS A 112 -11.21 -6.96 -12.21
C LYS A 112 -10.42 -6.29 -13.34
N LEU A 113 -11.07 -5.39 -14.06
CA LEU A 113 -10.44 -4.68 -15.16
C LEU A 113 -10.28 -3.17 -14.85
N PRO A 114 -9.20 -2.56 -15.34
CA PRO A 114 -9.15 -1.12 -15.25
C PRO A 114 -10.33 -0.46 -15.94
N PHE A 115 -10.79 0.61 -15.34
CA PHE A 115 -11.94 1.35 -15.80
C PHE A 115 -11.63 2.82 -15.96
N ILE A 116 -11.95 3.34 -17.14
CA ILE A 116 -11.84 4.78 -17.42
C ILE A 116 -13.23 5.39 -17.53
N SER A 117 -13.50 6.33 -16.63
CA SER A 117 -14.79 7.05 -16.51
C SER A 117 -14.78 8.34 -17.32
N VAL A 118 -15.66 8.42 -18.30
CA VAL A 118 -15.78 9.61 -19.19
C VAL A 118 -17.22 10.14 -19.19
N PRO A 119 -17.61 10.84 -18.12
CA PRO A 119 -19.01 11.23 -17.94
C PRO A 119 -19.38 12.40 -18.79
N THR A 120 -20.57 12.34 -19.34
CA THR A 120 -21.08 13.41 -20.19
C THR A 120 -22.03 14.27 -19.39
N SER A 121 -22.23 13.86 -18.14
CA SER A 121 -22.94 14.69 -17.16
C SER A 121 -22.47 14.39 -15.78
N THR A 122 -22.78 15.28 -14.85
CA THR A 122 -22.39 15.07 -13.47
C THR A 122 -23.55 15.16 -12.51
N SER A 123 -24.44 14.20 -12.57
CA SER A 123 -25.62 14.20 -11.72
C SER A 123 -25.27 13.76 -10.31
N ASN A 124 -24.08 13.18 -10.17
CA ASN A 124 -23.59 12.74 -8.86
C ASN A 124 -22.13 12.24 -8.91
N ASP A 125 -21.59 11.87 -7.76
CA ASP A 125 -20.17 11.53 -7.67
C ASP A 125 -19.89 10.06 -8.02
N GLY A 126 -20.88 9.42 -8.64
CA GLY A 126 -20.73 8.02 -9.08
C GLY A 126 -19.59 7.84 -10.07
N PHE A 127 -19.30 8.88 -10.81
CA PHE A 127 -18.30 8.78 -11.87
C PHE A 127 -16.89 8.73 -11.33
N SER A 128 -16.73 9.03 -10.05
CA SER A 128 -15.39 9.09 -9.44
C SER A 128 -15.21 8.18 -8.26
N SER A 129 -16.30 7.56 -7.80
CA SER A 129 -16.27 6.81 -6.56
C SER A 129 -16.20 5.28 -6.70
N PRO A 130 -16.01 4.59 -5.56
CA PRO A 130 -16.01 3.15 -5.43
C PRO A 130 -17.40 2.53 -5.26
N VAL A 131 -18.47 3.30 -5.40
CA VAL A 131 -19.80 2.69 -5.31
C VAL A 131 -20.64 2.93 -6.54
N ALA A 132 -21.45 1.93 -6.85
CA ALA A 132 -22.30 1.95 -8.02
C ALA A 132 -23.75 1.95 -7.60
N SER A 133 -24.56 2.68 -8.33
CA SER A 133 -25.97 2.67 -8.09
C SER A 133 -26.68 1.82 -9.15
N LEU A 134 -27.24 0.70 -8.72
CA LEU A 134 -27.84 -0.25 -9.63
C LEU A 134 -29.26 -0.61 -9.24
N LEU A 135 -29.95 -1.29 -10.14
CA LEU A 135 -31.26 -1.90 -9.83
C LEU A 135 -31.08 -3.31 -9.33
N ILE A 136 -31.52 -3.51 -8.10
CA ILE A 136 -31.50 -4.81 -7.43
C ILE A 136 -32.90 -5.19 -7.00
N ASN A 137 -33.52 -6.08 -7.76
CA ASN A 137 -34.89 -6.52 -7.50
C ASN A 137 -35.81 -5.35 -7.69
N GLY A 138 -35.55 -4.58 -8.72
CA GLY A 138 -36.41 -3.46 -9.14
C GLY A 138 -36.16 -2.20 -8.33
N LYS A 139 -35.28 -2.30 -7.34
CA LYS A 139 -35.00 -1.16 -6.46
C LYS A 139 -33.62 -0.56 -6.67
N ARG A 140 -33.56 0.75 -6.82
CA ARG A 140 -32.27 1.44 -6.89
C ARG A 140 -31.55 1.24 -5.57
N THR A 141 -30.30 0.84 -5.66
CA THR A 141 -29.51 0.43 -4.49
C THR A 141 -28.06 0.77 -4.72
N SER A 142 -27.41 1.23 -3.69
CA SER A 142 -25.99 1.57 -3.76
C SER A 142 -25.21 0.34 -3.32
N VAL A 143 -24.25 -0.07 -4.15
CA VAL A 143 -23.47 -1.27 -3.93
C VAL A 143 -21.99 -1.01 -4.16
N PRO A 144 -21.13 -1.79 -3.48
CA PRO A 144 -19.69 -1.67 -3.60
C PRO A 144 -19.28 -2.05 -5.00
N ALA A 145 -18.34 -1.27 -5.52
CA ALA A 145 -17.72 -1.53 -6.80
C ALA A 145 -16.25 -1.22 -6.67
N LYS A 146 -15.69 -0.50 -7.64
CA LYS A 146 -14.29 -0.08 -7.54
C LYS A 146 -14.11 1.30 -8.15
N THR A 147 -13.23 2.07 -7.52
CA THR A 147 -12.93 3.41 -7.98
C THR A 147 -12.33 3.41 -9.41
N PRO A 148 -12.73 4.36 -10.23
CA PRO A 148 -12.11 4.33 -11.53
C PRO A 148 -10.61 4.51 -11.48
N ASP A 149 -9.94 3.96 -12.49
CA ASP A 149 -8.48 4.09 -12.65
C ASP A 149 -8.17 5.40 -13.33
N GLY A 150 -9.17 5.89 -14.04
CA GLY A 150 -9.07 7.14 -14.78
C GLY A 150 -10.41 7.88 -14.84
N ILE A 151 -10.33 9.20 -14.71
CA ILE A 151 -11.50 10.05 -14.79
C ILE A 151 -11.17 11.15 -15.78
N VAL A 152 -12.02 11.27 -16.79
CA VAL A 152 -11.85 12.28 -17.83
C VAL A 152 -13.15 13.06 -18.04
N VAL A 153 -13.17 14.29 -17.55
CA VAL A 153 -14.35 15.13 -17.64
C VAL A 153 -14.12 16.34 -18.49
N ASP A 154 -14.84 16.39 -19.60
CA ASP A 154 -14.79 17.49 -20.55
C ASP A 154 -15.85 18.51 -20.24
N ILE A 155 -15.40 19.67 -19.79
CA ILE A 155 -16.29 20.72 -19.31
C ILE A 155 -17.20 21.26 -20.42
N ASP A 156 -16.71 21.20 -21.66
CA ASP A 156 -17.53 21.60 -22.82
C ASP A 156 -18.73 20.67 -22.93
N VAL A 157 -18.49 19.38 -22.79
CA VAL A 157 -19.60 18.42 -22.85
C VAL A 157 -20.57 18.69 -21.70
N ILE A 158 -20.03 18.95 -20.50
CA ILE A 158 -20.88 19.14 -19.32
C ILE A 158 -21.72 20.41 -19.44
N LYS A 159 -21.14 21.41 -20.10
CA LYS A 159 -21.82 22.70 -20.34
C LYS A 159 -23.13 22.44 -21.04
N GLY A 160 -23.10 21.41 -21.87
CA GLY A 160 -24.24 21.13 -22.76
C GLY A 160 -25.27 20.24 -22.12
N SER A 161 -25.01 19.76 -20.92
CA SER A 161 -25.91 18.77 -20.33
C SER A 161 -27.17 19.46 -19.85
N PRO A 162 -28.25 18.69 -19.71
CA PRO A 162 -29.49 19.27 -19.21
C PRO A 162 -29.34 19.73 -17.77
N GLU A 163 -30.03 20.81 -17.43
CA GLU A 163 -29.87 21.40 -16.11
C GLU A 163 -30.20 20.47 -14.94
N LYS A 164 -31.10 19.53 -15.17
CA LYS A 164 -31.50 18.64 -14.10
C LYS A 164 -30.26 17.90 -13.54
N PHE A 165 -29.28 17.61 -14.38
CA PHE A 165 -28.13 16.87 -13.94
C PHE A 165 -27.21 17.75 -13.10
N ILE A 166 -27.17 19.03 -13.46
CA ILE A 166 -26.32 19.97 -12.73
C ILE A 166 -26.91 20.19 -11.34
N TYR A 167 -28.22 20.33 -11.27
CA TYR A 167 -28.89 20.54 -9.98
C TYR A 167 -28.68 19.31 -9.15
N SER A 168 -28.65 18.15 -9.81
CA SER A 168 -28.50 16.91 -9.09
C SER A 168 -27.11 16.88 -8.47
N GLY A 169 -26.15 17.36 -9.26
CA GLY A 169 -24.75 17.39 -8.86
C GLY A 169 -24.58 18.34 -7.68
N ILE A 170 -25.24 19.49 -7.76
CA ILE A 170 -25.10 20.45 -6.67
C ILE A 170 -25.57 19.80 -5.37
N GLY A 171 -26.60 19.00 -5.50
CA GLY A 171 -27.21 18.39 -4.35
C GLY A 171 -26.31 17.34 -3.73
N ASP A 172 -25.60 16.58 -4.57
CA ASP A 172 -24.80 15.45 -4.09
C ASP A 172 -23.52 16.04 -3.51
N LEU A 173 -23.16 17.23 -3.95
CA LEU A 173 -21.92 17.91 -3.47
C LEU A 173 -22.10 18.55 -2.10
N VAL A 174 -23.18 19.29 -1.99
CA VAL A 174 -23.46 19.97 -0.75
C VAL A 174 -23.61 18.99 0.42
N SER A 175 -23.98 17.75 0.11
CA SER A 175 -24.17 16.73 1.15
C SER A 175 -22.90 16.43 1.96
N ASN A 176 -21.74 16.84 1.45
CA ASN A 176 -20.48 16.62 2.20
C ASN A 176 -20.57 17.32 3.55
N ILE A 177 -21.23 18.47 3.57
CA ILE A 177 -21.25 19.27 4.77
C ILE A 177 -21.93 18.51 5.91
N THR A 178 -23.10 17.95 5.64
CA THR A 178 -23.83 17.21 6.66
C THR A 178 -23.23 15.83 6.90
N ALA A 179 -22.66 15.23 5.85
CA ALA A 179 -22.07 13.89 6.01
C ALA A 179 -20.91 13.96 6.99
N LEU A 180 -20.06 14.97 6.83
CA LEU A 180 -18.89 15.11 7.69
C LEU A 180 -19.33 15.36 9.14
N TYR A 181 -20.39 16.12 9.31
CA TYR A 181 -20.91 16.41 10.66
C TYR A 181 -21.41 15.12 11.32
N ASP A 182 -22.16 14.33 10.57
CA ASP A 182 -22.65 13.03 11.06
C ASP A 182 -21.47 12.13 11.42
N TRP A 183 -20.44 12.17 10.58
CA TRP A 183 -19.27 11.31 10.79
C TRP A 183 -18.60 11.68 12.14
N LYS A 184 -18.48 12.97 12.41
CA LYS A 184 -17.85 13.42 13.65
C LYS A 184 -18.71 12.96 14.82
N PHE A 185 -20.03 13.05 14.64
CA PHE A 185 -20.99 12.67 15.70
C PHE A 185 -20.82 11.18 16.01
N GLU A 186 -20.58 10.45 14.94
CA GLU A 186 -20.48 8.99 15.02
C GLU A 186 -19.23 8.62 15.81
N GLU A 187 -18.17 9.36 15.56
CA GLU A 187 -16.90 9.10 16.21
C GLU A 187 -17.03 9.40 17.69
N GLU A 188 -17.68 10.51 18.00
CA GLU A 188 -17.85 10.95 19.39
C GLU A 188 -18.55 9.86 20.17
N ASN A 189 -19.34 9.08 19.44
CA ASN A 189 -20.12 7.97 20.02
C ASN A 189 -19.40 6.63 19.85
N HIS A 190 -18.13 6.72 19.51
CA HIS A 190 -17.28 5.54 19.40
C HIS A 190 -17.80 4.48 18.42
N LYS A 191 -18.54 4.93 17.42
CA LYS A 191 -19.09 4.01 16.42
C LYS A 191 -18.29 4.02 15.11
N SER A 192 -17.25 4.83 15.09
CA SER A 192 -16.27 4.82 13.99
C SER A 192 -15.11 5.72 14.27
N ILE A 193 -14.16 5.68 13.34
CA ILE A 193 -12.95 6.51 13.40
C ILE A 193 -12.80 7.31 12.13
N ILE A 194 -12.60 8.62 12.31
CA ILE A 194 -12.45 9.53 11.17
C ILE A 194 -11.09 9.41 10.51
N ASP A 195 -11.12 9.49 9.19
CA ASP A 195 -9.92 9.59 8.36
C ASP A 195 -9.64 11.06 8.05
N ASP A 196 -8.62 11.59 8.71
CA ASP A 196 -8.36 13.04 8.70
C ASP A 196 -8.12 13.56 7.31
N PHE A 197 -7.35 12.86 6.50
CA PHE A 197 -7.09 13.34 5.15
C PHE A 197 -8.36 13.33 4.31
N ALA A 198 -9.17 12.29 4.48
CA ALA A 198 -10.41 12.18 3.71
C ALA A 198 -11.32 13.36 4.04
N VAL A 199 -11.32 13.76 5.30
CA VAL A 199 -12.12 14.90 5.74
C VAL A 199 -11.59 16.19 5.13
N MSE A 200 -10.28 16.31 5.12
CA MSE A 200 -9.66 17.53 4.63
C MSE A 200 -10.02 17.81 3.17
O MSE A 200 -10.36 18.91 2.82
CB MSE A 200 -8.15 17.47 4.77
CG MSE A 200 -7.52 18.79 4.44
SE MSE A 200 -5.73 18.78 4.95
CE MSE A 200 -5.45 20.63 5.48
N ILE A 201 -9.91 16.80 2.31
CA ILE A 201 -10.10 17.03 0.87
C ILE A 201 -11.60 17.20 0.56
N SER A 202 -12.43 16.41 1.18
CA SER A 202 -13.84 16.55 0.94
C SER A 202 -14.28 17.94 1.36
N LYS A 203 -13.84 18.33 2.53
CA LYS A 203 -14.11 19.67 3.06
C LYS A 203 -13.58 20.76 2.10
N LYS A 204 -12.36 20.60 1.61
CA LYS A 204 -11.78 21.63 0.73
C LYS A 204 -12.56 21.71 -0.58
N SER A 205 -13.02 20.57 -1.10
CA SER A 205 -13.65 20.58 -2.41
C SER A 205 -14.98 21.36 -2.29
N VAL A 206 -15.73 21.01 -1.27
CA VAL A 206 -17.00 21.65 -1.01
C VAL A 206 -16.93 23.14 -0.74
N ASN A 207 -15.99 23.54 0.10
CA ASN A 207 -15.83 24.95 0.46
C ASN A 207 -15.38 25.79 -0.73
N SER A 208 -14.60 25.18 -1.61
CA SER A 208 -14.14 25.89 -2.81
C SER A 208 -15.35 26.23 -3.69
N PHE A 209 -16.21 25.24 -3.81
CA PHE A 209 -17.38 25.34 -4.68
C PHE A 209 -18.36 26.36 -4.14
N VAL A 210 -18.70 26.17 -2.88
CA VAL A 210 -19.64 27.04 -2.19
C VAL A 210 -19.26 28.53 -2.25
N ARG A 211 -17.97 28.83 -2.36
CA ARG A 211 -17.51 30.22 -2.35
C ARG A 211 -17.40 30.84 -3.71
N THR A 212 -17.50 30.00 -4.75
CA THR A 212 -17.33 30.44 -6.12
C THR A 212 -18.47 31.33 -6.56
N ASP A 213 -18.14 32.54 -6.99
CA ASP A 213 -19.13 33.47 -7.57
C ASP A 213 -19.59 32.92 -8.89
N PHE A 214 -20.83 33.22 -9.24
CA PHE A 214 -21.38 32.71 -10.51
C PHE A 214 -22.54 33.49 -11.08
N LYS A 215 -22.53 33.61 -12.39
CA LYS A 215 -23.60 34.27 -13.13
C LYS A 215 -24.70 33.25 -13.36
N SER A 216 -24.32 32.06 -13.81
CA SER A 216 -25.29 30.96 -13.99
C SER A 216 -24.69 29.60 -13.74
N ILE A 217 -25.55 28.59 -13.67
CA ILE A 217 -25.09 27.24 -13.37
C ILE A 217 -24.41 26.60 -14.55
N LYS A 218 -24.42 27.27 -15.71
CA LYS A 218 -23.74 26.74 -16.90
C LYS A 218 -22.45 27.48 -17.17
N ASP A 219 -22.12 28.32 -16.21
CA ASP A 219 -20.85 29.03 -16.16
C ASP A 219 -19.69 28.03 -16.11
N GLU A 220 -18.68 28.28 -16.90
CA GLU A 220 -17.56 27.36 -17.05
C GLU A 220 -16.79 27.18 -15.75
N VAL A 221 -16.57 28.28 -15.05
CA VAL A 221 -15.81 28.26 -13.79
C VAL A 221 -16.62 27.52 -12.75
N PHE A 222 -17.91 27.76 -12.76
CA PHE A 222 -18.80 27.12 -11.81
C PHE A 222 -18.79 25.60 -12.02
N LEU A 223 -18.91 25.20 -13.27
CA LEU A 223 -18.98 23.78 -13.64
C LEU A 223 -17.65 23.10 -13.33
N LYS A 224 -16.56 23.80 -13.60
CA LYS A 224 -15.26 23.21 -13.37
C LYS A 224 -15.08 22.95 -11.89
N GLU A 225 -15.57 23.85 -11.06
CA GLU A 225 -15.51 23.68 -9.59
C GLU A 225 -16.40 22.54 -9.15
N LEU A 226 -17.60 22.49 -9.70
CA LEU A 226 -18.57 21.44 -9.35
C LEU A 226 -17.95 20.08 -9.65
N VAL A 227 -17.38 19.97 -10.83
CA VAL A 227 -16.82 18.69 -11.26
C VAL A 227 -15.61 18.31 -10.42
N ASP A 228 -14.75 19.28 -10.11
CA ASP A 228 -13.56 19.02 -9.29
C ASP A 228 -13.96 18.42 -7.96
N SER A 229 -14.98 19.02 -7.34
CA SER A 229 -15.41 18.61 -6.03
C SER A 229 -16.00 17.21 -6.06
N LEU A 230 -16.89 16.95 -7.01
CA LEU A 230 -17.55 15.65 -7.14
C LEU A 230 -16.47 14.59 -7.36
N THR A 231 -15.42 14.98 -8.07
CA THR A 231 -14.31 14.06 -8.32
C THR A 231 -13.61 13.75 -7.01
N MSE A 232 -13.35 14.82 -6.28
N MSE A 232 -13.38 14.83 -6.29
CA MSE A 232 -12.66 14.76 -4.97
CA MSE A 232 -12.70 14.79 -5.00
C MSE A 232 -13.43 13.91 -4.01
C MSE A 232 -13.44 13.92 -4.01
O MSE A 232 -12.85 13.20 -3.21
O MSE A 232 -12.83 13.23 -3.21
CB MSE A 232 -12.61 16.16 -4.37
CB MSE A 232 -12.65 16.20 -4.43
CG MSE A 232 -11.39 16.49 -3.58
CG MSE A 232 -11.30 16.48 -3.82
SE MSE A 232 -10.70 18.17 -4.47
SE MSE A 232 -9.96 17.38 -4.89
CE MSE A 232 -8.78 17.93 -4.00
CE MSE A 232 -9.38 18.72 -3.53
N ASN A 233 -14.76 14.02 -4.08
CA ASN A 233 -15.62 13.28 -3.14
C ASN A 233 -15.39 11.78 -3.31
N GLY A 234 -15.29 11.36 -4.55
CA GLY A 234 -15.06 9.96 -4.87
C GLY A 234 -13.72 9.49 -4.33
N ILE A 235 -12.72 10.32 -4.49
CA ILE A 235 -11.40 9.94 -4.07
C ILE A 235 -11.37 9.92 -2.54
N ALA A 236 -12.14 10.82 -1.94
CA ALA A 236 -12.18 10.89 -0.50
C ALA A 236 -12.69 9.55 0.02
N MSE A 237 -13.67 9.02 -0.67
CA MSE A 237 -14.30 7.75 -0.25
C MSE A 237 -13.31 6.61 -0.37
O MSE A 237 -13.23 5.73 0.49
CB MSE A 237 -15.54 7.44 -1.08
CG MSE A 237 -16.67 8.37 -0.80
SE MSE A 237 -18.33 8.02 -1.66
CE MSE A 237 -18.39 7.04 -2.91
N GLU A 238 -12.56 6.64 -1.46
CA GLU A 238 -11.56 5.61 -1.72
C GLU A 238 -10.50 5.68 -0.63
N ILE A 239 -10.12 6.89 -0.26
CA ILE A 239 -9.12 7.06 0.79
C ILE A 239 -9.63 6.56 2.12
N ALA A 240 -10.88 6.84 2.45
CA ALA A 240 -11.43 6.46 3.78
C ALA A 240 -11.73 4.96 3.85
N GLY A 241 -12.04 4.37 2.72
CA GLY A 241 -12.33 2.94 2.64
C GLY A 241 -13.82 2.73 2.89
N ASN A 242 -14.53 3.84 2.98
CA ASN A 242 -15.99 3.79 3.09
C ASN A 242 -16.58 5.06 2.53
N SER A 243 -17.90 5.15 2.62
CA SER A 243 -18.62 6.23 1.98
C SER A 243 -18.82 7.45 2.88
N SER A 244 -18.45 7.32 4.15
CA SER A 244 -18.78 8.35 5.14
C SER A 244 -18.33 9.78 4.79
N PRO A 245 -17.19 9.93 4.09
CA PRO A 245 -16.81 11.31 3.79
C PRO A 245 -17.83 12.04 2.96
N ALA A 246 -18.66 11.30 2.25
CA ALA A 246 -19.61 11.91 1.32
C ALA A 246 -21.04 11.44 1.56
N SER A 247 -21.23 10.54 2.51
CA SER A 247 -22.53 9.93 2.73
C SER A 247 -22.84 9.78 4.21
N GLY A 248 -23.80 10.58 4.64
CA GLY A 248 -24.31 10.58 6.02
C GLY A 248 -25.80 10.34 6.05
N ALA A 249 -26.48 10.86 7.07
CA ALA A 249 -27.93 10.65 7.17
C ALA A 249 -28.67 11.15 5.92
N GLU A 250 -28.19 12.25 5.35
CA GLU A 250 -28.87 12.80 4.17
C GLU A 250 -28.96 11.72 3.08
N HIS A 251 -27.86 10.98 2.91
CA HIS A 251 -27.84 9.89 1.93
C HIS A 251 -28.77 8.75 2.35
N LEU A 252 -28.77 8.44 3.63
CA LEU A 252 -29.57 7.33 4.13
C LEU A 252 -31.03 7.64 3.84
N ILE A 253 -31.36 8.93 3.86
CA ILE A 253 -32.73 9.35 3.60
C ILE A 253 -33.10 8.99 2.16
N SER A 254 -32.18 9.33 1.26
CA SER A 254 -32.41 9.13 -0.16
C SER A 254 -32.49 7.66 -0.49
N HIS A 255 -31.60 6.87 0.12
CA HIS A 255 -31.59 5.45 -0.13
C HIS A 255 -32.88 4.80 0.34
N ALA A 256 -33.44 5.36 1.41
CA ALA A 256 -34.68 4.83 2.02
C ALA A 256 -35.83 5.15 1.12
N LEU A 257 -35.79 6.31 0.49
CA LEU A 257 -36.84 6.69 -0.48
C LEU A 257 -36.81 5.71 -1.63
N ASP A 258 -35.61 5.38 -2.07
CA ASP A 258 -35.43 4.51 -3.21
C ASP A 258 -36.08 3.14 -2.96
N LYS A 259 -36.20 2.74 -1.69
CA LYS A 259 -36.66 1.38 -1.38
C LYS A 259 -38.18 1.28 -1.43
N PHE A 260 -38.89 2.37 -1.31
CA PHE A 260 -40.37 2.29 -1.34
C PHE A 260 -41.02 3.10 -2.45
N LEU A 261 -40.30 4.03 -3.04
CA LEU A 261 -40.84 4.75 -4.20
C LEU A 261 -40.65 3.91 -5.45
N PRO A 262 -41.67 3.91 -6.31
CA PRO A 262 -41.56 3.21 -7.59
C PRO A 262 -40.75 4.04 -8.54
N ASN A 263 -40.97 5.35 -8.44
CA ASN A 263 -40.26 6.31 -9.32
C ASN A 263 -39.49 7.39 -8.57
N PRO A 264 -38.39 7.01 -7.95
CA PRO A 264 -37.59 8.01 -7.27
C PRO A 264 -37.05 9.10 -8.20
N GLN A 265 -36.78 10.27 -7.62
CA GLN A 265 -36.12 11.32 -8.37
C GLN A 265 -34.62 11.06 -8.41
N LEU A 266 -33.89 11.93 -9.10
CA LEU A 266 -32.44 11.82 -9.19
C LEU A 266 -31.84 11.77 -7.80
N HIS A 267 -30.85 10.92 -7.64
CA HIS A 267 -30.13 10.74 -6.37
C HIS A 267 -29.78 12.10 -5.78
N GLY A 268 -29.14 12.91 -6.61
CA GLY A 268 -28.65 14.22 -6.21
C GLY A 268 -29.75 15.13 -5.72
N ILE A 269 -30.90 15.03 -6.37
CA ILE A 269 -32.03 15.90 -6.05
C ILE A 269 -32.57 15.52 -4.68
N GLN A 270 -32.75 14.22 -4.47
CA GLN A 270 -33.24 13.72 -3.19
C GLN A 270 -32.21 14.07 -2.11
N VAL A 271 -30.93 13.91 -2.44
CA VAL A 271 -29.88 14.11 -1.45
C VAL A 271 -29.84 15.58 -1.04
N GLY A 272 -30.05 16.45 -2.02
CA GLY A 272 -29.99 17.87 -1.77
C GLY A 272 -31.05 18.32 -0.77
N VAL A 273 -32.26 17.87 -0.99
CA VAL A 273 -33.37 18.24 -0.13
C VAL A 273 -33.06 17.65 1.25
N ALA A 274 -32.60 16.40 1.26
CA ALA A 274 -32.26 15.74 2.51
C ALA A 274 -31.18 16.52 3.28
N THR A 275 -30.25 17.12 2.53
CA THR A 275 -29.13 17.85 3.13
C THR A 275 -29.66 19.10 3.83
N TYR A 276 -30.56 19.79 3.16
CA TYR A 276 -31.17 20.97 3.73
C TYR A 276 -31.82 20.59 5.06
N ILE A 277 -32.53 19.49 5.04
CA ILE A 277 -33.27 19.05 6.22
C ILE A 277 -32.29 18.74 7.36
N MSE A 278 -31.25 18.02 7.03
CA MSE A 278 -30.30 17.57 8.04
C MSE A 278 -29.54 18.75 8.63
O MSE A 278 -29.13 18.72 9.80
CB MSE A 278 -29.33 16.52 7.47
CG MSE A 278 -29.99 15.18 7.27
SE MSE A 278 -30.91 14.53 8.89
CE MSE A 278 -29.43 14.67 10.15
N SER A 279 -29.35 19.78 7.83
CA SER A 279 -28.64 20.97 8.30
C SER A 279 -29.41 21.55 9.47
N LYS A 280 -30.73 21.53 9.35
CA LYS A 280 -31.60 22.19 10.36
C LYS A 280 -31.61 21.30 11.59
N VAL A 281 -31.53 19.99 11.36
CA VAL A 281 -31.51 19.03 12.45
C VAL A 281 -30.16 19.18 13.18
N HIS A 282 -29.09 19.31 12.40
CA HIS A 282 -27.76 19.44 13.00
C HIS A 282 -27.61 20.81 13.67
N LYS A 283 -28.35 21.79 13.15
CA LYS A 283 -28.16 23.19 13.54
C LYS A 283 -26.72 23.54 13.25
N HIS A 284 -26.31 23.20 12.03
CA HIS A 284 -24.92 23.38 11.58
C HIS A 284 -24.83 23.74 10.10
N ARG A 285 -24.19 24.87 9.83
CA ARG A 285 -23.96 25.39 8.48
C ARG A 285 -25.27 25.63 7.75
N GLU A 286 -26.31 25.92 8.49
CA GLU A 286 -27.64 26.15 7.90
C GLU A 286 -27.64 27.25 6.83
N GLU A 287 -27.03 28.38 7.13
CA GLU A 287 -27.08 29.53 6.24
C GLU A 287 -26.35 29.27 4.94
N ARG A 288 -25.23 28.58 5.02
CA ARG A 288 -24.44 28.27 3.82
C ARG A 288 -25.22 27.40 2.88
N ILE A 289 -25.80 26.37 3.46
CA ILE A 289 -26.57 25.37 2.69
C ILE A 289 -27.80 25.98 2.08
N LYS A 290 -28.48 26.83 2.85
CA LYS A 290 -29.68 27.54 2.35
C LYS A 290 -29.28 28.45 1.20
N LYS A 291 -28.16 29.14 1.38
CA LYS A 291 -27.70 30.13 0.39
C LYS A 291 -27.34 29.49 -0.94
N ILE A 292 -26.59 28.40 -0.88
CA ILE A 292 -26.12 27.76 -2.10
C ILE A 292 -27.29 27.11 -2.88
N LEU A 293 -28.18 26.49 -2.15
CA LEU A 293 -29.31 25.78 -2.78
C LEU A 293 -30.34 26.79 -3.34
N SER A 294 -30.33 27.99 -2.78
CA SER A 294 -31.25 29.03 -3.25
C SER A 294 -30.65 29.72 -4.46
N ASP A 295 -29.46 30.25 -4.24
CA ASP A 295 -28.74 31.04 -5.24
C ASP A 295 -28.58 30.29 -6.56
N THR A 296 -28.42 28.98 -6.51
CA THR A 296 -28.19 28.19 -7.72
C THR A 296 -29.49 27.88 -8.43
N GLY A 297 -30.61 28.11 -7.74
CA GLY A 297 -31.93 27.76 -8.28
C GLY A 297 -32.34 26.32 -8.00
N PHE A 298 -31.57 25.66 -7.16
CA PHE A 298 -31.87 24.27 -6.81
C PHE A 298 -33.30 24.13 -6.24
N PHE A 299 -33.63 24.98 -5.29
CA PHE A 299 -34.94 24.91 -4.66
C PHE A 299 -36.06 25.17 -5.66
N ASN A 300 -35.88 26.22 -6.46
CA ASN A 300 -36.90 26.56 -7.44
CA ASN A 300 -36.88 26.57 -7.46
C ASN A 300 -37.13 25.37 -8.37
N TYR A 301 -36.04 24.72 -8.80
CA TYR A 301 -36.13 23.57 -9.70
C TYR A 301 -36.88 22.41 -9.04
N VAL A 302 -36.57 22.20 -7.77
CA VAL A 302 -37.13 21.06 -7.06
C VAL A 302 -38.65 21.21 -6.88
N LYS A 303 -39.11 22.46 -6.80
CA LYS A 303 -40.54 22.72 -6.58
C LYS A 303 -41.38 22.08 -7.67
N GLY A 304 -40.85 22.08 -8.89
CA GLY A 304 -41.56 21.54 -10.05
C GLY A 304 -41.76 20.03 -10.06
N LEU A 305 -41.08 19.34 -9.15
CA LEU A 305 -41.05 17.86 -9.18
C LEU A 305 -42.13 17.26 -8.29
N ASN A 306 -42.69 18.09 -7.42
CA ASN A 306 -43.78 17.67 -6.55
C ASN A 306 -43.45 16.46 -5.68
N MSE A 307 -42.29 16.49 -5.06
CA MSE A 307 -41.97 15.45 -4.09
C MSE A 307 -42.83 15.67 -2.85
O MSE A 307 -43.12 16.81 -2.47
CB MSE A 307 -40.47 15.46 -3.77
CG MSE A 307 -39.62 14.90 -4.89
SE MSE A 307 -37.77 15.03 -4.41
CE MSE A 307 -37.59 16.95 -4.62
N LYS A 308 -43.24 14.55 -2.25
CA LYS A 308 -44.21 14.55 -1.14
C LYS A 308 -43.51 14.67 0.22
N LYS A 309 -44.09 15.50 1.06
CA LYS A 309 -43.65 15.62 2.46
C LYS A 309 -43.74 14.26 3.15
N SER A 310 -44.79 13.52 2.82
CA SER A 310 -45.07 12.26 3.50
C SER A 310 -44.02 11.21 3.18
N ASP A 311 -43.49 11.26 1.98
CA ASP A 311 -42.45 10.33 1.55
C ASP A 311 -41.16 10.62 2.34
N PHE A 312 -40.84 11.90 2.48
CA PHE A 312 -39.65 12.27 3.23
C PHE A 312 -39.77 11.86 4.69
N LYS A 313 -40.96 12.02 5.25
CA LYS A 313 -41.17 11.68 6.66
C LYS A 313 -40.91 10.18 6.86
N ARG A 314 -41.38 9.37 5.93
CA ARG A 314 -41.19 7.93 6.03
C ARG A 314 -39.71 7.56 5.83
N ALA A 315 -39.08 8.23 4.87
CA ALA A 315 -37.66 7.97 4.60
C ALA A 315 -36.84 8.31 5.84
N ILE A 316 -37.22 9.37 6.51
CA ILE A 316 -36.50 9.80 7.72
C ILE A 316 -36.59 8.69 8.76
N SER A 317 -37.76 8.10 8.90
CA SER A 317 -37.98 7.07 9.92
C SER A 317 -37.21 5.79 9.61
N GLU A 318 -37.02 5.54 8.33
CA GLU A 318 -36.43 4.28 7.87
C GLU A 318 -34.96 4.43 7.47
N ALA A 319 -34.44 5.64 7.62
CA ALA A 319 -33.08 5.94 7.19
C ALA A 319 -32.09 5.01 7.87
N HIS A 320 -32.31 4.79 9.15
CA HIS A 320 -31.38 4.04 9.97
C HIS A 320 -31.30 2.60 9.54
N LEU A 321 -32.32 2.12 8.85
CA LEU A 321 -32.37 0.71 8.47
C LEU A 321 -31.40 0.42 7.33
N ILE A 322 -31.03 1.45 6.58
CA ILE A 322 -30.11 1.27 5.45
C ILE A 322 -28.72 0.85 5.95
N LYS A 323 -28.30 1.44 7.06
CA LYS A 323 -26.98 1.14 7.67
C LYS A 323 -27.14 1.12 9.19
N PRO A 324 -27.67 0.03 9.71
CA PRO A 324 -28.05 -0.02 11.13
C PRO A 324 -26.87 -0.02 12.12
N ALA A 325 -25.67 -0.29 11.62
CA ALA A 325 -24.49 -0.34 12.51
C ALA A 325 -23.86 1.04 12.58
N ARG A 326 -24.27 1.95 11.72
CA ARG A 326 -23.74 3.28 11.83
C ARG A 326 -24.42 4.00 12.95
N TYR A 327 -24.00 5.23 13.16
CA TYR A 327 -24.61 6.06 14.19
C TYR A 327 -24.64 7.52 13.80
N THR A 328 -25.51 7.82 12.86
CA THR A 328 -25.70 9.20 12.40
C THR A 328 -26.75 9.80 13.32
N TYR A 329 -27.09 11.06 13.07
CA TYR A 329 -28.13 11.73 13.87
C TYR A 329 -29.44 10.95 13.81
N LEU A 330 -29.72 10.35 12.66
CA LEU A 330 -31.02 9.71 12.38
C LEU A 330 -31.08 8.30 12.92
N HIS A 331 -30.07 7.96 13.72
CA HIS A 331 -30.06 6.69 14.45
C HIS A 331 -30.55 6.94 15.85
N VAL A 332 -30.97 8.18 16.09
CA VAL A 332 -31.53 8.61 17.36
C VAL A 332 -32.94 9.10 17.13
N GLU A 333 -33.87 8.47 17.83
CA GLU A 333 -35.31 8.73 17.66
C GLU A 333 -35.66 10.24 17.75
N LYS A 334 -35.12 10.90 18.75
CA LYS A 334 -35.44 12.31 18.95
C LYS A 334 -35.13 13.11 17.68
N ASN A 335 -33.96 12.86 17.10
CA ASN A 335 -33.53 13.60 15.93
C ASN A 335 -34.42 13.33 14.72
N CYS A 336 -35.05 12.15 14.72
CA CYS A 336 -36.00 11.79 13.65
C CYS A 336 -37.26 12.60 13.80
N GLU A 337 -37.67 12.79 15.05
CA GLU A 337 -38.91 13.54 15.34
C GLU A 337 -38.68 14.98 14.90
N THR A 338 -37.50 15.50 15.23
CA THR A 338 -37.13 16.85 14.88
C THR A 338 -37.12 16.99 13.38
N ALA A 339 -36.59 15.97 12.71
CA ALA A 339 -36.48 16.00 11.25
C ALA A 339 -37.86 16.07 10.62
N LYS A 340 -38.77 15.30 11.18
CA LYS A 340 -40.16 15.25 10.69
C LYS A 340 -40.89 16.56 10.98
N GLU A 341 -40.62 17.18 12.12
CA GLU A 341 -41.27 18.44 12.51
C GLU A 341 -40.78 19.55 11.59
N ILE A 342 -39.58 19.35 11.06
CA ILE A 342 -38.95 20.31 10.15
C ILE A 342 -39.66 20.27 8.81
N VAL A 343 -39.92 19.04 8.35
CA VAL A 343 -40.58 18.83 7.07
C VAL A 343 -42.02 19.38 7.11
N ASP A 344 -42.62 19.42 8.29
CA ASP A 344 -44.02 19.85 8.37
C ASP A 344 -44.11 21.35 8.53
N THR A 345 -43.01 21.95 8.98
CA THR A 345 -42.99 23.36 9.42
C THR A 345 -42.25 24.29 8.50
N ASP A 346 -40.99 23.96 8.27
CA ASP A 346 -40.11 24.82 7.48
C ASP A 346 -40.79 25.46 6.30
N GLU A 347 -40.45 26.73 6.09
CA GLU A 347 -41.07 27.55 5.06
C GLU A 347 -40.67 27.07 3.68
N ILE A 348 -39.38 26.88 3.47
CA ILE A 348 -38.88 26.45 2.15
C ILE A 348 -39.51 25.10 1.78
N LEU A 349 -39.52 24.17 2.73
CA LEU A 349 -40.05 22.82 2.46
C LEU A 349 -41.52 22.86 2.18
N ARG A 350 -42.22 23.77 2.84
CA ARG A 350 -43.69 23.92 2.66
C ARG A 350 -43.96 24.37 1.22
N ASN A 351 -43.02 25.13 0.66
CA ASN A 351 -43.18 25.63 -0.71
CA ASN A 351 -43.14 25.66 -0.70
C ASN A 351 -42.78 24.59 -1.75
N ILE A 352 -41.65 23.93 -1.55
CA ILE A 352 -41.10 22.98 -2.53
C ILE A 352 -41.50 21.51 -2.34
N LEU A 353 -42.46 21.22 -1.50
CA LEU A 353 -42.88 19.85 -1.33
C LEU A 353 -44.39 19.83 -1.15
N VAL A 354 -45.00 18.73 -1.55
CA VAL A 354 -46.44 18.57 -1.49
C VAL A 354 -46.90 17.86 -0.19
N SER B 6 8.11 2.67 -7.93
CA SER B 6 8.11 1.56 -6.95
C SER B 6 8.14 2.16 -5.53
N HIS B 7 7.09 2.92 -5.22
CA HIS B 7 7.11 3.88 -4.08
C HIS B 7 5.87 3.85 -3.18
N ARG B 8 6.11 4.03 -1.88
CA ARG B 8 5.07 3.90 -0.84
C ARG B 8 4.63 5.21 -0.20
N ILE B 9 3.32 5.36 -0.04
CA ILE B 9 2.69 6.61 0.42
C ILE B 9 2.22 6.52 1.86
N ALA B 10 2.68 7.47 2.66
CA ALA B 10 2.31 7.54 4.08
C ALA B 10 1.58 8.83 4.36
N ILE B 11 0.26 8.83 4.17
CA ILE B 11 -0.53 10.01 4.49
C ILE B 11 -0.57 10.13 6.00
N PRO B 12 -0.39 11.34 6.54
CA PRO B 12 -0.46 11.52 7.97
C PRO B 12 -1.78 11.09 8.58
N LEU B 13 -1.67 10.41 9.71
CA LEU B 13 -2.77 9.91 10.47
C LEU B 13 -3.56 11.04 11.11
N ILE B 14 -2.83 12.05 11.58
CA ILE B 14 -3.43 13.15 12.32
C ILE B 14 -3.20 14.44 11.58
N LEU B 15 -4.31 15.11 11.31
CA LEU B 15 -4.30 16.43 10.71
C LEU B 15 -5.31 17.31 11.44
N GLU B 16 -4.77 18.34 12.10
CA GLU B 16 -5.56 19.32 12.87
C GLU B 16 -5.06 20.74 12.70
N VAL B 17 -5.89 21.54 12.03
CA VAL B 17 -5.60 22.93 11.82
C VAL B 17 -6.77 23.75 12.28
N GLY B 18 -6.54 24.53 13.30
CA GLY B 18 -7.58 25.38 13.87
C GLY B 18 -7.27 25.98 15.22
N ASN B 19 -8.34 26.19 15.97
CA ASN B 19 -8.28 26.83 17.27
C ASN B 19 -8.26 25.82 18.38
N ASN B 20 -7.64 26.24 19.49
CA ASN B 20 -7.56 25.44 20.73
C ASN B 20 -6.95 24.07 20.53
N LYS B 21 -5.87 24.02 19.76
CA LYS B 21 -5.24 22.74 19.46
C LYS B 21 -4.18 22.40 20.50
N ILE B 22 -3.39 23.38 20.88
CA ILE B 22 -2.27 23.14 21.79
C ILE B 22 -2.70 22.48 23.09
N TYR B 23 -3.74 23.08 23.66
CA TYR B 23 -4.33 22.66 24.92
C TYR B 23 -4.85 21.23 24.87
N ASN B 24 -5.19 20.79 23.67
CA ASN B 24 -5.84 19.49 23.49
C ASN B 24 -4.95 18.49 22.78
N ILE B 25 -3.65 18.82 22.76
CA ILE B 25 -2.66 18.03 22.00
C ILE B 25 -2.70 16.57 22.45
N GLY B 26 -2.92 16.39 23.73
CA GLY B 26 -3.04 15.05 24.34
C GLY B 26 -4.10 14.17 23.70
N GLN B 27 -5.32 14.69 23.59
CA GLN B 27 -6.46 13.94 23.01
C GLN B 27 -6.22 13.79 21.52
N ILE B 28 -5.61 14.81 20.93
CA ILE B 28 -5.40 14.80 19.49
C ILE B 28 -4.47 13.65 19.13
N ILE B 29 -3.39 13.47 19.88
CA ILE B 29 -2.38 12.46 19.50
C ILE B 29 -2.70 11.05 20.03
N LYS B 30 -3.75 10.96 20.83
CA LYS B 30 -4.13 9.68 21.44
C LYS B 30 -4.42 8.69 20.33
N LYS B 31 -4.86 9.21 19.20
CA LYS B 31 -5.22 8.39 18.05
C LYS B 31 -4.01 7.55 17.61
N GLY B 32 -2.81 8.05 17.88
CA GLY B 32 -1.58 7.36 17.46
C GLY B 32 -1.25 6.20 18.38
N ASN B 33 -1.91 6.15 19.51
CA ASN B 33 -1.67 5.08 20.47
C ASN B 33 -0.24 5.02 21.01
N PHE B 34 0.38 6.18 21.11
CA PHE B 34 1.74 6.27 21.64
C PHE B 34 1.71 6.05 23.15
N LYS B 35 2.66 5.30 23.68
CA LYS B 35 2.73 5.05 25.12
C LYS B 35 3.75 5.97 25.78
N ARG B 36 4.76 6.36 25.01
CA ARG B 36 5.90 7.11 25.55
C ARG B 36 6.62 8.02 24.56
N VAL B 37 6.54 9.31 24.81
CA VAL B 37 7.02 10.29 23.87
C VAL B 37 8.09 11.19 24.44
N SER B 38 8.85 11.78 23.54
CA SER B 38 9.79 12.85 23.86
C SER B 38 9.39 14.13 23.16
N LEU B 39 9.42 15.22 23.91
CA LEU B 39 9.08 16.54 23.38
C LEU B 39 10.34 17.34 23.13
N TYR B 40 10.44 17.86 21.92
CA TYR B 40 11.51 18.75 21.53
C TYR B 40 10.93 20.11 21.19
N PHE B 41 11.38 21.10 21.94
CA PHE B 41 10.96 22.49 21.78
C PHE B 41 12.06 23.35 21.20
N GLY B 42 11.69 24.20 20.27
CA GLY B 42 12.56 25.29 19.87
C GLY B 42 12.82 26.26 21.01
N GLU B 43 13.88 27.03 20.89
CA GLU B 43 14.24 28.02 21.92
C GLU B 43 13.13 29.02 22.17
N GLY B 44 12.83 29.18 23.45
CA GLY B 44 11.84 30.11 23.93
C GLY B 44 10.42 29.59 23.82
N ILE B 45 10.27 28.44 23.18
CA ILE B 45 8.94 27.91 22.94
C ILE B 45 8.32 27.27 24.18
N TYR B 46 9.13 26.58 24.99
CA TYR B 46 8.61 25.94 26.19
C TYR B 46 8.02 27.03 27.09
N GLU B 47 8.74 28.12 27.21
CA GLU B 47 8.32 29.22 28.12
C GLU B 47 6.90 29.68 27.76
N LEU B 48 6.55 29.53 26.50
CA LEU B 48 5.24 29.98 26.00
C LEU B 48 4.12 28.95 26.11
N PHE B 49 4.40 27.69 25.75
CA PHE B 49 3.37 26.66 25.66
C PHE B 49 3.69 25.34 26.32
N GLY B 50 4.87 25.26 26.93
CA GLY B 50 5.39 24.02 27.47
C GLY B 50 4.53 23.33 28.49
N GLU B 51 4.16 24.05 29.54
CA GLU B 51 3.44 23.46 30.66
C GLU B 51 2.13 22.89 30.19
N THR B 52 1.42 23.69 29.43
CA THR B 52 0.12 23.29 28.87
C THR B 52 0.26 22.00 28.06
N ILE B 53 1.28 21.97 27.21
CA ILE B 53 1.48 20.81 26.37
C ILE B 53 1.75 19.57 27.20
N GLU B 54 2.60 19.72 28.23
CA GLU B 54 2.94 18.59 29.10
C GLU B 54 1.75 18.09 29.87
N LYS B 55 0.99 19.03 30.42
CA LYS B 55 -0.20 18.69 31.21
C LYS B 55 -1.12 17.88 30.34
N SER B 56 -1.36 18.40 29.14
CA SER B 56 -2.33 17.83 28.22
C SER B 56 -1.95 16.40 27.90
N ILE B 57 -0.65 16.19 27.67
CA ILE B 57 -0.16 14.89 27.25
C ILE B 57 -0.23 13.92 28.40
N LYS B 58 0.18 14.39 29.56
CA LYS B 58 0.18 13.53 30.75
C LYS B 58 -1.24 13.15 31.15
N SER B 59 -2.18 14.06 30.93
CA SER B 59 -3.57 13.77 31.31
C SER B 59 -4.24 12.84 30.33
N SER B 60 -3.59 12.58 29.19
CA SER B 60 -4.17 11.65 28.21
C SER B 60 -3.49 10.31 28.40
N ASN B 61 -2.84 10.17 29.55
CA ASN B 61 -2.21 8.90 29.92
C ASN B 61 -1.02 8.51 29.06
N ILE B 62 -0.31 9.50 28.56
CA ILE B 62 0.89 9.29 27.77
C ILE B 62 2.10 9.70 28.60
N GLU B 63 3.07 8.80 28.72
CA GLU B 63 4.29 9.12 29.46
CA GLU B 63 4.29 9.11 29.46
C GLU B 63 5.19 9.98 28.62
N ILE B 64 5.88 10.87 29.29
CA ILE B 64 6.85 11.74 28.66
C ILE B 64 8.24 11.33 29.15
N GLU B 65 9.05 10.82 28.24
CA GLU B 65 10.39 10.38 28.57
C GLU B 65 11.35 11.54 28.77
N ALA B 66 11.17 12.57 27.96
CA ALA B 66 12.09 13.70 27.95
C ALA B 66 11.50 14.95 27.34
N VAL B 67 11.98 16.07 27.83
CA VAL B 67 11.66 17.37 27.31
C VAL B 67 12.98 18.05 27.04
N GLU B 68 13.19 18.40 25.79
CA GLU B 68 14.47 18.96 25.37
C GLU B 68 14.27 20.20 24.54
N THR B 69 15.38 20.90 24.36
CA THR B 69 15.45 22.07 23.50
C THR B 69 16.30 21.82 22.29
N VAL B 70 15.78 22.26 21.16
CA VAL B 70 16.49 22.19 19.89
C VAL B 70 17.22 23.49 19.67
N LYS B 71 18.52 23.40 19.50
CA LYS B 71 19.39 24.58 19.36
C LYS B 71 19.98 24.82 17.95
N ASN B 72 19.83 23.89 17.00
CA ASN B 72 20.37 24.09 15.63
C ASN B 72 19.89 23.06 14.60
N ILE B 73 20.31 23.25 13.37
CA ILE B 73 19.97 22.32 12.27
C ILE B 73 21.22 21.69 11.67
N ASP B 74 22.28 21.68 12.46
CA ASP B 74 23.56 21.08 12.03
C ASP B 74 23.44 19.55 11.94
N PHE B 75 23.76 19.01 10.77
CA PHE B 75 23.57 17.59 10.51
C PHE B 75 24.26 16.71 11.55
N ASP B 76 25.48 17.06 11.92
CA ASP B 76 26.28 16.24 12.86
C ASP B 76 25.65 16.20 14.25
N GLU B 77 25.22 17.36 14.73
CA GLU B 77 24.62 17.44 16.07
C GLU B 77 23.30 16.65 16.04
N ILE B 78 22.57 16.76 14.93
CA ILE B 78 21.28 16.10 14.82
C ILE B 78 21.45 14.58 14.90
N GLY B 79 22.46 14.06 14.20
CA GLY B 79 22.73 12.63 14.22
C GLY B 79 23.15 12.20 15.61
N THR B 80 23.98 13.01 16.24
CA THR B 80 24.41 12.66 17.59
C THR B 80 23.17 12.60 18.47
N ASN B 81 22.35 13.63 18.40
CA ASN B 81 21.18 13.68 19.28
C ASN B 81 20.18 12.59 18.96
N ALA B 82 20.11 12.22 17.70
CA ALA B 82 19.14 11.20 17.27
C ALA B 82 19.45 9.88 17.98
N PHE B 83 20.72 9.56 18.05
CA PHE B 83 21.14 8.29 18.62
C PHE B 83 21.28 8.35 20.13
N LYS B 84 20.92 9.50 20.71
CA LYS B 84 20.85 9.64 22.16
C LYS B 84 19.41 9.40 22.62
N ILE B 85 18.49 9.38 21.69
CA ILE B 85 17.10 9.15 22.07
C ILE B 85 16.95 7.74 22.68
N PRO B 86 16.37 7.64 23.87
CA PRO B 86 16.25 6.31 24.46
C PRO B 86 15.41 5.35 23.67
N ALA B 87 15.78 4.09 23.71
CA ALA B 87 15.12 3.04 22.92
C ALA B 87 13.64 2.84 23.28
N GLU B 88 13.22 3.29 24.45
CA GLU B 88 11.82 3.04 24.84
C GLU B 88 10.87 4.10 24.32
N VAL B 89 11.42 5.13 23.69
CA VAL B 89 10.61 6.20 23.14
C VAL B 89 9.87 5.76 21.89
N ASP B 90 8.56 6.01 21.89
CA ASP B 90 7.59 5.60 20.84
C ASP B 90 7.36 6.64 19.76
N ALA B 91 7.64 7.89 20.10
CA ALA B 91 7.29 9.01 19.23
C ALA B 91 7.97 10.29 19.65
N LEU B 92 8.24 11.10 18.65
CA LEU B 92 8.84 12.40 18.82
C LEU B 92 7.81 13.49 18.52
N ILE B 93 7.75 14.47 19.41
CA ILE B 93 6.91 15.64 19.15
C ILE B 93 7.79 16.87 19.03
N GLY B 94 7.67 17.57 17.93
CA GLY B 94 8.42 18.79 17.68
C GLY B 94 7.53 20.01 17.80
N ILE B 95 7.92 20.93 18.68
CA ILE B 95 7.17 22.16 18.88
C ILE B 95 8.08 23.36 18.69
N GLY B 96 7.79 24.12 17.65
CA GLY B 96 8.51 25.36 17.38
C GLY B 96 8.47 25.82 15.95
N GLY B 97 9.46 26.62 15.60
CA GLY B 97 9.63 27.12 14.24
C GLY B 97 10.11 26.06 13.26
N GLY B 98 10.28 26.50 12.02
CA GLY B 98 10.65 25.65 10.91
C GLY B 98 11.93 24.87 11.08
N LYS B 99 12.93 25.53 11.64
CA LYS B 99 14.24 24.91 11.88
C LYS B 99 14.12 23.84 12.93
N ALA B 100 13.43 24.15 14.01
CA ALA B 100 13.20 23.18 15.10
C ALA B 100 12.47 21.95 14.54
N ILE B 101 11.43 22.20 13.76
CA ILE B 101 10.57 21.12 13.25
C ILE B 101 11.43 20.19 12.38
N ASP B 102 12.20 20.81 11.50
CA ASP B 102 13.00 20.04 10.56
C ASP B 102 14.03 19.20 11.29
N ALA B 103 14.53 19.71 12.40
CA ALA B 103 15.59 18.98 13.13
C ALA B 103 14.97 17.72 13.73
N VAL B 104 13.81 17.89 14.35
CA VAL B 104 13.19 16.79 15.09
C VAL B 104 12.69 15.77 14.09
N LYS B 105 12.17 16.28 12.99
CA LYS B 105 11.67 15.44 11.91
C LYS B 105 12.82 14.55 11.44
N TYR B 106 14.02 15.12 11.36
CA TYR B 106 15.14 14.34 10.81
C TYR B 106 15.56 13.25 11.79
N MSE B 107 15.45 13.56 13.08
CA MSE B 107 15.81 12.59 14.11
C MSE B 107 14.84 11.42 14.04
O MSE B 107 15.20 10.26 14.21
CB MSE B 107 15.78 13.20 15.51
CG MSE B 107 16.85 14.21 15.76
SE MSE B 107 16.97 14.73 17.61
CE MSE B 107 15.19 15.41 17.83
N ALA B 108 13.59 11.75 13.78
CA ALA B 108 12.55 10.72 13.73
C ALA B 108 12.83 9.85 12.50
N PHE B 109 13.32 10.49 11.46
CA PHE B 109 13.69 9.78 10.26
C PHE B 109 14.81 8.78 10.59
N LEU B 110 15.86 9.26 11.25
CA LEU B 110 17.02 8.44 11.54
C LEU B 110 16.68 7.26 12.48
N ARG B 111 15.70 7.46 13.36
CA ARG B 111 15.37 6.42 14.33
C ARG B 111 14.13 5.66 13.91
N LYS B 112 13.59 6.02 12.76
CA LYS B 112 12.37 5.37 12.28
C LYS B 112 11.28 5.44 13.35
N LEU B 113 11.04 6.64 13.86
CA LEU B 113 10.02 6.88 14.88
C LEU B 113 8.90 7.79 14.35
N PRO B 114 7.68 7.56 14.81
CA PRO B 114 6.62 8.47 14.46
C PRO B 114 6.97 9.87 14.90
N PHE B 115 6.51 10.83 14.12
CA PHE B 115 6.79 12.24 14.37
C PHE B 115 5.52 13.06 14.33
N ILE B 116 5.31 13.85 15.37
CA ILE B 116 4.19 14.79 15.42
C ILE B 116 4.71 16.22 15.29
N SER B 117 4.29 16.90 14.23
CA SER B 117 4.72 18.26 13.90
C SER B 117 3.75 19.27 14.48
N VAL B 118 4.26 20.12 15.36
CA VAL B 118 3.48 21.17 16.04
C VAL B 118 4.15 22.53 15.82
N PRO B 119 3.96 23.12 14.64
CA PRO B 119 4.64 24.36 14.30
C PRO B 119 4.02 25.58 14.97
N THR B 120 4.88 26.50 15.39
CA THR B 120 4.42 27.73 16.02
C THR B 120 4.53 28.85 15.01
N SER B 121 4.98 28.50 13.82
CA SER B 121 5.00 29.41 12.69
C SER B 121 4.93 28.62 11.44
N THR B 122 4.63 29.31 10.35
CA THR B 122 4.58 28.70 9.05
C THR B 122 5.39 29.42 8.02
N SER B 123 6.70 29.36 8.15
CA SER B 123 7.58 30.03 7.22
C SER B 123 7.71 29.24 5.94
N ASN B 124 7.26 27.99 5.96
CA ASN B 124 7.33 27.13 4.78
C ASN B 124 6.64 25.78 5.03
N ASP B 125 6.61 24.92 4.03
CA ASP B 125 5.85 23.66 4.10
C ASP B 125 6.66 22.53 4.68
N GLY B 126 7.80 22.88 5.29
CA GLY B 126 8.63 21.87 5.93
C GLY B 126 7.85 21.09 6.99
N PHE B 127 6.90 21.76 7.63
CA PHE B 127 6.22 21.17 8.79
C PHE B 127 5.29 20.04 8.36
N SER B 128 5.05 19.94 7.06
CA SER B 128 4.12 18.90 6.56
C SER B 128 4.69 17.92 5.56
N SER B 129 5.93 18.16 5.16
CA SER B 129 6.53 17.45 4.04
C SER B 129 7.54 16.38 4.42
N PRO B 130 7.96 15.60 3.43
CA PRO B 130 8.99 14.59 3.54
C PRO B 130 10.42 15.11 3.39
N VAL B 131 10.61 16.43 3.28
CA VAL B 131 11.99 16.94 3.20
C VAL B 131 12.31 17.85 4.34
N ALA B 132 13.56 17.78 4.73
CA ALA B 132 14.12 18.57 5.80
C ALA B 132 15.18 19.51 5.26
N SER B 133 15.17 20.72 5.79
CA SER B 133 16.20 21.70 5.47
C SER B 133 17.19 21.74 6.64
N LEU B 134 18.43 21.35 6.36
CA LEU B 134 19.46 21.30 7.38
C LEU B 134 20.73 21.97 6.90
N LEU B 135 21.67 22.13 7.82
CA LEU B 135 23.02 22.62 7.51
C LEU B 135 23.92 21.43 7.25
N ILE B 136 24.47 21.41 6.04
CA ILE B 136 25.42 20.39 5.62
C ILE B 136 26.68 21.05 5.13
N ASN B 137 27.70 21.03 5.99
CA ASN B 137 28.98 21.64 5.68
C ASN B 137 28.80 23.14 5.59
N GLY B 138 27.99 23.64 6.52
CA GLY B 138 27.80 25.07 6.68
C GLY B 138 26.78 25.62 5.70
N LYS B 139 26.31 24.76 4.80
CA LYS B 139 25.36 25.19 3.76
C LYS B 139 23.94 24.67 3.98
N ARG B 140 22.96 25.57 3.93
CA ARG B 140 21.57 25.15 3.98
C ARG B 140 21.24 24.29 2.77
N THR B 141 20.69 23.12 3.05
CA THR B 141 20.50 22.07 2.04
C THR B 141 19.21 21.28 2.32
N SER B 142 18.48 20.97 1.26
CA SER B 142 17.25 20.21 1.39
C SER B 142 17.59 18.73 1.24
N VAL B 143 17.19 17.95 2.23
CA VAL B 143 17.49 16.51 2.25
C VAL B 143 16.24 15.66 2.54
N PRO B 144 16.25 14.42 2.05
CA PRO B 144 15.12 13.50 2.26
C PRO B 144 14.99 13.12 3.70
N ALA B 145 13.74 13.13 4.16
CA ALA B 145 13.41 12.77 5.52
C ALA B 145 12.17 11.90 5.50
N LYS B 146 11.22 12.18 6.38
CA LYS B 146 9.95 11.49 6.29
C LYS B 146 8.81 12.42 6.67
N THR B 147 7.69 12.24 6.00
CA THR B 147 6.51 13.06 6.23
C THR B 147 6.04 12.81 7.67
N PRO B 148 5.61 13.85 8.37
CA PRO B 148 5.09 13.64 9.70
C PRO B 148 3.91 12.69 9.73
N ASP B 149 3.74 12.05 10.87
CA ASP B 149 2.62 11.15 11.11
C ASP B 149 1.43 11.95 11.61
N GLY B 150 1.74 13.13 12.09
CA GLY B 150 0.73 14.04 12.60
C GLY B 150 1.15 15.47 12.42
N ILE B 151 0.17 16.29 12.11
CA ILE B 151 0.36 17.72 11.99
C ILE B 151 -0.70 18.40 12.83
N VAL B 152 -0.25 19.23 13.75
CA VAL B 152 -1.16 19.99 14.62
C VAL B 152 -0.81 21.49 14.61
N VAL B 153 -1.64 22.28 13.91
CA VAL B 153 -1.39 23.69 13.79
C VAL B 153 -2.47 24.50 14.50
N ASP B 154 -2.04 25.23 15.50
CA ASP B 154 -2.93 26.11 16.23
C ASP B 154 -2.87 27.54 15.67
N ILE B 155 -3.98 27.93 15.07
CA ILE B 155 -4.06 29.21 14.36
C ILE B 155 -3.88 30.40 15.32
N ASP B 156 -4.22 30.21 16.59
CA ASP B 156 -4.01 31.27 17.58
C ASP B 156 -2.51 31.51 17.73
N VAL B 157 -1.75 30.43 17.80
CA VAL B 157 -0.32 30.55 17.96
C VAL B 157 0.22 31.20 16.70
N ILE B 158 -0.30 30.83 15.54
CA ILE B 158 0.22 31.35 14.28
C ILE B 158 -0.07 32.85 14.16
N LYS B 159 -1.23 33.26 14.67
CA LYS B 159 -1.65 34.67 14.67
C LYS B 159 -0.58 35.56 15.32
N GLY B 160 0.07 34.98 16.31
CA GLY B 160 1.03 35.69 17.13
C GLY B 160 2.46 35.59 16.66
N SER B 161 2.71 34.92 15.55
CA SER B 161 4.06 34.80 15.03
C SER B 161 4.46 36.11 14.35
N PRO B 162 5.78 36.32 14.20
CA PRO B 162 6.27 37.49 13.49
C PRO B 162 5.94 37.43 12.01
N GLU B 163 5.63 38.59 11.46
CA GLU B 163 5.14 38.67 10.10
C GLU B 163 6.11 38.07 9.11
N LYS B 164 7.40 38.11 9.42
CA LYS B 164 8.38 37.62 8.47
C LYS B 164 8.09 36.16 8.09
N PHE B 165 7.59 35.39 9.05
CA PHE B 165 7.34 33.98 8.78
C PHE B 165 6.08 33.83 7.92
N ILE B 166 5.15 34.75 8.06
CA ILE B 166 3.93 34.68 7.27
C ILE B 166 4.25 35.00 5.80
N TYR B 167 5.08 36.02 5.60
CA TYR B 167 5.48 36.40 4.26
C TYR B 167 6.23 35.25 3.66
N SER B 168 7.03 34.59 4.48
CA SER B 168 7.85 33.49 3.99
C SER B 168 6.89 32.39 3.50
N GLY B 169 5.83 32.21 4.28
CA GLY B 169 4.86 31.16 4.01
C GLY B 169 4.10 31.47 2.73
N ILE B 170 3.77 32.73 2.53
CA ILE B 170 3.07 33.14 1.31
C ILE B 170 3.93 32.83 0.09
N GLY B 171 5.22 33.01 0.26
CA GLY B 171 6.16 32.81 -0.83
C GLY B 171 6.32 31.35 -1.19
N ASP B 172 6.31 30.47 -0.19
CA ASP B 172 6.56 29.05 -0.44
C ASP B 172 5.26 28.47 -1.04
N LEU B 173 4.15 29.11 -0.74
CA LEU B 173 2.84 28.61 -1.19
C LEU B 173 2.57 28.94 -2.67
N VAL B 174 2.84 30.19 -3.01
CA VAL B 174 2.61 30.66 -4.36
C VAL B 174 3.50 29.91 -5.35
N SER B 175 4.60 29.39 -4.87
CA SER B 175 5.52 28.64 -5.74
C SER B 175 4.85 27.44 -6.44
N ASN B 176 3.76 26.93 -5.88
CA ASN B 176 3.09 25.74 -6.47
C ASN B 176 2.71 26.03 -7.93
N ILE B 177 2.36 27.28 -8.19
CA ILE B 177 1.88 27.65 -9.50
C ILE B 177 2.97 27.45 -10.57
N THR B 178 4.18 27.89 -10.26
CA THR B 178 5.29 27.75 -11.18
C THR B 178 5.86 26.34 -11.16
N ALA B 179 5.80 25.70 -10.01
CA ALA B 179 6.34 24.34 -9.89
C ALA B 179 5.53 23.42 -10.79
N LEU B 180 4.20 23.57 -10.74
CA LEU B 180 3.32 22.69 -11.52
C LEU B 180 3.55 22.91 -13.02
N TYR B 181 3.82 24.15 -13.40
CA TYR B 181 4.04 24.46 -14.80
C TYR B 181 5.34 23.81 -15.27
N ASP B 182 6.39 23.94 -14.49
CA ASP B 182 7.68 23.30 -14.80
C ASP B 182 7.52 21.78 -14.90
N TRP B 183 6.69 21.24 -14.00
CA TRP B 183 6.48 19.80 -13.95
C TRP B 183 5.86 19.35 -15.27
N LYS B 184 4.88 20.12 -15.75
CA LYS B 184 4.19 19.77 -17.00
C LYS B 184 5.20 19.86 -18.16
N PHE B 185 6.05 20.86 -18.10
CA PHE B 185 7.05 21.10 -19.14
C PHE B 185 8.02 19.92 -19.20
N GLU B 186 8.33 19.44 -18.02
CA GLU B 186 9.27 18.34 -17.85
C GLU B 186 8.70 17.07 -18.48
N GLU B 187 7.42 16.85 -18.24
CA GLU B 187 6.73 15.68 -18.75
C GLU B 187 6.66 15.72 -20.28
N GLU B 188 6.39 16.91 -20.82
CA GLU B 188 6.28 17.08 -22.26
C GLU B 188 7.60 16.70 -22.92
N ASN B 189 8.66 16.83 -22.14
CA ASN B 189 10.04 16.54 -22.58
C ASN B 189 10.49 15.17 -22.09
N HIS B 190 9.50 14.37 -21.74
CA HIS B 190 9.71 12.98 -21.36
C HIS B 190 10.76 12.78 -20.28
N LYS B 191 10.88 13.77 -19.39
CA LYS B 191 11.86 13.68 -18.30
C LYS B 191 11.21 13.39 -16.96
N SER B 192 9.90 13.20 -16.98
CA SER B 192 9.17 12.68 -15.82
C SER B 192 7.72 12.43 -16.14
N ILE B 193 7.02 11.88 -15.17
CA ILE B 193 5.59 11.60 -15.29
C ILE B 193 4.87 12.26 -14.15
N ILE B 194 3.82 12.98 -14.50
CA ILE B 194 3.00 13.68 -13.51
C ILE B 194 2.07 12.73 -12.74
N ASP B 195 1.93 13.05 -11.46
CA ASP B 195 0.98 12.38 -10.56
C ASP B 195 -0.25 13.26 -10.46
N ASP B 196 -1.31 12.81 -11.14
CA ASP B 196 -2.49 13.64 -11.32
C ASP B 196 -3.10 14.07 -10.00
N PHE B 197 -3.20 13.17 -9.03
CA PHE B 197 -3.84 13.54 -7.78
C PHE B 197 -3.01 14.59 -7.05
N ALA B 198 -1.68 14.43 -7.10
CA ALA B 198 -0.79 15.35 -6.42
C ALA B 198 -0.97 16.75 -7.04
N VAL B 199 -1.16 16.78 -8.36
CA VAL B 199 -1.37 18.05 -9.05
C VAL B 199 -2.68 18.68 -8.61
N MSE B 200 -3.70 17.84 -8.48
CA MSE B 200 -5.03 18.31 -8.14
C MSE B 200 -5.07 19.00 -6.78
O MSE B 200 -5.64 20.05 -6.64
CB MSE B 200 -6.02 17.16 -8.14
CG MSE B 200 -7.44 17.64 -8.00
SE MSE B 200 -8.66 16.20 -8.41
CE MSE B 200 -10.11 17.21 -9.22
N ILE B 201 -4.47 18.39 -5.77
CA ILE B 201 -4.59 18.92 -4.41
C ILE B 201 -3.69 20.13 -4.22
N SER B 202 -2.50 20.07 -4.78
CA SER B 202 -1.62 21.21 -4.69
C SER B 202 -2.30 22.42 -5.36
N LYS B 203 -2.80 22.19 -6.56
CA LYS B 203 -3.52 23.21 -7.30
C LYS B 203 -4.70 23.74 -6.50
N LYS B 204 -5.49 22.85 -5.89
CA LYS B 204 -6.67 23.30 -5.13
C LYS B 204 -6.27 24.11 -3.89
N SER B 205 -5.18 23.73 -3.24
CA SER B 205 -4.82 24.42 -2.00
C SER B 205 -4.43 25.87 -2.33
N VAL B 206 -3.62 25.98 -3.36
CA VAL B 206 -3.15 27.27 -3.83
C VAL B 206 -4.27 28.19 -4.32
N ASN B 207 -5.14 27.66 -5.16
CA ASN B 207 -6.22 28.47 -5.73
C ASN B 207 -7.21 28.92 -4.66
N SER B 208 -7.35 28.14 -3.61
CA SER B 208 -8.28 28.47 -2.53
C SER B 208 -7.75 29.71 -1.82
N PHE B 209 -6.44 29.69 -1.60
CA PHE B 209 -5.74 30.73 -0.86
C PHE B 209 -5.75 32.03 -1.65
N VAL B 210 -5.31 31.93 -2.88
CA VAL B 210 -5.20 33.06 -3.79
C VAL B 210 -6.52 33.82 -3.95
N ARG B 211 -7.63 33.12 -3.77
CA ARG B 211 -8.95 33.76 -3.98
C ARG B 211 -9.46 34.42 -2.69
N THR B 212 -8.91 34.02 -1.56
CA THR B 212 -9.45 34.45 -0.27
C THR B 212 -9.28 35.94 -0.09
N ASP B 213 -10.40 36.63 0.12
CA ASP B 213 -10.40 38.06 0.46
C ASP B 213 -9.77 38.22 1.84
N PHE B 214 -9.13 39.36 2.07
CA PHE B 214 -8.46 39.59 3.35
C PHE B 214 -8.19 41.05 3.68
N LYS B 215 -8.38 41.35 4.96
CA LYS B 215 -8.12 42.67 5.52
C LYS B 215 -6.62 42.75 5.78
N SER B 216 -6.10 41.74 6.46
CA SER B 216 -4.66 41.70 6.75
C SER B 216 -4.09 40.29 6.76
N ILE B 217 -2.78 40.22 6.84
CA ILE B 217 -2.11 38.92 6.81
C ILE B 217 -2.22 38.21 8.15
N LYS B 218 -2.72 38.89 9.17
CA LYS B 218 -2.93 38.24 10.48
C LYS B 218 -4.40 37.91 10.71
N ASP B 219 -5.15 38.05 9.63
CA ASP B 219 -6.55 37.62 9.55
C ASP B 219 -6.66 36.12 9.77
N GLU B 220 -7.59 35.72 10.61
CA GLU B 220 -7.73 34.30 10.98
C GLU B 220 -8.10 33.38 9.81
N VAL B 221 -8.96 33.87 8.94
CA VAL B 221 -9.40 33.10 7.78
C VAL B 221 -8.23 32.99 6.82
N PHE B 222 -7.51 34.08 6.68
CA PHE B 222 -6.37 34.12 5.77
C PHE B 222 -5.34 33.08 6.23
N LEU B 223 -5.04 33.12 7.52
CA LEU B 223 -4.00 32.26 8.11
C LEU B 223 -4.44 30.81 8.04
N LYS B 224 -5.72 30.57 8.26
CA LYS B 224 -6.21 29.21 8.21
C LYS B 224 -6.04 28.64 6.81
N GLU B 225 -6.27 29.47 5.80
CA GLU B 225 -6.11 29.06 4.41
C GLU B 225 -4.64 28.84 4.10
N LEU B 226 -3.80 29.75 4.55
CA LEU B 226 -2.37 29.64 4.29
C LEU B 226 -1.92 28.30 4.85
N VAL B 227 -2.27 28.04 6.09
CA VAL B 227 -1.77 26.83 6.74
C VAL B 227 -2.30 25.56 6.06
N ASP B 228 -3.58 25.58 5.69
CA ASP B 228 -4.19 24.43 4.99
C ASP B 228 -3.42 24.10 3.73
N SER B 229 -3.09 25.12 2.95
CA SER B 229 -2.41 24.90 1.68
C SER B 229 -0.98 24.39 1.88
N LEU B 230 -0.27 25.00 2.83
CA LEU B 230 1.11 24.59 3.10
C LEU B 230 1.11 23.14 3.56
N THR B 231 0.05 22.75 4.24
CA THR B 231 -0.09 21.37 4.76
C THR B 231 -0.30 20.43 3.59
N MSE B 232 -1.19 20.88 2.72
N MSE B 232 -1.17 20.90 2.72
CA MSE B 232 -1.55 20.15 1.49
CA MSE B 232 -1.54 20.20 1.51
C MSE B 232 -0.33 19.94 0.61
C MSE B 232 -0.33 19.95 0.62
O MSE B 232 -0.14 18.88 0.02
O MSE B 232 -0.19 18.88 0.02
CB MSE B 232 -2.55 20.96 0.68
CB MSE B 232 -2.52 21.03 0.72
CG MSE B 232 -3.58 20.16 -0.04
CG MSE B 232 -3.64 20.18 0.20
SE MSE B 232 -5.35 20.93 0.47
SE MSE B 232 -5.22 20.22 1.27
CE MSE B 232 -6.52 19.37 0.32
CE MSE B 232 -6.55 20.33 -0.23
N ASN B 233 0.52 20.97 0.53
CA ASN B 233 1.70 20.91 -0.32
C ASN B 233 2.55 19.75 0.09
N GLY B 234 2.73 19.61 1.40
CA GLY B 234 3.54 18.55 1.97
C GLY B 234 2.99 17.18 1.66
N ILE B 235 1.68 17.05 1.79
CA ILE B 235 1.05 15.77 1.51
C ILE B 235 1.11 15.48 0.00
N ALA B 236 1.06 16.54 -0.79
CA ALA B 236 1.13 16.38 -2.25
C ALA B 236 2.47 15.75 -2.61
N MSE B 237 3.52 16.18 -1.89
CA MSE B 237 4.88 15.69 -2.15
C MSE B 237 5.00 14.23 -1.75
O MSE B 237 5.61 13.41 -2.45
CB MSE B 237 5.91 16.51 -1.40
CG MSE B 237 6.07 17.90 -1.91
SE MSE B 237 7.30 19.00 -0.84
CE MSE B 237 8.80 17.97 -0.93
N GLU B 238 4.39 13.91 -0.63
CA GLU B 238 4.36 12.53 -0.14
C GLU B 238 3.66 11.65 -1.17
N ILE B 239 2.55 12.16 -1.71
CA ILE B 239 1.78 11.39 -2.66
C ILE B 239 2.57 11.16 -3.94
N ALA B 240 3.27 12.18 -4.42
CA ALA B 240 3.99 12.08 -5.69
C ALA B 240 5.26 11.24 -5.55
N GLY B 241 5.83 11.24 -4.36
CA GLY B 241 7.05 10.48 -4.09
C GLY B 241 8.27 11.34 -4.40
N ASN B 242 8.00 12.60 -4.71
CA ASN B 242 9.07 13.58 -4.91
C ASN B 242 8.54 14.97 -4.64
N SER B 243 9.40 15.96 -4.84
CA SER B 243 9.11 17.31 -4.45
C SER B 243 8.41 18.14 -5.50
N SER B 244 8.33 17.58 -6.70
CA SER B 244 7.89 18.33 -7.89
C SER B 244 6.56 19.08 -7.76
N PRO B 245 5.57 18.51 -7.05
CA PRO B 245 4.33 19.24 -6.90
C PRO B 245 4.47 20.62 -6.28
N ALA B 246 5.53 20.81 -5.51
CA ALA B 246 5.71 22.06 -4.80
C ALA B 246 7.06 22.69 -5.06
N SER B 247 7.88 22.05 -5.87
CA SER B 247 9.25 22.50 -6.07
C SER B 247 9.64 22.39 -7.55
N GLY B 248 9.75 23.55 -8.18
CA GLY B 248 10.25 23.67 -9.55
C GLY B 248 11.51 24.55 -9.61
N ALA B 249 11.68 25.23 -10.74
CA ALA B 249 12.85 26.09 -10.95
C ALA B 249 12.94 27.16 -9.87
N GLU B 250 11.79 27.66 -9.45
CA GLU B 250 11.80 28.71 -8.44
C GLU B 250 12.57 28.22 -7.19
N HIS B 251 12.28 26.98 -6.79
CA HIS B 251 13.00 26.36 -5.66
C HIS B 251 14.48 26.12 -5.97
N LEU B 252 14.77 25.71 -7.20
CA LEU B 252 16.16 25.44 -7.59
C LEU B 252 16.96 26.73 -7.45
N ILE B 253 16.29 27.85 -7.74
CA ILE B 253 16.94 29.15 -7.62
C ILE B 253 17.35 29.35 -6.19
N SER B 254 16.39 29.13 -5.29
CA SER B 254 16.61 29.38 -3.86
C SER B 254 17.69 28.45 -3.31
N HIS B 255 17.64 27.18 -3.69
CA HIS B 255 18.64 26.25 -3.21
C HIS B 255 20.04 26.61 -3.72
N ALA B 256 20.10 27.21 -4.91
CA ALA B 256 21.39 27.62 -5.49
C ALA B 256 21.95 28.82 -4.71
N LEU B 257 21.04 29.71 -4.29
CA LEU B 257 21.45 30.88 -3.49
C LEU B 257 22.07 30.38 -2.19
N ASP B 258 21.45 29.36 -1.65
CA ASP B 258 21.87 28.83 -0.36
C ASP B 258 23.30 28.28 -0.42
N LYS B 259 23.74 27.89 -1.61
CA LYS B 259 25.05 27.25 -1.75
C LYS B 259 26.19 28.25 -1.77
N PHE B 260 25.92 29.50 -2.15
CA PHE B 260 27.01 30.48 -2.20
C PHE B 260 26.81 31.68 -1.27
N LEU B 261 25.59 31.92 -0.80
CA LEU B 261 25.41 33.00 0.16
C LEU B 261 25.79 32.49 1.53
N PRO B 262 26.50 33.34 2.29
CA PRO B 262 26.81 33.02 3.70
C PRO B 262 25.56 33.16 4.57
N ASN B 263 24.80 34.23 4.28
CA ASN B 263 23.58 34.55 5.03
C ASN B 263 22.31 34.62 4.19
N PRO B 264 21.85 33.46 3.73
CA PRO B 264 20.64 33.48 2.93
C PRO B 264 19.45 34.00 3.71
N GLN B 265 18.44 34.49 2.99
CA GLN B 265 17.18 34.89 3.58
C GLN B 265 16.30 33.66 3.80
N LEU B 266 15.14 33.88 4.38
CA LEU B 266 14.19 32.80 4.59
C LEU B 266 13.88 32.11 3.27
N HIS B 267 13.83 30.79 3.32
CA HIS B 267 13.52 29.95 2.17
C HIS B 267 12.32 30.51 1.42
N GLY B 268 11.27 30.78 2.17
CA GLY B 268 10.01 31.25 1.59
C GLY B 268 10.16 32.57 0.88
N ILE B 269 10.98 33.43 1.43
CA ILE B 269 11.20 34.77 0.88
C ILE B 269 11.94 34.65 -0.47
N GLN B 270 13.01 33.87 -0.47
CA GLN B 270 13.80 33.65 -1.68
C GLN B 270 12.90 32.99 -2.71
N VAL B 271 12.09 32.03 -2.27
CA VAL B 271 11.25 31.27 -3.19
C VAL B 271 10.17 32.16 -3.78
N GLY B 272 9.67 33.09 -2.98
CA GLY B 272 8.62 33.99 -3.46
C GLY B 272 9.12 34.86 -4.61
N VAL B 273 10.28 35.47 -4.40
CA VAL B 273 10.85 36.35 -5.41
C VAL B 273 11.12 35.50 -6.65
N ALA B 274 11.68 34.31 -6.44
CA ALA B 274 12.01 33.40 -7.52
C ALA B 274 10.77 33.05 -8.33
N THR B 275 9.64 32.93 -7.63
CA THR B 275 8.36 32.54 -8.25
C THR B 275 7.88 33.65 -9.17
N TYR B 276 8.01 34.88 -8.71
CA TYR B 276 7.62 36.04 -9.53
C TYR B 276 8.44 36.06 -10.83
N ILE B 277 9.72 35.81 -10.67
CA ILE B 277 10.64 35.79 -11.79
C ILE B 277 10.27 34.69 -12.76
N MSE B 278 10.00 33.49 -12.23
CA MSE B 278 9.71 32.35 -13.08
C MSE B 278 8.38 32.52 -13.81
O MSE B 278 8.21 32.04 -14.94
CB MSE B 278 9.72 31.04 -12.27
CG MSE B 278 11.11 30.57 -11.91
SE MSE B 278 12.33 30.50 -13.43
CE MSE B 278 11.23 29.44 -14.63
N SER B 279 7.44 33.24 -13.20
CA SER B 279 6.13 33.46 -13.83
C SER B 279 6.31 34.23 -15.14
N LYS B 280 7.25 35.16 -15.13
CA LYS B 280 7.45 36.05 -16.28
C LYS B 280 8.19 35.26 -17.34
N VAL B 281 9.02 34.33 -16.90
CA VAL B 281 9.76 33.45 -17.82
C VAL B 281 8.79 32.45 -18.44
N HIS B 282 7.89 31.94 -17.62
CA HIS B 282 6.88 30.99 -18.11
C HIS B 282 5.85 31.69 -18.98
N LYS B 283 5.61 32.96 -18.67
CA LYS B 283 4.52 33.74 -19.30
C LYS B 283 3.22 33.01 -18.96
N HIS B 284 3.11 32.71 -17.68
CA HIS B 284 1.98 31.94 -17.15
C HIS B 284 1.58 32.38 -15.74
N ARG B 285 0.32 32.76 -15.61
CA ARG B 285 -0.29 33.16 -14.33
C ARG B 285 0.43 34.37 -13.71
N GLU B 286 0.97 35.22 -14.57
CA GLU B 286 1.74 36.40 -14.14
C GLU B 286 0.92 37.37 -13.28
N GLU B 287 -0.32 37.61 -13.71
CA GLU B 287 -1.16 38.59 -13.01
C GLU B 287 -1.54 38.09 -11.62
N ARG B 288 -1.84 36.80 -11.52
CA ARG B 288 -2.28 36.23 -10.25
C ARG B 288 -1.15 36.37 -9.23
N ILE B 289 0.04 35.99 -9.68
CA ILE B 289 1.21 35.95 -8.82
C ILE B 289 1.60 37.35 -8.40
N LYS B 290 1.55 38.29 -9.34
CA LYS B 290 1.86 39.71 -9.07
C LYS B 290 0.86 40.24 -8.07
N LYS B 291 -0.41 39.94 -8.29
CA LYS B 291 -1.49 40.47 -7.44
C LYS B 291 -1.35 39.99 -5.99
N ILE B 292 -1.10 38.70 -5.82
CA ILE B 292 -1.09 38.13 -4.47
C ILE B 292 0.11 38.64 -3.69
N LEU B 293 1.26 38.67 -4.36
CA LEU B 293 2.50 39.09 -3.72
C LEU B 293 2.50 40.58 -3.43
N SER B 294 1.66 41.33 -4.13
CA SER B 294 1.56 42.79 -3.94
C SER B 294 0.57 43.07 -2.84
N ASP B 295 -0.63 42.55 -3.04
CA ASP B 295 -1.75 42.74 -2.12
C ASP B 295 -1.43 42.35 -0.69
N THR B 296 -0.62 41.29 -0.51
CA THR B 296 -0.30 40.81 0.83
C THR B 296 0.81 41.63 1.46
N GLY B 297 1.47 42.45 0.66
CA GLY B 297 2.61 43.24 1.13
C GLY B 297 3.94 42.49 1.10
N PHE B 298 3.92 41.34 0.44
CA PHE B 298 5.13 40.54 0.29
C PHE B 298 6.27 41.37 -0.34
N PHE B 299 5.95 42.04 -1.45
CA PHE B 299 6.96 42.81 -2.15
C PHE B 299 7.51 43.94 -1.27
N ASN B 300 6.62 44.68 -0.59
CA ASN B 300 7.04 45.76 0.33
C ASN B 300 8.07 45.24 1.30
N TYR B 301 7.68 44.12 1.90
CA TYR B 301 8.48 43.53 2.95
C TYR B 301 9.85 43.15 2.42
N VAL B 302 9.85 42.56 1.23
CA VAL B 302 11.11 42.07 0.63
C VAL B 302 12.07 43.23 0.31
N LYS B 303 11.53 44.40 0.01
CA LYS B 303 12.37 45.55 -0.37
C LYS B 303 13.36 45.85 0.77
N GLY B 304 12.87 45.70 2.01
CA GLY B 304 13.65 46.03 3.20
C GLY B 304 14.84 45.15 3.45
N LEU B 305 14.93 44.04 2.72
CA LEU B 305 15.96 43.02 2.95
C LEU B 305 17.23 43.24 2.11
N ASN B 306 17.10 44.05 1.05
CA ASN B 306 18.22 44.36 0.19
C ASN B 306 18.88 43.14 -0.44
N MSE B 307 18.08 42.24 -1.00
CA MSE B 307 18.64 41.14 -1.76
C MSE B 307 19.16 41.71 -3.09
O MSE B 307 18.58 42.67 -3.67
CB MSE B 307 17.62 40.02 -1.97
CG MSE B 307 17.33 39.20 -0.69
SE MSE B 307 15.83 37.94 -0.87
CE MSE B 307 14.40 39.24 -1.02
N LYS B 308 20.28 41.11 -3.52
CA LYS B 308 21.05 41.60 -4.69
C LYS B 308 20.55 40.95 -5.97
N LYS B 309 20.44 41.77 -7.01
CA LYS B 309 20.12 41.32 -8.36
C LYS B 309 21.16 40.31 -8.83
N SER B 310 22.42 40.60 -8.48
CA SER B 310 23.57 39.81 -8.96
C SER B 310 23.49 38.38 -8.38
N ASP B 311 23.04 38.28 -7.14
CA ASP B 311 22.95 36.99 -6.51
C ASP B 311 21.89 36.14 -7.21
N PHE B 312 20.78 36.78 -7.57
CA PHE B 312 19.72 36.07 -8.27
C PHE B 312 20.16 35.63 -9.64
N LYS B 313 20.94 36.48 -10.31
CA LYS B 313 21.40 36.18 -11.66
C LYS B 313 22.27 34.92 -11.60
N ARG B 314 23.11 34.84 -10.57
CA ARG B 314 24.03 33.70 -10.44
C ARG B 314 23.25 32.44 -10.06
N ALA B 315 22.27 32.61 -9.18
CA ALA B 315 21.44 31.51 -8.76
C ALA B 315 20.71 30.94 -9.99
N ILE B 316 20.23 31.83 -10.84
CA ILE B 316 19.53 31.43 -12.04
C ILE B 316 20.45 30.55 -12.90
N SER B 317 21.71 30.98 -13.02
CA SER B 317 22.68 30.26 -13.87
C SER B 317 23.02 28.88 -13.29
N GLU B 318 22.95 28.77 -11.97
CA GLU B 318 23.38 27.55 -11.28
C GLU B 318 22.22 26.68 -10.82
N ALA B 319 21.00 27.12 -11.13
CA ALA B 319 19.80 26.47 -10.63
C ALA B 319 19.77 25.01 -11.05
N HIS B 320 20.18 24.78 -12.29
CA HIS B 320 20.11 23.44 -12.89
C HIS B 320 21.05 22.45 -12.21
N LEU B 321 22.09 22.96 -11.58
CA LEU B 321 23.11 22.10 -10.98
C LEU B 321 22.54 21.41 -9.73
N ILE B 322 21.52 22.00 -9.14
CA ILE B 322 20.90 21.43 -7.94
C ILE B 322 20.23 20.07 -8.24
N LYS B 323 19.63 19.98 -9.42
CA LYS B 323 18.93 18.75 -9.87
C LYS B 323 19.11 18.54 -11.35
N PRO B 324 20.30 18.06 -11.73
CA PRO B 324 20.70 18.06 -13.13
C PRO B 324 19.95 17.08 -14.00
N ALA B 325 19.26 16.15 -13.37
CA ALA B 325 18.52 15.13 -14.12
C ALA B 325 17.12 15.59 -14.36
N ARG B 326 16.73 16.69 -13.73
CA ARG B 326 15.41 17.24 -14.03
C ARG B 326 15.46 18.03 -15.30
N TYR B 327 14.29 18.53 -15.67
CA TYR B 327 14.20 19.37 -16.88
C TYR B 327 13.15 20.46 -16.69
N THR B 328 13.53 21.45 -15.89
CA THR B 328 12.67 22.61 -15.69
C THR B 328 13.02 23.62 -16.76
N TYR B 329 12.32 24.75 -16.76
CA TYR B 329 12.63 25.82 -17.74
C TYR B 329 14.11 26.25 -17.67
N LEU B 330 14.66 26.21 -16.45
CA LEU B 330 16.01 26.71 -16.20
C LEU B 330 17.05 25.65 -16.50
N HIS B 331 16.64 24.59 -17.16
CA HIS B 331 17.58 23.59 -17.64
C HIS B 331 17.83 23.87 -19.10
N VAL B 332 17.23 24.98 -19.56
CA VAL B 332 17.42 25.47 -20.93
C VAL B 332 18.06 26.85 -20.89
N GLU B 333 19.20 26.96 -21.57
CA GLU B 333 20.05 28.16 -21.53
C GLU B 333 19.28 29.44 -21.87
N LYS B 334 18.43 29.37 -22.89
CA LYS B 334 17.68 30.53 -23.38
C LYS B 334 16.80 31.09 -22.26
N ASN B 335 16.16 30.19 -21.53
CA ASN B 335 15.23 30.60 -20.48
C ASN B 335 15.98 31.24 -19.31
N CYS B 336 17.24 30.86 -19.18
CA CYS B 336 18.11 31.45 -18.15
C CYS B 336 18.46 32.86 -18.51
N GLU B 337 18.66 33.10 -19.81
CA GLU B 337 19.01 34.43 -20.31
C GLU B 337 17.78 35.32 -20.18
N THR B 338 16.63 34.74 -20.44
CA THR B 338 15.40 35.48 -20.31
C THR B 338 15.25 35.85 -18.85
N ALA B 339 15.54 34.90 -17.98
CA ALA B 339 15.36 35.09 -16.52
C ALA B 339 16.27 36.21 -16.03
N LYS B 340 17.49 36.23 -16.52
CA LYS B 340 18.46 37.24 -16.14
C LYS B 340 18.08 38.63 -16.70
N GLU B 341 17.50 38.67 -17.90
CA GLU B 341 17.07 39.95 -18.50
C GLU B 341 15.88 40.49 -17.70
N ILE B 342 15.11 39.59 -17.11
CA ILE B 342 13.95 39.97 -16.32
C ILE B 342 14.41 40.65 -15.05
N VAL B 343 15.45 40.08 -14.44
CA VAL B 343 15.97 40.61 -13.18
C VAL B 343 16.59 41.99 -13.41
N ASP B 344 17.05 42.26 -14.62
CA ASP B 344 17.73 43.53 -14.89
C ASP B 344 16.75 44.62 -15.29
N THR B 345 15.57 44.20 -15.74
CA THR B 345 14.61 45.08 -16.39
C THR B 345 13.37 45.33 -15.58
N ASP B 346 12.70 44.25 -15.21
CA ASP B 346 11.44 44.33 -14.50
C ASP B 346 11.39 45.46 -13.49
N GLU B 347 10.25 46.12 -13.46
CA GLU B 347 10.04 47.30 -12.62
C GLU B 347 9.99 46.93 -11.15
N ILE B 348 9.21 45.92 -10.82
CA ILE B 348 9.08 45.52 -9.42
C ILE B 348 10.45 45.12 -8.88
N LEU B 349 11.16 44.31 -9.66
CA LEU B 349 12.47 43.82 -9.22
C LEU B 349 13.48 44.96 -9.04
N ARG B 350 13.40 45.95 -9.93
CA ARG B 350 14.32 47.10 -9.88
C ARG B 350 14.13 47.80 -8.55
N ASN B 351 12.88 47.73 -8.06
CA ASN B 351 12.51 48.41 -6.81
C ASN B 351 12.92 47.60 -5.55
N ILE B 352 12.58 46.32 -5.55
CA ILE B 352 12.83 45.46 -4.40
C ILE B 352 14.14 44.65 -4.52
N LEU B 353 15.17 45.12 -5.20
CA LEU B 353 16.44 44.40 -5.18
C LEU B 353 17.58 45.36 -5.48
N SER C 6 0.53 1.73 11.35
CA SER C 6 0.42 2.56 10.12
C SER C 6 1.73 2.52 9.33
N HIS C 7 1.96 1.38 8.68
CA HIS C 7 3.29 1.02 8.14
C HIS C 7 3.27 0.45 6.71
N ARG C 8 4.28 0.80 5.94
CA ARG C 8 4.35 0.44 4.51
C ARG C 8 5.40 -0.58 4.14
N ILE C 9 5.00 -1.53 3.32
CA ILE C 9 5.82 -2.69 2.96
C ILE C 9 6.41 -2.56 1.58
N ALA C 10 7.73 -2.73 1.51
CA ALA C 10 8.48 -2.67 0.25
C ALA C 10 9.22 -3.97 0.02
N ILE C 11 8.54 -4.91 -0.60
CA ILE C 11 9.13 -6.19 -0.96
C ILE C 11 10.10 -5.90 -2.08
N PRO C 12 11.34 -6.42 -2.00
CA PRO C 12 12.30 -6.26 -3.08
C PRO C 12 11.78 -6.70 -4.43
N LEU C 13 12.12 -5.91 -5.44
CA LEU C 13 11.72 -6.12 -6.82
C LEU C 13 12.53 -7.27 -7.42
N ILE C 14 13.79 -7.35 -7.02
CA ILE C 14 14.69 -8.30 -7.62
C ILE C 14 15.20 -9.26 -6.59
N LEU C 15 14.98 -10.53 -6.82
CA LEU C 15 15.46 -11.60 -5.95
C LEU C 15 16.07 -12.73 -6.75
N GLU C 16 17.37 -12.87 -6.67
CA GLU C 16 18.12 -13.88 -7.42
C GLU C 16 19.15 -14.56 -6.54
N VAL C 17 18.93 -15.84 -6.34
CA VAL C 17 19.84 -16.67 -5.60
C VAL C 17 20.12 -17.90 -6.40
N GLY C 18 21.37 -18.05 -6.81
CA GLY C 18 21.80 -19.19 -7.60
C GLY C 18 23.16 -19.05 -8.24
N ASN C 19 23.28 -19.71 -9.40
CA ASN C 19 24.52 -19.79 -10.14
C ASN C 19 24.53 -18.81 -11.28
N ASN C 20 25.75 -18.40 -11.64
CA ASN C 20 26.00 -17.49 -12.74
C ASN C 20 25.26 -16.18 -12.62
N LYS C 21 25.25 -15.61 -11.42
CA LYS C 21 24.51 -14.35 -11.20
C LYS C 21 25.38 -13.12 -11.43
N ILE C 22 26.63 -13.19 -11.00
CA ILE C 22 27.51 -12.03 -11.09
C ILE C 22 27.64 -11.57 -12.50
N TYR C 23 27.90 -12.55 -13.35
CA TYR C 23 28.09 -12.34 -14.78
C TYR C 23 26.91 -11.68 -15.46
N ASN C 24 25.73 -11.91 -14.91
CA ASN C 24 24.50 -11.49 -15.56
C ASN C 24 23.83 -10.39 -14.77
N ILE C 25 24.62 -9.75 -13.91
CA ILE C 25 24.09 -8.73 -13.01
C ILE C 25 23.37 -7.64 -13.82
N GLY C 26 23.92 -7.35 -14.99
CA GLY C 26 23.37 -6.33 -15.88
C GLY C 26 21.92 -6.61 -16.21
N GLN C 27 21.68 -7.82 -16.74
CA GLN C 27 20.33 -8.20 -17.20
C GLN C 27 19.42 -8.35 -16.01
N ILE C 28 20.01 -8.73 -14.90
CA ILE C 28 19.24 -8.95 -13.68
C ILE C 28 18.67 -7.64 -13.20
N ILE C 29 19.49 -6.59 -13.19
CA ILE C 29 19.02 -5.32 -12.61
C ILE C 29 18.30 -4.42 -13.59
N LYS C 30 18.26 -4.84 -14.85
CA LYS C 30 17.61 -4.06 -15.93
C LYS C 30 16.15 -3.85 -15.54
N LYS C 31 15.61 -4.80 -14.82
CA LYS C 31 14.20 -4.78 -14.41
C LYS C 31 13.90 -3.52 -13.60
N GLY C 32 14.95 -2.97 -12.97
CA GLY C 32 14.80 -1.78 -12.13
C GLY C 32 14.70 -0.49 -12.94
N ASN C 33 15.03 -0.57 -14.22
CA ASN C 33 14.99 0.61 -15.09
C ASN C 33 16.00 1.70 -14.72
N PHE C 34 17.08 1.33 -14.06
CA PHE C 34 18.08 2.31 -13.65
C PHE C 34 18.86 2.82 -14.85
N LYS C 35 19.08 4.12 -14.91
CA LYS C 35 19.82 4.70 -16.04
C LYS C 35 21.30 4.87 -15.68
N ARG C 36 21.55 5.13 -14.40
CA ARG C 36 22.88 5.51 -13.93
C ARG C 36 23.17 5.09 -12.49
N VAL C 37 24.14 4.21 -12.35
CA VAL C 37 24.44 3.65 -11.06
C VAL C 37 25.84 3.89 -10.59
N SER C 38 26.01 3.73 -9.30
CA SER C 38 27.33 3.74 -8.68
C SER C 38 27.55 2.40 -8.00
N LEU C 39 28.76 1.88 -8.21
CA LEU C 39 29.18 0.61 -7.61
C LEU C 39 30.12 0.82 -6.45
N TYR C 40 29.77 0.20 -5.34
CA TYR C 40 30.61 0.23 -4.13
C TYR C 40 31.05 -1.15 -3.79
N PHE C 41 32.37 -1.35 -3.83
CA PHE C 41 33.03 -2.62 -3.55
C PHE C 41 33.77 -2.64 -2.21
N GLY C 42 33.57 -3.73 -1.49
CA GLY C 42 34.40 -4.00 -0.33
C GLY C 42 35.85 -4.16 -0.77
N GLU C 43 36.76 -4.01 0.18
CA GLU C 43 38.20 -4.17 -0.11
C GLU C 43 38.57 -5.54 -0.66
N GLY C 44 39.29 -5.50 -1.77
CA GLY C 44 39.73 -6.69 -2.47
C GLY C 44 38.70 -7.30 -3.41
N ILE C 45 37.46 -6.83 -3.28
CA ILE C 45 36.35 -7.47 -4.02
C ILE C 45 36.43 -7.12 -5.51
N TYR C 46 36.82 -5.89 -5.84
CA TYR C 46 36.87 -5.47 -7.24
C TYR C 46 37.88 -6.33 -7.99
N GLU C 47 38.99 -6.60 -7.32
CA GLU C 47 40.07 -7.42 -7.92
C GLU C 47 39.54 -8.79 -8.35
N LEU C 48 38.53 -9.28 -7.63
CA LEU C 48 37.92 -10.59 -7.90
C LEU C 48 36.85 -10.59 -8.99
N PHE C 49 35.92 -9.65 -8.92
CA PHE C 49 34.72 -9.69 -9.77
C PHE C 49 34.42 -8.39 -10.51
N GLY C 50 35.22 -7.37 -10.25
CA GLY C 50 34.95 -6.02 -10.70
C GLY C 50 34.73 -5.88 -12.19
N GLU C 51 35.70 -6.32 -12.98
CA GLU C 51 35.64 -6.12 -14.40
C GLU C 51 34.40 -6.77 -14.96
N THR C 52 34.15 -7.99 -14.55
CA THR C 52 32.96 -8.70 -15.03
C THR C 52 31.67 -7.97 -14.72
N ILE C 53 31.59 -7.44 -13.51
CA ILE C 53 30.39 -6.71 -13.09
C ILE C 53 30.21 -5.45 -13.93
N GLU C 54 31.31 -4.72 -14.15
CA GLU C 54 31.26 -3.48 -14.92
C GLU C 54 30.83 -3.77 -16.36
N LYS C 55 31.45 -4.79 -16.96
CA LYS C 55 31.18 -5.16 -18.36
C LYS C 55 29.72 -5.49 -18.51
N SER C 56 29.25 -6.29 -17.57
CA SER C 56 27.88 -6.78 -17.59
C SER C 56 26.90 -5.61 -17.55
N ILE C 57 27.18 -4.65 -16.67
CA ILE C 57 26.27 -3.51 -16.44
C ILE C 57 26.31 -2.61 -17.67
N LYS C 58 27.50 -2.31 -18.13
CA LYS C 58 27.66 -1.42 -19.28
C LYS C 58 27.00 -2.05 -20.52
N SER C 59 27.08 -3.36 -20.66
CA SER C 59 26.49 -4.01 -21.85
C SER C 59 24.97 -4.08 -21.78
N SER C 60 24.40 -3.76 -20.63
CA SER C 60 22.94 -3.72 -20.48
C SER C 60 22.47 -2.29 -20.62
N ASN C 61 23.36 -1.47 -21.18
CA ASN C 61 23.03 -0.07 -21.44
C ASN C 61 22.74 0.74 -20.18
N ILE C 62 23.44 0.42 -19.11
CA ILE C 62 23.37 1.19 -17.87
C ILE C 62 24.68 1.90 -17.64
N GLU C 63 24.62 3.21 -17.43
CA GLU C 63 25.85 3.96 -17.16
C GLU C 63 26.29 3.81 -15.72
N ILE C 64 27.60 3.84 -15.58
CA ILE C 64 28.24 3.75 -14.29
C ILE C 64 28.89 5.08 -13.97
N GLU C 65 28.36 5.74 -12.95
CA GLU C 65 28.84 7.06 -12.55
C GLU C 65 30.16 6.95 -11.87
N ALA C 66 30.29 5.94 -11.04
CA ALA C 66 31.47 5.81 -10.19
C ALA C 66 31.63 4.39 -9.66
N VAL C 67 32.89 4.05 -9.44
CA VAL C 67 33.26 2.81 -8.82
C VAL C 67 34.13 3.16 -7.65
N GLU C 68 33.70 2.75 -6.47
CA GLU C 68 34.40 3.09 -5.23
C GLU C 68 34.61 1.88 -4.33
N THR C 69 35.45 2.10 -3.34
CA THR C 69 35.72 1.12 -2.32
C THR C 69 35.15 1.55 -0.97
N VAL C 70 34.51 0.61 -0.30
CA VAL C 70 34.03 0.82 1.05
C VAL C 70 35.07 0.33 2.03
N LYS C 71 35.50 1.23 2.91
CA LYS C 71 36.59 0.96 3.85
C LYS C 71 36.16 0.83 5.34
N ASN C 72 34.90 1.10 5.66
CA ASN C 72 34.44 1.04 7.05
C ASN C 72 32.94 1.22 7.27
N ILE C 73 32.49 1.00 8.50
CA ILE C 73 31.08 1.13 8.85
C ILE C 73 30.85 2.22 9.86
N ASP C 74 31.76 3.18 9.88
CA ASP C 74 31.67 4.35 10.78
C ASP C 74 30.57 5.32 10.34
N PHE C 75 29.65 5.59 11.25
CA PHE C 75 28.49 6.39 10.91
C PHE C 75 28.85 7.74 10.27
N ASP C 76 29.83 8.42 10.84
CA ASP C 76 30.21 9.75 10.35
C ASP C 76 30.75 9.68 8.92
N GLU C 77 31.61 8.70 8.66
CA GLU C 77 32.27 8.61 7.34
C GLU C 77 31.20 8.25 6.32
N ILE C 78 30.24 7.44 6.73
CA ILE C 78 29.13 6.99 5.86
C ILE C 78 28.24 8.19 5.47
N GLY C 79 27.90 9.01 6.45
CA GLY C 79 27.08 10.17 6.15
C GLY C 79 27.83 11.13 5.24
N THR C 80 29.12 11.25 5.47
CA THR C 80 29.91 12.14 4.63
C THR C 80 29.84 11.61 3.23
N ASN C 81 30.15 10.34 3.08
CA ASN C 81 30.21 9.74 1.74
C ASN C 81 28.84 9.76 1.10
N ALA C 82 27.80 9.61 1.90
CA ALA C 82 26.44 9.55 1.34
C ALA C 82 26.16 10.82 0.56
N PHE C 83 26.52 11.95 1.18
CA PHE C 83 26.19 13.26 0.61
C PHE C 83 27.17 13.71 -0.43
N LYS C 84 28.14 12.84 -0.72
CA LYS C 84 29.11 13.09 -1.79
C LYS C 84 28.57 12.44 -3.07
N ILE C 85 27.60 11.55 -2.92
CA ILE C 85 27.05 10.84 -4.08
C ILE C 85 26.41 11.87 -5.04
N PRO C 86 26.81 11.86 -6.31
CA PRO C 86 26.24 12.86 -7.23
C PRO C 86 24.76 12.72 -7.42
N ALA C 87 24.12 13.85 -7.60
CA ALA C 87 22.66 13.93 -7.69
C ALA C 87 22.09 13.14 -8.89
N GLU C 88 22.91 12.84 -9.89
CA GLU C 88 22.37 12.17 -11.10
C GLU C 88 22.37 10.67 -10.97
N VAL C 89 22.86 10.17 -9.85
CA VAL C 89 22.87 8.72 -9.59
C VAL C 89 21.47 8.22 -9.24
N ASP C 90 21.10 7.13 -9.91
CA ASP C 90 19.76 6.49 -9.83
C ASP C 90 19.71 5.36 -8.82
N ALA C 91 20.86 4.80 -8.54
CA ALA C 91 20.91 3.57 -7.76
C ALA C 91 22.31 3.25 -7.29
N LEU C 92 22.33 2.59 -6.14
CA LEU C 92 23.57 2.14 -5.55
C LEU C 92 23.67 0.62 -5.57
N ILE C 93 24.83 0.13 -5.99
CA ILE C 93 25.09 -1.29 -5.95
C ILE C 93 26.22 -1.57 -4.97
N GLY C 94 25.93 -2.46 -4.02
CA GLY C 94 26.91 -2.86 -3.01
C GLY C 94 27.41 -4.28 -3.24
N ILE C 95 28.72 -4.39 -3.43
CA ILE C 95 29.34 -5.69 -3.65
C ILE C 95 30.40 -5.99 -2.63
N GLY C 96 30.13 -6.98 -1.80
CA GLY C 96 31.11 -7.40 -0.82
C GLY C 96 30.52 -8.11 0.37
N GLY C 97 31.28 -8.10 1.47
CA GLY C 97 30.87 -8.67 2.75
C GLY C 97 29.82 -7.85 3.48
N GLY C 98 29.42 -8.37 4.62
CA GLY C 98 28.32 -7.81 5.41
C GLY C 98 28.52 -6.35 5.78
N LYS C 99 29.75 -5.99 6.13
CA LYS C 99 30.05 -4.62 6.52
C LYS C 99 29.93 -3.67 5.32
N ALA C 100 30.44 -4.12 4.20
CA ALA C 100 30.36 -3.31 2.98
C ALA C 100 28.92 -3.09 2.56
N ILE C 101 28.14 -4.18 2.61
CA ILE C 101 26.74 -4.13 2.22
C ILE C 101 26.00 -3.14 3.09
N ASP C 102 26.21 -3.25 4.39
CA ASP C 102 25.48 -2.42 5.37
C ASP C 102 25.83 -0.93 5.18
N ALA C 103 27.07 -0.67 4.79
CA ALA C 103 27.50 0.73 4.63
C ALA C 103 26.80 1.37 3.44
N VAL C 104 26.72 0.61 2.35
CA VAL C 104 26.15 1.11 1.09
C VAL C 104 24.64 1.18 1.26
N LYS C 105 24.09 0.17 1.93
CA LYS C 105 22.67 0.18 2.24
C LYS C 105 22.28 1.47 2.99
N TYR C 106 23.14 1.87 3.92
CA TYR C 106 22.81 3.03 4.76
C TYR C 106 22.89 4.31 3.97
N MSE C 107 23.83 4.37 3.03
CA MSE C 107 23.95 5.51 2.16
C MSE C 107 22.68 5.66 1.32
O MSE C 107 22.15 6.76 1.16
CB MSE C 107 25.17 5.41 1.24
CG MSE C 107 26.48 5.52 1.97
SE MSE C 107 27.98 5.73 0.72
CE MSE C 107 27.89 4.07 -0.20
N ALA C 108 22.21 4.53 0.80
CA ALA C 108 21.02 4.53 -0.05
C ALA C 108 19.85 5.00 0.80
N PHE C 109 19.85 4.59 2.05
CA PHE C 109 18.79 5.01 3.00
C PHE C 109 18.84 6.53 3.16
N LEU C 110 20.03 7.07 3.38
CA LEU C 110 20.18 8.52 3.61
C LEU C 110 19.81 9.35 2.38
N ARG C 111 20.05 8.81 1.19
CA ARG C 111 19.81 9.55 -0.04
C ARG C 111 18.50 9.13 -0.69
N LYS C 112 17.80 8.21 -0.05
CA LYS C 112 16.53 7.72 -0.60
C LYS C 112 16.73 7.20 -2.02
N LEU C 113 17.73 6.33 -2.19
CA LEU C 113 18.06 5.74 -3.50
C LEU C 113 17.80 4.24 -3.47
N PRO C 114 17.40 3.68 -4.61
CA PRO C 114 17.35 2.23 -4.71
C PRO C 114 18.70 1.63 -4.45
N PHE C 115 18.66 0.48 -3.79
CA PHE C 115 19.85 -0.26 -3.41
C PHE C 115 19.78 -1.72 -3.85
N ILE C 116 20.85 -2.14 -4.54
CA ILE C 116 21.01 -3.51 -4.96
C ILE C 116 22.10 -4.16 -4.10
N SER C 117 21.71 -5.18 -3.37
CA SER C 117 22.62 -5.96 -2.51
C SER C 117 23.23 -7.17 -3.24
N VAL C 118 24.56 -7.19 -3.31
CA VAL C 118 25.29 -8.27 -3.99
C VAL C 118 26.38 -8.81 -3.05
N PRO C 119 25.96 -9.61 -2.06
CA PRO C 119 26.88 -10.10 -1.03
C PRO C 119 27.76 -11.19 -1.53
N THR C 120 29.01 -11.13 -1.11
CA THR C 120 30.01 -12.12 -1.47
C THR C 120 30.22 -13.07 -0.29
N SER C 121 29.49 -12.81 0.78
CA SER C 121 29.39 -13.76 1.88
C SER C 121 28.07 -13.58 2.59
N THR C 122 27.71 -14.56 3.42
CA THR C 122 26.46 -14.48 4.13
C THR C 122 26.63 -14.70 5.61
N SER C 123 27.28 -13.75 6.28
CA SER C 123 27.56 -13.87 7.70
C SER C 123 26.35 -13.56 8.52
N ASN C 124 25.37 -12.98 7.86
CA ASN C 124 24.09 -12.65 8.50
C ASN C 124 23.07 -12.11 7.50
N ASP C 125 21.88 -11.79 7.99
CA ASP C 125 20.75 -11.40 7.12
C ASP C 125 20.69 -9.91 6.81
N GLY C 126 21.79 -9.22 7.10
CA GLY C 126 21.89 -7.81 6.82
C GLY C 126 21.71 -7.53 5.33
N PHE C 127 22.11 -8.48 4.50
CA PHE C 127 22.10 -8.25 3.04
C PHE C 127 20.69 -8.21 2.48
N SER C 128 19.73 -8.65 3.28
CA SER C 128 18.32 -8.66 2.83
C SER C 128 17.35 -7.83 3.66
N SER C 129 17.82 -7.26 4.75
CA SER C 129 16.92 -6.66 5.71
C SER C 129 16.90 -5.13 5.74
N PRO C 130 15.98 -4.59 6.55
CA PRO C 130 15.82 -3.17 6.72
C PRO C 130 16.73 -2.58 7.80
N VAL C 131 17.61 -3.39 8.38
CA VAL C 131 18.50 -2.85 9.40
C VAL C 131 19.95 -2.96 9.01
N ALA C 132 20.69 -1.96 9.45
CA ALA C 132 22.14 -1.89 9.21
C ALA C 132 22.89 -1.97 10.52
N SER C 133 24.01 -2.65 10.47
CA SER C 133 24.90 -2.72 11.62
C SER C 133 26.08 -1.80 11.39
N LEU C 134 26.19 -0.77 12.21
CA LEU C 134 27.22 0.25 12.03
C LEU C 134 27.95 0.55 13.34
N LEU C 135 29.04 1.28 13.19
CA LEU C 135 29.77 1.80 14.37
C LEU C 135 29.23 3.16 14.75
N ILE C 136 28.70 3.21 15.96
CA ILE C 136 28.19 4.45 16.52
C ILE C 136 28.91 4.71 17.84
N ASN C 137 29.84 5.65 17.79
CA ASN C 137 30.64 6.02 18.96
C ASN C 137 31.49 4.84 19.36
N GLY C 138 32.02 4.18 18.34
CA GLY C 138 32.98 3.09 18.52
C GLY C 138 32.30 1.78 18.81
N LYS C 139 30.98 1.81 18.96
CA LYS C 139 30.23 0.61 19.31
C LYS C 139 29.36 0.06 18.16
N ARG C 140 29.48 -1.23 17.89
CA ARG C 140 28.62 -1.87 16.88
C ARG C 140 27.20 -1.78 17.36
N THR C 141 26.34 -1.30 16.47
CA THR C 141 24.97 -0.98 16.80
C THR C 141 24.07 -1.26 15.62
N SER C 142 22.88 -1.77 15.92
CA SER C 142 21.91 -2.05 14.85
C SER C 142 20.99 -0.85 14.75
N VAL C 143 20.87 -0.32 13.53
CA VAL C 143 20.08 0.88 13.26
C VAL C 143 19.15 0.72 12.05
N PRO C 144 18.05 1.46 12.06
CA PRO C 144 17.10 1.38 10.97
C PRO C 144 17.70 1.89 9.70
N ALA C 145 17.41 1.19 8.62
CA ALA C 145 17.83 1.60 7.28
C ALA C 145 16.67 1.36 6.33
N LYS C 146 16.94 0.73 5.20
CA LYS C 146 15.87 0.33 4.30
C LYS C 146 16.20 -0.99 3.64
N THR C 147 15.17 -1.79 3.42
CA THR C 147 15.32 -3.08 2.77
C THR C 147 15.84 -2.88 1.35
N PRO C 148 16.74 -3.75 0.88
CA PRO C 148 17.18 -3.62 -0.49
C PRO C 148 16.05 -3.77 -1.49
N ASP C 149 16.24 -3.16 -2.64
CA ASP C 149 15.28 -3.20 -3.74
C ASP C 149 15.58 -4.42 -4.56
N GLY C 150 16.80 -4.88 -4.40
CA GLY C 150 17.28 -6.03 -5.13
C GLY C 150 18.31 -6.80 -4.34
N ILE C 151 18.20 -8.12 -4.41
CA ILE C 151 19.15 -8.99 -3.75
C ILE C 151 19.64 -10.00 -4.79
N VAL C 152 20.95 -10.04 -4.98
CA VAL C 152 21.60 -10.92 -5.97
C VAL C 152 22.70 -11.74 -5.30
N VAL C 153 22.43 -13.02 -5.04
CA VAL C 153 23.41 -13.88 -4.37
C VAL C 153 23.88 -15.00 -5.27
N ASP C 154 25.17 -14.97 -5.58
CA ASP C 154 25.81 -15.98 -6.40
C ASP C 154 26.44 -17.05 -5.52
N ILE C 155 25.85 -18.24 -5.60
CA ILE C 155 26.22 -19.35 -4.74
C ILE C 155 27.65 -19.80 -5.02
N ASP C 156 28.12 -19.57 -6.23
CA ASP C 156 29.52 -19.93 -6.56
C ASP C 156 30.43 -19.06 -5.74
N VAL C 157 30.08 -17.77 -5.65
CA VAL C 157 30.91 -16.85 -4.87
C VAL C 157 30.86 -17.25 -3.40
N ILE C 158 29.66 -17.59 -2.93
CA ILE C 158 29.47 -17.92 -1.53
C ILE C 158 30.26 -19.20 -1.18
N LYS C 159 30.34 -20.13 -2.12
CA LYS C 159 31.06 -21.41 -1.94
C LYS C 159 32.49 -21.11 -1.54
N GLY C 160 32.99 -20.00 -2.09
CA GLY C 160 34.39 -19.66 -1.95
C GLY C 160 34.68 -18.80 -0.75
N SER C 161 33.66 -18.47 0.04
CA SER C 161 33.87 -17.59 1.19
C SER C 161 34.49 -18.38 2.33
N PRO C 162 35.16 -17.69 3.25
CA PRO C 162 35.75 -18.35 4.42
C PRO C 162 34.66 -18.93 5.33
N GLU C 163 34.96 -20.07 5.93
CA GLU C 163 33.94 -20.80 6.69
C GLU C 163 33.38 -20.01 7.87
N LYS C 164 34.16 -19.07 8.38
CA LYS C 164 33.68 -18.29 9.52
C LYS C 164 32.36 -17.57 9.17
N PHE C 165 32.22 -17.15 7.91
CA PHE C 165 31.05 -16.41 7.52
C PHE C 165 29.85 -17.33 7.39
N ILE C 166 30.11 -18.59 7.05
CA ILE C 166 29.04 -19.56 6.89
C ILE C 166 28.52 -19.93 8.26
N TYR C 167 29.44 -20.13 9.20
CA TYR C 167 29.04 -20.46 10.56
C TYR C 167 28.24 -19.31 11.11
N SER C 168 28.65 -18.10 10.73
CA SER C 168 28.00 -16.91 11.26
C SER C 168 26.58 -16.90 10.73
N GLY C 169 26.44 -17.27 9.47
CA GLY C 169 25.14 -17.30 8.82
C GLY C 169 24.24 -18.37 9.42
N ILE C 170 24.81 -19.50 9.77
CA ILE C 170 24.04 -20.56 10.42
C ILE C 170 23.47 -20.06 11.75
N GLY C 171 24.28 -19.30 12.44
CA GLY C 171 23.90 -18.79 13.73
C GLY C 171 22.76 -17.79 13.63
N ASP C 172 22.81 -16.91 12.64
CA ASP C 172 21.82 -15.83 12.54
C ASP C 172 20.49 -16.45 12.05
N LEU C 173 20.59 -17.57 11.35
CA LEU C 173 19.39 -18.22 10.79
C LEU C 173 18.62 -18.99 11.86
N VAL C 174 19.36 -19.77 12.63
CA VAL C 174 18.75 -20.61 13.64
C VAL C 174 18.03 -19.73 14.66
N SER C 175 18.46 -18.48 14.77
CA SER C 175 17.85 -17.57 15.76
C SER C 175 16.37 -17.32 15.53
N ASN C 176 15.90 -17.61 14.33
CA ASN C 176 14.48 -17.41 14.01
CA ASN C 176 14.49 -17.42 14.01
C ASN C 176 13.59 -18.24 14.95
N ILE C 177 14.09 -19.40 15.36
CA ILE C 177 13.32 -20.33 16.17
C ILE C 177 13.02 -19.73 17.54
N THR C 178 14.06 -19.19 18.19
CA THR C 178 13.89 -18.57 19.51
C THR C 178 13.22 -17.22 19.39
N ALA C 179 13.48 -16.49 18.30
CA ALA C 179 12.87 -15.16 18.11
C ALA C 179 11.36 -15.28 18.03
N LEU C 180 10.90 -16.26 17.29
CA LEU C 180 9.46 -16.45 17.11
C LEU C 180 8.80 -16.82 18.44
N TYR C 181 9.51 -17.61 19.24
CA TYR C 181 8.98 -18.05 20.53
C TYR C 181 8.84 -16.84 21.46
N ASP C 182 9.87 -16.01 21.49
CA ASP C 182 9.82 -14.78 22.29
C ASP C 182 8.69 -13.88 21.81
N TRP C 183 8.50 -13.84 20.50
CA TRP C 183 7.48 -12.96 19.93
C TRP C 183 6.11 -13.41 20.42
N LYS C 184 5.90 -14.71 20.43
CA LYS C 184 4.61 -15.26 20.86
C LYS C 184 4.39 -14.96 22.35
N PHE C 185 5.47 -15.07 23.11
CA PHE C 185 5.43 -14.81 24.56
C PHE C 185 5.08 -13.33 24.80
N GLU C 186 5.60 -12.49 23.93
CA GLU C 186 5.40 -11.06 24.03
C GLU C 186 3.92 -10.74 23.81
N GLU C 187 3.35 -11.40 22.80
CA GLU C 187 1.96 -11.19 22.45
C GLU C 187 1.04 -11.66 23.55
N GLU C 188 1.38 -12.78 24.16
CA GLU C 188 0.56 -13.34 25.24
C GLU C 188 0.52 -12.37 26.41
N ASN C 189 1.53 -11.51 26.46
CA ASN C 189 1.68 -10.51 27.52
C ASN C 189 1.26 -9.14 27.04
N HIS C 190 0.55 -9.15 25.91
CA HIS C 190 -0.05 -7.93 25.34
C HIS C 190 0.95 -6.81 25.08
N LYS C 191 2.17 -7.17 24.78
CA LYS C 191 3.22 -6.20 24.54
C LYS C 191 3.59 -6.12 23.07
N SER C 192 2.89 -6.90 22.27
CA SER C 192 2.90 -6.73 20.81
C SER C 192 1.89 -7.62 20.12
N ILE C 193 1.82 -7.45 18.80
CA ILE C 193 0.90 -8.21 17.96
C ILE C 193 1.67 -8.90 16.85
N ILE C 194 1.46 -10.19 16.73
CA ILE C 194 2.15 -10.98 15.72
C ILE C 194 1.59 -10.77 14.31
N ASP C 195 2.52 -10.72 13.36
CA ASP C 195 2.21 -10.69 11.94
C ASP C 195 2.30 -12.12 11.42
N ASP C 196 1.14 -12.68 11.14
CA ASP C 196 1.02 -14.11 10.79
C ASP C 196 1.82 -14.49 9.56
N PHE C 197 1.78 -13.66 8.52
CA PHE C 197 2.50 -14.01 7.31
C PHE C 197 4.00 -13.96 7.56
N ALA C 198 4.44 -12.98 8.33
CA ALA C 198 5.89 -12.87 8.63
C ALA C 198 6.35 -14.14 9.39
N VAL C 199 5.51 -14.61 10.29
CA VAL C 199 5.83 -15.82 11.05
C VAL C 199 5.92 -17.01 10.09
N MSE C 200 4.96 -17.09 9.20
CA MSE C 200 4.87 -18.22 8.29
C MSE C 200 6.09 -18.38 7.36
O MSE C 200 6.58 -19.47 7.15
CB MSE C 200 3.66 -18.11 7.41
CG MSE C 200 3.42 -19.34 6.60
SE MSE C 200 1.65 -19.22 5.72
CE MSE C 200 1.24 -21.17 5.74
N ILE C 201 6.56 -17.28 6.81
CA ILE C 201 7.69 -17.36 5.91
C ILE C 201 9.01 -17.60 6.65
N SER C 202 9.21 -16.88 7.74
CA SER C 202 10.42 -17.05 8.53
C SER C 202 10.50 -18.55 8.97
N LYS C 203 9.41 -19.03 9.53
CA LYS C 203 9.34 -20.38 10.01
C LYS C 203 9.64 -21.36 8.88
N LYS C 204 9.09 -21.10 7.71
CA LYS C 204 9.24 -22.04 6.57
C LYS C 204 10.69 -22.04 6.12
N SER C 205 11.33 -20.87 6.15
CA SER C 205 12.71 -20.76 5.65
C SER C 205 13.62 -21.59 6.54
N VAL C 206 13.48 -21.37 7.83
CA VAL C 206 14.27 -22.04 8.83
C VAL C 206 14.07 -23.57 8.80
N ASN C 207 12.82 -24.00 8.74
CA ASN C 207 12.52 -25.44 8.80
C ASN C 207 13.01 -26.17 7.55
N SER C 208 13.05 -25.45 6.45
CA SER C 208 13.57 -26.02 5.22
C SER C 208 15.07 -26.30 5.34
N PHE C 209 15.76 -25.34 5.95
CA PHE C 209 17.20 -25.40 6.12
C PHE C 209 17.59 -26.52 7.09
N VAL C 210 16.95 -26.48 8.25
CA VAL C 210 17.22 -27.43 9.32
C VAL C 210 17.04 -28.89 8.88
N ARG C 211 16.18 -29.11 7.90
CA ARG C 211 15.86 -30.47 7.46
C ARG C 211 16.79 -30.93 6.36
N THR C 212 17.52 -30.00 5.76
CA THR C 212 18.36 -30.33 4.60
C THR C 212 19.56 -31.20 4.98
N ASP C 213 19.64 -32.36 4.34
CA ASP C 213 20.81 -33.24 4.51
C ASP C 213 22.02 -32.57 3.93
N PHE C 214 23.17 -32.93 4.46
CA PHE C 214 24.40 -32.32 3.97
C PHE C 214 25.68 -33.08 4.31
N LYS C 215 26.57 -33.07 3.31
CA LYS C 215 27.88 -33.67 3.44
C LYS C 215 28.79 -32.65 4.12
N SER C 216 28.78 -31.42 3.63
CA SER C 216 29.55 -30.35 4.25
C SER C 216 28.88 -29.00 4.18
N ILE C 217 29.45 -28.03 4.87
CA ILE C 217 28.86 -26.70 4.91
C ILE C 217 29.12 -25.92 3.62
N LYS C 218 29.99 -26.44 2.77
CA LYS C 218 30.25 -25.77 1.48
C LYS C 218 29.50 -26.47 0.35
N ASP C 219 28.63 -27.38 0.76
CA ASP C 219 27.69 -28.05 -0.14
C ASP C 219 26.78 -27.03 -0.80
N GLU C 220 26.61 -27.18 -2.09
CA GLU C 220 25.85 -26.21 -2.89
C GLU C 220 24.38 -26.12 -2.48
N VAL C 221 23.80 -27.27 -2.17
CA VAL C 221 22.38 -27.35 -1.81
C VAL C 221 22.22 -26.74 -0.44
N PHE C 222 23.17 -27.03 0.43
CA PHE C 222 23.17 -26.51 1.78
C PHE C 222 23.24 -24.99 1.77
N LEU C 223 24.18 -24.47 0.97
CA LEU C 223 24.41 -23.02 0.89
C LEU C 223 23.18 -22.32 0.30
N LYS C 224 22.59 -22.95 -0.70
CA LYS C 224 21.45 -22.34 -1.38
C LYS C 224 20.30 -22.22 -0.42
N GLU C 225 20.17 -23.22 0.45
CA GLU C 225 19.13 -23.20 1.48
C GLU C 225 19.43 -22.16 2.54
N LEU C 226 20.69 -22.08 2.94
CA LEU C 226 21.11 -21.10 3.94
C LEU C 226 20.77 -19.72 3.42
N VAL C 227 21.19 -19.44 2.19
CA VAL C 227 21.00 -18.09 1.63
C VAL C 227 19.51 -17.77 1.45
N ASP C 228 18.73 -18.73 0.96
CA ASP C 228 17.29 -18.52 0.77
C ASP C 228 16.64 -18.10 2.09
N SER C 229 16.98 -18.81 3.16
CA SER C 229 16.39 -18.49 4.44
C SER C 229 16.79 -17.12 4.99
N LEU C 230 18.08 -16.78 4.89
CA LEU C 230 18.57 -15.50 5.36
C LEU C 230 17.87 -14.41 4.57
N THR C 231 17.62 -14.68 3.30
CA THR C 231 16.95 -13.67 2.44
C THR C 231 15.53 -13.48 2.96
N MSE C 232 14.90 -14.62 3.19
N MSE C 232 14.92 -14.63 3.21
CA MSE C 232 13.53 -14.67 3.69
CA MSE C 232 13.57 -14.71 3.71
C MSE C 232 13.40 -13.92 5.00
C MSE C 232 13.41 -13.93 4.99
O MSE C 232 12.40 -13.24 5.24
O MSE C 232 12.40 -13.26 5.22
CB MSE C 232 13.08 -16.10 3.92
CB MSE C 232 13.23 -16.16 3.98
CG MSE C 232 11.60 -16.26 3.72
CG MSE C 232 11.89 -16.55 3.46
SE MSE C 232 10.85 -16.06 1.99
SE MSE C 232 12.09 -18.03 2.15
CE MSE C 232 10.29 -17.87 1.46
CE MSE C 232 10.27 -18.71 2.15
N ASN C 233 14.41 -14.06 5.85
CA ASN C 233 14.37 -13.43 7.17
C ASN C 233 14.28 -11.93 7.03
N GLY C 234 15.08 -11.39 6.13
CA GLY C 234 15.06 -9.96 5.85
C GLY C 234 13.68 -9.51 5.39
N ILE C 235 13.09 -10.27 4.48
CA ILE C 235 11.81 -9.88 3.91
C ILE C 235 10.75 -10.00 4.99
N ALA C 236 10.91 -10.97 5.88
CA ALA C 236 9.93 -11.18 6.95
C ALA C 236 9.93 -9.93 7.84
N MSE C 237 11.12 -9.37 8.06
CA MSE C 237 11.23 -8.17 8.89
C MSE C 237 10.55 -7.00 8.21
O MSE C 237 9.88 -6.19 8.86
CB MSE C 237 12.70 -7.83 9.17
CG MSE C 237 13.36 -8.79 10.09
SE MSE C 237 15.22 -8.47 10.30
CE MSE C 237 15.30 -6.78 10.95
N GLU C 238 10.75 -6.90 6.91
CA GLU C 238 10.15 -5.83 6.13
C GLU C 238 8.63 -5.93 6.24
N ILE C 239 8.13 -7.15 6.11
CA ILE C 239 6.71 -7.39 6.14
C ILE C 239 6.14 -7.04 7.51
N ALA C 240 6.84 -7.41 8.58
CA ALA C 240 6.33 -7.18 9.95
C ALA C 240 6.43 -5.70 10.34
N GLY C 241 7.38 -5.02 9.73
CA GLY C 241 7.60 -3.59 10.04
C GLY C 241 8.51 -3.46 11.25
N ASN C 242 9.00 -4.60 11.72
CA ASN C 242 10.00 -4.61 12.79
C ASN C 242 10.87 -5.84 12.70
N SER C 243 11.82 -5.94 13.63
CA SER C 243 12.81 -6.99 13.58
C SER C 243 12.40 -8.30 14.26
N SER C 244 11.27 -8.29 14.93
CA SER C 244 10.87 -9.43 15.77
C SER C 244 10.89 -10.78 15.06
N PRO C 245 10.49 -10.85 13.78
CA PRO C 245 10.48 -12.17 13.18
C PRO C 245 11.83 -12.85 13.22
N ALA C 246 12.88 -12.07 13.30
CA ALA C 246 14.23 -12.64 13.25
C ALA C 246 15.08 -12.20 14.42
N SER C 247 14.51 -11.44 15.33
CA SER C 247 15.29 -10.89 16.43
C SER C 247 14.49 -10.91 17.74
N GLY C 248 14.92 -11.82 18.61
CA GLY C 248 14.41 -11.94 19.96
C GLY C 248 15.50 -11.71 21.00
N ALA C 249 15.33 -12.37 22.15
CA ALA C 249 16.29 -12.22 23.24
C ALA C 249 17.69 -12.61 22.78
N GLU C 250 17.78 -13.65 21.98
CA GLU C 250 19.07 -14.12 21.55
C GLU C 250 19.81 -12.96 20.91
N HIS C 251 19.09 -12.17 20.11
CA HIS C 251 19.72 -10.99 19.47
C HIS C 251 20.06 -9.90 20.48
N LEU C 252 19.18 -9.72 21.46
CA LEU C 252 19.39 -8.68 22.46
C LEU C 252 20.66 -9.02 23.21
N ILE C 253 20.94 -10.32 23.37
CA ILE C 253 22.16 -10.74 24.08
C ILE C 253 23.36 -10.28 23.31
N SER C 254 23.32 -10.53 22.00
CA SER C 254 24.43 -10.18 21.12
C SER C 254 24.66 -8.68 21.05
N HIS C 255 23.56 -7.91 20.97
CA HIS C 255 23.67 -6.44 20.93
C HIS C 255 24.25 -5.91 22.23
N ALA C 256 23.91 -6.56 23.34
CA ALA C 256 24.40 -6.14 24.66
C ALA C 256 25.90 -6.37 24.70
N LEU C 257 26.35 -7.51 24.16
CA LEU C 257 27.78 -7.83 24.14
C LEU C 257 28.51 -6.73 23.39
N ASP C 258 27.92 -6.31 22.29
CA ASP C 258 28.54 -5.32 21.42
C ASP C 258 28.78 -4.02 22.14
N LYS C 259 28.01 -3.75 23.19
CA LYS C 259 28.07 -2.45 23.85
C LYS C 259 29.23 -2.38 24.82
N PHE C 260 29.72 -3.52 25.31
CA PHE C 260 30.80 -3.47 26.30
C PHE C 260 32.07 -4.17 25.85
N LEU C 261 31.97 -5.04 24.85
CA LEU C 261 33.17 -5.69 24.34
C LEU C 261 33.85 -4.74 23.37
N PRO C 262 35.19 -4.68 23.44
CA PRO C 262 35.96 -3.85 22.52
C PRO C 262 36.07 -4.56 21.20
N ASN C 263 36.17 -5.88 21.29
CA ASN C 263 36.30 -6.74 20.09
C ASN C 263 35.29 -7.88 20.00
N PRO C 264 34.05 -7.52 19.68
CA PRO C 264 33.03 -8.55 19.58
C PRO C 264 33.27 -9.49 18.42
N GLN C 265 32.75 -10.70 18.55
CA GLN C 265 32.84 -11.67 17.49
C GLN C 265 31.74 -11.36 16.44
N LEU C 266 31.76 -12.14 15.36
CA LEU C 266 30.75 -11.95 14.33
C LEU C 266 29.35 -12.00 14.97
N HIS C 267 28.49 -11.14 14.49
CA HIS C 267 27.09 -11.08 14.93
C HIS C 267 26.48 -12.48 14.97
N GLY C 268 26.61 -13.17 13.86
CA GLY C 268 26.05 -14.51 13.70
C GLY C 268 26.54 -15.51 14.71
N ILE C 269 27.83 -15.38 15.06
CA ILE C 269 28.46 -16.30 15.99
C ILE C 269 27.91 -16.05 17.37
N GLN C 270 27.87 -14.79 17.74
CA GLN C 270 27.31 -14.42 19.05
C GLN C 270 25.84 -14.84 19.10
N VAL C 271 25.11 -14.58 18.02
CA VAL C 271 23.68 -14.88 18.01
C VAL C 271 23.41 -16.37 18.10
N GLY C 272 24.28 -17.15 17.49
CA GLY C 272 24.12 -18.59 17.52
C GLY C 272 24.24 -19.17 18.91
N VAL C 273 25.28 -18.75 19.62
CA VAL C 273 25.51 -19.24 20.97
C VAL C 273 24.31 -18.80 21.79
N ALA C 274 23.92 -17.55 21.61
CA ALA C 274 22.81 -16.99 22.37
C ALA C 274 21.52 -17.80 22.12
N THR C 275 21.40 -18.32 20.89
CA THR C 275 20.19 -19.05 20.50
C THR C 275 20.14 -20.38 21.24
N TYR C 276 21.29 -21.03 21.30
CA TYR C 276 21.39 -22.28 22.04
C TYR C 276 20.94 -22.03 23.49
N ILE C 277 21.47 -20.96 24.06
CA ILE C 277 21.18 -20.63 25.44
C ILE C 277 19.70 -20.40 25.65
N MSE C 278 19.11 -19.62 24.76
CA MSE C 278 17.70 -19.25 24.87
C MSE C 278 16.78 -20.43 24.66
O MSE C 278 15.66 -20.48 25.18
CB MSE C 278 17.34 -18.13 23.89
CG MSE C 278 17.90 -16.78 24.30
SE MSE C 278 17.45 -16.26 26.14
CE MSE C 278 15.51 -16.46 26.06
N SER C 279 17.23 -21.39 23.87
CA SER C 279 16.42 -22.60 23.63
C SER C 279 16.24 -23.34 24.96
N LYS C 280 17.28 -23.32 25.79
CA LYS C 280 17.26 -24.08 27.06
C LYS C 280 16.42 -23.31 28.06
N VAL C 281 16.44 -22.00 27.94
CA VAL C 281 15.62 -21.13 28.79
C VAL C 281 14.15 -21.27 28.38
N HIS C 282 13.90 -21.30 27.08
CA HIS C 282 12.53 -21.48 26.59
C HIS C 282 12.02 -22.89 26.85
N LYS C 283 12.94 -23.86 26.86
CA LYS C 283 12.60 -25.29 26.91
C LYS C 283 11.74 -25.58 25.68
N HIS C 284 12.27 -25.13 24.55
CA HIS C 284 11.57 -25.21 23.27
C HIS C 284 12.54 -25.43 22.12
N ARG C 285 12.30 -26.49 21.37
CA ARG C 285 13.08 -26.84 20.18
C ARG C 285 14.56 -27.03 20.49
N GLU C 286 14.82 -27.46 21.71
CA GLU C 286 16.21 -27.67 22.18
C GLU C 286 16.98 -28.65 21.31
N GLU C 287 16.36 -29.78 21.01
CA GLU C 287 17.08 -30.84 20.29
C GLU C 287 17.40 -30.44 18.86
N ARG C 288 16.47 -29.75 18.22
CA ARG C 288 16.68 -29.29 16.85
C ARG C 288 17.87 -28.32 16.76
N ILE C 289 17.88 -27.40 17.71
CA ILE C 289 18.91 -26.36 17.74
C ILE C 289 20.25 -26.98 18.06
N LYS C 290 20.27 -27.90 19.03
CA LYS C 290 21.50 -28.59 19.42
C LYS C 290 22.01 -29.37 18.23
N LYS C 291 21.12 -30.06 17.55
CA LYS C 291 21.52 -30.94 16.44
C LYS C 291 22.13 -30.15 15.30
N ILE C 292 21.49 -29.06 14.91
CA ILE C 292 21.94 -28.30 13.75
C ILE C 292 23.29 -27.62 14.02
N LEU C 293 23.42 -27.06 15.22
CA LEU C 293 24.65 -26.37 15.60
C LEU C 293 25.81 -27.35 15.82
N SER C 294 25.49 -28.60 16.13
CA SER C 294 26.53 -29.62 16.30
C SER C 294 26.92 -30.16 14.94
N ASP C 295 25.92 -30.71 14.27
CA ASP C 295 26.13 -31.36 12.98
C ASP C 295 26.87 -30.48 11.98
N THR C 296 26.66 -29.16 12.01
CA THR C 296 27.28 -28.27 11.05
C THR C 296 28.70 -27.95 11.46
N GLY C 297 29.06 -28.28 12.69
CA GLY C 297 30.38 -27.94 13.20
C GLY C 297 30.45 -26.55 13.83
N PHE C 298 29.28 -25.93 13.99
CA PHE C 298 29.21 -24.59 14.58
C PHE C 298 29.88 -24.55 15.96
N PHE C 299 29.49 -25.49 16.80
CA PHE C 299 30.01 -25.51 18.17
C PHE C 299 31.51 -25.73 18.14
N ASN C 300 31.92 -26.67 17.30
N ASN C 300 31.94 -26.67 17.32
CA ASN C 300 33.34 -26.98 17.13
CA ASN C 300 33.36 -27.01 17.24
C ASN C 300 34.10 -25.70 16.92
C ASN C 300 34.16 -25.76 16.84
N TYR C 301 33.63 -24.99 15.90
CA TYR C 301 34.27 -23.74 15.45
C TYR C 301 34.33 -22.69 16.54
N VAL C 302 33.22 -22.54 17.24
CA VAL C 302 33.10 -21.51 18.27
C VAL C 302 34.09 -21.73 19.41
N LYS C 303 34.42 -22.99 19.67
CA LYS C 303 35.34 -23.32 20.78
C LYS C 303 36.66 -22.60 20.60
N GLY C 304 37.10 -22.49 19.34
CA GLY C 304 38.37 -21.88 19.03
C GLY C 304 38.46 -20.37 19.25
N LEU C 305 37.32 -19.76 19.55
CA LEU C 305 37.26 -18.29 19.67
C LEU C 305 37.44 -17.79 21.11
N ASN C 306 37.31 -18.71 22.05
CA ASN C 306 37.48 -18.38 23.47
C ASN C 306 36.59 -17.24 23.96
N MSE C 307 35.31 -17.31 23.64
CA MSE C 307 34.36 -16.37 24.23
C MSE C 307 34.16 -16.73 25.70
O MSE C 307 34.20 -17.91 26.09
CB MSE C 307 33.03 -16.35 23.45
CG MSE C 307 33.15 -15.65 22.09
SE MSE C 307 31.50 -15.78 21.02
CE MSE C 307 31.58 -17.70 20.73
N LYS C 308 34.00 -15.68 26.51
CA LYS C 308 33.95 -15.83 27.97
C LYS C 308 32.54 -16.03 28.47
N LYS C 309 32.40 -16.95 29.40
CA LYS C 309 31.13 -17.17 30.11
C LYS C 309 30.69 -15.87 30.79
N SER C 310 31.66 -15.16 31.33
CA SER C 310 31.34 -13.98 32.15
C SER C 310 30.74 -12.89 31.27
N ASP C 311 31.20 -12.83 30.03
CA ASP C 311 30.68 -11.82 29.11
C ASP C 311 29.24 -12.12 28.74
N PHE C 312 28.95 -13.40 28.53
CA PHE C 312 27.55 -13.79 28.25
C PHE C 312 26.67 -13.51 29.45
N LYS C 313 27.15 -13.83 30.66
CA LYS C 313 26.31 -13.62 31.83
C LYS C 313 25.91 -12.17 31.92
N ARG C 314 26.85 -11.28 31.62
CA ARG C 314 26.59 -9.84 31.71
C ARG C 314 25.63 -9.40 30.60
N ALA C 315 25.85 -9.94 29.42
CA ALA C 315 25.00 -9.60 28.27
C ALA C 315 23.58 -10.02 28.56
N ILE C 316 23.45 -11.17 29.21
CA ILE C 316 22.13 -11.70 29.58
C ILE C 316 21.44 -10.68 30.48
N SER C 317 22.18 -10.16 31.46
CA SER C 317 21.61 -9.23 32.44
C SER C 317 21.19 -7.91 31.82
N GLU C 318 21.91 -7.53 30.77
CA GLU C 318 21.75 -6.23 30.14
C GLU C 318 20.94 -6.30 28.83
N ALA C 319 20.51 -7.50 28.48
CA ALA C 319 19.81 -7.71 27.21
C ALA C 319 18.57 -6.81 27.10
N HIS C 320 17.85 -6.72 28.20
CA HIS C 320 16.59 -6.01 28.23
C HIS C 320 16.79 -4.52 27.97
N LEU C 321 17.99 -4.01 28.24
CA LEU C 321 18.23 -2.56 28.13
C LEU C 321 18.28 -2.15 26.66
N ILE C 322 18.55 -3.09 25.79
CA ILE C 322 18.64 -2.79 24.36
C ILE C 322 17.26 -2.42 23.79
N LYS C 323 16.21 -3.10 24.24
CA LYS C 323 14.84 -2.79 23.83
C LYS C 323 13.91 -2.89 25.04
N PRO C 324 13.88 -1.84 25.88
CA PRO C 324 13.18 -1.95 27.17
C PRO C 324 11.68 -1.99 27.07
N ALA C 325 11.12 -1.68 25.92
CA ALA C 325 9.65 -1.64 25.79
C ALA C 325 9.15 -2.99 25.30
N ARG C 326 10.09 -3.84 24.89
CA ARG C 326 9.73 -5.20 24.49
C ARG C 326 9.53 -6.07 25.71
N TYR C 327 9.07 -7.29 25.45
CA TYR C 327 8.84 -8.23 26.54
C TYR C 327 9.17 -9.65 26.14
N THR C 328 10.48 -9.89 26.03
CA THR C 328 11.01 -11.20 25.73
C THR C 328 11.17 -11.94 27.03
N TYR C 329 11.63 -13.17 26.95
CA TYR C 329 11.89 -13.95 28.18
C TYR C 329 12.87 -13.23 29.08
N LEU C 330 13.82 -12.51 28.49
CA LEU C 330 14.93 -11.87 29.24
C LEU C 330 14.49 -10.50 29.79
N HIS C 331 13.20 -10.22 29.70
CA HIS C 331 12.67 -9.03 30.34
C HIS C 331 12.09 -9.43 31.68
N VAL C 332 12.29 -10.72 31.99
CA VAL C 332 11.86 -11.30 33.27
C VAL C 332 13.06 -11.81 34.05
N GLU C 333 13.25 -11.26 35.24
CA GLU C 333 14.44 -11.53 36.06
C GLU C 333 14.72 -13.03 36.23
N LYS C 334 13.68 -13.78 36.53
CA LYS C 334 13.81 -15.21 36.77
C LYS C 334 14.47 -15.89 35.57
N ASN C 335 14.02 -15.52 34.39
CA ASN C 335 14.51 -16.16 33.16
C ASN C 335 15.98 -15.82 32.93
N CYS C 336 16.39 -14.68 33.48
CA CYS C 336 17.79 -14.24 33.36
C CYS C 336 18.70 -15.06 34.23
N GLU C 337 18.17 -15.45 35.36
CA GLU C 337 18.96 -16.21 36.32
C GLU C 337 19.06 -17.60 35.77
N THR C 338 17.98 -18.09 35.19
CA THR C 338 17.99 -19.41 34.59
C THR C 338 19.04 -19.41 33.47
N ALA C 339 19.06 -18.31 32.71
CA ALA C 339 19.97 -18.20 31.57
C ALA C 339 21.40 -18.24 32.06
N LYS C 340 21.64 -17.57 33.18
CA LYS C 340 22.99 -17.50 33.75
C LYS C 340 23.41 -18.84 34.33
N GLU C 341 22.46 -19.56 34.92
CA GLU C 341 22.74 -20.88 35.51
C GLU C 341 23.03 -21.86 34.39
N ILE C 342 22.45 -21.59 33.23
CA ILE C 342 22.66 -22.46 32.05
C ILE C 342 24.08 -22.29 31.56
N VAL C 343 24.54 -21.04 31.54
CA VAL C 343 25.89 -20.72 31.07
C VAL C 343 26.94 -21.32 32.00
N ASP C 344 26.58 -21.51 33.26
CA ASP C 344 27.56 -22.02 34.26
C ASP C 344 27.59 -23.53 34.29
N THR C 345 26.50 -24.14 33.84
CA THR C 345 26.25 -25.57 34.01
C THR C 345 26.36 -26.38 32.74
N ASP C 346 25.58 -25.98 31.76
CA ASP C 346 25.51 -26.73 30.50
C ASP C 346 26.84 -27.26 30.02
N GLU C 347 26.78 -28.50 29.54
CA GLU C 347 27.99 -29.24 29.16
C GLU C 347 28.63 -28.65 27.90
N ILE C 348 27.81 -28.38 26.89
CA ILE C 348 28.33 -27.81 25.66
C ILE C 348 28.97 -26.46 25.92
N LEU C 349 28.30 -25.62 26.69
CA LEU C 349 28.83 -24.29 26.98
C LEU C 349 30.12 -24.40 27.76
N ARG C 350 30.19 -25.34 28.71
CA ARG C 350 31.37 -25.48 29.57
C ARG C 350 32.55 -25.75 28.65
N ASN C 351 32.26 -26.41 27.54
CA ASN C 351 33.30 -26.80 26.59
C ASN C 351 33.75 -25.68 25.68
N ILE C 352 32.77 -25.01 25.08
CA ILE C 352 33.01 -23.97 24.06
C ILE C 352 33.10 -22.56 24.62
N LEU C 353 33.22 -22.38 25.92
CA LEU C 353 33.35 -21.03 26.45
C LEU C 353 34.35 -21.09 27.59
N VAL C 354 35.07 -20.02 27.79
CA VAL C 354 36.11 -20.01 28.80
C VAL C 354 35.82 -19.02 29.93
N SER D 6 -0.28 -1.19 -11.44
CA SER D 6 -0.90 -0.20 -10.50
C SER D 6 -1.88 -0.93 -9.57
N HIS D 7 -1.30 -1.79 -8.72
CA HIS D 7 -2.04 -2.85 -8.02
C HIS D 7 -1.70 -3.01 -6.53
N ARG D 8 -2.75 -3.27 -5.74
CA ARG D 8 -2.69 -3.30 -4.27
C ARG D 8 -2.78 -4.69 -3.63
N ILE D 9 -1.91 -4.92 -2.67
CA ILE D 9 -1.72 -6.25 -2.07
C ILE D 9 -2.36 -6.34 -0.70
N ALA D 10 -3.20 -7.32 -0.52
CA ALA D 10 -3.87 -7.57 0.78
C ALA D 10 -3.50 -8.96 1.30
N ILE D 11 -2.40 -9.01 2.03
CA ILE D 11 -1.97 -10.25 2.65
C ILE D 11 -2.98 -10.56 3.77
N PRO D 12 -3.45 -11.80 3.87
CA PRO D 12 -4.34 -12.10 4.98
C PRO D 12 -3.77 -11.80 6.35
N LEU D 13 -4.66 -11.25 7.18
CA LEU D 13 -4.35 -10.89 8.55
C LEU D 13 -4.17 -12.11 9.43
N ILE D 14 -4.99 -13.13 9.13
CA ILE D 14 -5.05 -14.35 9.96
C ILE D 14 -4.66 -15.57 9.13
N LEU D 15 -3.66 -16.28 9.61
CA LEU D 15 -3.24 -17.51 8.99
C LEU D 15 -2.96 -18.54 10.05
N GLU D 16 -3.76 -19.59 10.07
CA GLU D 16 -3.65 -20.66 11.08
C GLU D 16 -3.84 -22.00 10.41
N VAL D 17 -2.78 -22.78 10.42
CA VAL D 17 -2.83 -24.12 9.91
C VAL D 17 -2.24 -25.06 10.94
N GLY D 18 -3.09 -25.94 11.46
CA GLY D 18 -2.66 -26.92 12.48
C GLY D 18 -3.79 -27.60 13.21
N ASN D 19 -3.50 -27.92 14.46
CA ASN D 19 -4.41 -28.69 15.31
C ASN D 19 -5.22 -27.80 16.22
N ASN D 20 -6.41 -28.30 16.54
CA ASN D 20 -7.29 -27.61 17.48
C ASN D 20 -7.59 -26.19 17.05
N LYS D 21 -7.93 -26.01 15.78
CA LYS D 21 -8.25 -24.68 15.30
C LYS D 21 -9.73 -24.35 15.31
N ILE D 22 -10.54 -25.33 14.95
CA ILE D 22 -12.00 -25.12 14.89
C ILE D 22 -12.53 -24.63 16.21
N TYR D 23 -12.12 -25.35 17.25
CA TYR D 23 -12.55 -25.06 18.60
C TYR D 23 -12.17 -23.68 19.08
N ASN D 24 -11.09 -23.14 18.55
CA ASN D 24 -10.56 -21.89 19.03
C ASN D 24 -10.77 -20.76 18.00
N ILE D 25 -11.71 -21.00 17.11
CA ILE D 25 -11.97 -20.08 16.00
C ILE D 25 -12.28 -18.69 16.54
N GLY D 26 -12.97 -18.65 17.67
CA GLY D 26 -13.33 -17.41 18.33
C GLY D 26 -12.13 -16.54 18.64
N GLN D 27 -11.17 -17.12 19.35
CA GLN D 27 -9.96 -16.39 19.78
C GLN D 27 -9.12 -16.08 18.55
N ILE D 28 -9.18 -16.97 17.57
CA ILE D 28 -8.35 -16.81 16.37
C ILE D 28 -8.81 -15.56 15.61
N ILE D 29 -10.13 -15.39 15.45
CA ILE D 29 -10.63 -14.31 14.61
C ILE D 29 -10.80 -13.00 15.38
N LYS D 30 -10.55 -13.05 16.68
CA LYS D 30 -10.71 -11.85 17.54
C LYS D 30 -9.77 -10.76 17.05
N LYS D 31 -8.68 -11.20 16.45
CA LYS D 31 -7.68 -10.27 15.94
C LYS D 31 -8.30 -9.31 14.90
N GLY D 32 -9.36 -9.76 14.26
CA GLY D 32 -10.01 -8.98 13.20
C GLY D 32 -10.91 -7.90 13.77
N ASN D 33 -11.17 -7.99 15.06
CA ASN D 33 -12.00 -6.98 15.75
CA ASN D 33 -11.99 -7.00 15.74
C ASN D 33 -13.42 -6.93 15.21
N PHE D 34 -13.90 -8.06 14.70
CA PHE D 34 -15.29 -8.15 14.16
C PHE D 34 -16.29 -8.11 15.29
N LYS D 35 -17.36 -7.36 15.12
CA LYS D 35 -18.37 -7.23 16.17
C LYS D 35 -19.54 -8.15 15.88
N ARG D 36 -19.80 -8.38 14.60
CA ARG D 36 -20.98 -9.13 14.17
C ARG D 36 -20.80 -9.86 12.85
N VAL D 37 -20.89 -11.17 12.94
CA VAL D 37 -20.59 -12.04 11.80
C VAL D 37 -21.75 -12.94 11.43
N SER D 38 -21.68 -13.41 10.20
CA SER D 38 -22.57 -14.45 9.70
C SER D 38 -21.76 -15.67 9.30
N LEU D 39 -22.29 -16.83 9.68
CA LEU D 39 -21.66 -18.11 9.35
C LEU D 39 -22.39 -18.83 8.24
N TYR D 40 -21.64 -19.21 7.23
CA TYR D 40 -22.16 -19.97 6.09
C TYR D 40 -21.48 -21.33 6.03
N PHE D 41 -22.31 -22.35 6.19
CA PHE D 41 -21.86 -23.74 6.23
C PHE D 41 -22.27 -24.50 4.99
N GLY D 42 -21.33 -25.28 4.49
CA GLY D 42 -21.64 -26.25 3.46
C GLY D 42 -22.57 -27.31 3.99
N GLU D 43 -23.25 -28.01 3.10
CA GLU D 43 -24.21 -29.05 3.51
C GLU D 43 -23.55 -30.13 4.36
N GLY D 44 -24.22 -30.41 5.46
CA GLY D 44 -23.79 -31.42 6.41
C GLY D 44 -22.71 -30.95 7.37
N ILE D 45 -22.12 -29.79 7.07
CA ILE D 45 -20.98 -29.35 7.85
C ILE D 45 -21.38 -28.86 9.24
N TYR D 46 -22.54 -28.22 9.35
CA TYR D 46 -22.99 -27.71 10.65
C TYR D 46 -23.13 -28.86 11.61
N GLU D 47 -23.70 -29.94 11.10
CA GLU D 47 -23.99 -31.15 11.91
C GLU D 47 -22.69 -31.62 12.59
N LEU D 48 -21.58 -31.43 11.88
CA LEU D 48 -20.27 -31.91 12.35
C LEU D 48 -19.59 -30.92 13.33
N PHE D 49 -19.55 -29.64 12.98
CA PHE D 49 -18.73 -28.67 13.74
C PHE D 49 -19.45 -27.41 14.20
N GLY D 50 -20.72 -27.32 13.87
CA GLY D 50 -21.51 -26.09 14.04
C GLY D 50 -21.59 -25.57 15.45
N GLU D 51 -22.03 -26.42 16.35
CA GLU D 51 -22.24 -26.00 17.72
C GLU D 51 -20.93 -25.49 18.30
N THR D 52 -19.88 -26.26 18.13
CA THR D 52 -18.58 -25.87 18.66
C THR D 52 -18.14 -24.51 18.14
N ILE D 53 -18.33 -24.31 16.84
CA ILE D 53 -17.91 -23.06 16.21
C ILE D 53 -18.71 -21.91 16.79
N GLU D 54 -20.02 -22.09 16.93
CA GLU D 54 -20.90 -21.03 17.47
C GLU D 54 -20.49 -20.69 18.88
N LYS D 55 -20.27 -21.72 19.67
CA LYS D 55 -19.93 -21.53 21.09
C LYS D 55 -18.67 -20.72 21.19
N SER D 56 -17.70 -21.14 20.41
CA SER D 56 -16.39 -20.53 20.42
C SER D 56 -16.48 -19.06 20.05
N ILE D 57 -17.29 -18.74 19.05
CA ILE D 57 -17.41 -17.36 18.57
C ILE D 57 -18.15 -16.53 19.61
N LYS D 58 -19.25 -17.06 20.11
CA LYS D 58 -20.05 -16.32 21.07
C LYS D 58 -19.23 -16.07 22.34
N SER D 59 -18.40 -17.04 22.73
CA SER D 59 -17.65 -16.86 23.99
C SER D 59 -16.51 -15.88 23.82
N SER D 60 -16.24 -15.46 22.58
CA SER D 60 -15.18 -14.47 22.35
C SER D 60 -15.82 -13.10 22.19
N ASN D 61 -17.08 -13.05 22.60
CA ASN D 61 -17.84 -11.80 22.59
C ASN D 61 -18.12 -11.26 21.21
N ILE D 62 -18.32 -12.16 20.26
CA ILE D 62 -18.70 -11.76 18.91
C ILE D 62 -20.13 -12.22 18.66
N GLU D 63 -20.94 -11.29 18.15
CA GLU D 63 -22.32 -11.59 17.82
C GLU D 63 -22.41 -12.35 16.52
N ILE D 64 -23.35 -13.27 16.47
CA ILE D 64 -23.65 -14.01 15.26
C ILE D 64 -25.03 -13.59 14.73
N GLU D 65 -25.01 -12.94 13.59
CA GLU D 65 -26.24 -12.43 12.99
C GLU D 65 -27.06 -13.57 12.44
N ALA D 66 -26.38 -14.52 11.83
CA ALA D 66 -27.08 -15.57 11.11
C ALA D 66 -26.20 -16.77 10.87
N VAL D 67 -26.86 -17.91 10.78
CA VAL D 67 -26.21 -19.16 10.44
C VAL D 67 -26.99 -19.73 9.30
N GLU D 68 -26.30 -19.94 8.18
CA GLU D 68 -26.97 -20.39 6.95
C GLU D 68 -26.23 -21.53 6.31
N THR D 69 -26.88 -22.11 5.33
CA THR D 69 -26.32 -23.18 4.52
C THR D 69 -26.09 -22.74 3.09
N VAL D 70 -24.95 -23.13 2.57
CA VAL D 70 -24.61 -22.89 1.17
C VAL D 70 -24.95 -24.12 0.36
N LYS D 71 -25.82 -23.94 -0.64
CA LYS D 71 -26.35 -25.05 -1.42
C LYS D 71 -25.81 -25.13 -2.86
N ASN D 72 -25.04 -24.14 -3.30
CA ASN D 72 -24.47 -24.22 -4.65
C ASN D 72 -23.56 -23.06 -5.04
N ILE D 73 -23.06 -23.10 -6.26
CA ILE D 73 -22.11 -22.08 -6.73
C ILE D 73 -22.63 -21.35 -7.96
N ASP D 74 -23.97 -21.29 -8.08
CA ASP D 74 -24.63 -20.58 -9.18
C ASP D 74 -24.54 -19.06 -8.99
N PHE D 75 -23.95 -18.40 -9.99
CA PHE D 75 -23.70 -16.95 -9.91
C PHE D 75 -24.95 -16.16 -9.51
N ASP D 76 -26.09 -16.47 -10.11
CA ASP D 76 -27.31 -15.70 -9.85
C ASP D 76 -27.76 -15.87 -8.39
N GLU D 77 -27.71 -17.10 -7.89
CA GLU D 77 -28.21 -17.36 -6.55
C GLU D 77 -27.28 -16.69 -5.56
N ILE D 78 -25.99 -16.68 -5.92
CA ILE D 78 -24.98 -16.07 -5.07
C ILE D 78 -25.20 -14.56 -4.95
N GLY D 79 -25.47 -13.90 -6.09
CA GLY D 79 -25.71 -12.47 -6.07
C GLY D 79 -26.95 -12.16 -5.26
N THR D 80 -27.97 -12.98 -5.44
CA THR D 80 -29.21 -12.77 -4.72
C THR D 80 -28.92 -12.87 -3.23
N ASN D 81 -28.24 -13.93 -2.84
CA ASN D 81 -27.98 -14.14 -1.42
C ASN D 81 -27.03 -13.10 -0.86
N ALA D 82 -26.13 -12.60 -1.70
CA ALA D 82 -25.14 -11.60 -1.26
C ALA D 82 -25.88 -10.39 -0.74
N PHE D 83 -26.86 -9.94 -1.53
CA PHE D 83 -27.57 -8.68 -1.26
C PHE D 83 -28.67 -8.86 -0.23
N LYS D 84 -28.79 -10.08 0.26
CA LYS D 84 -29.72 -10.39 1.35
C LYS D 84 -29.01 -10.31 2.69
N ILE D 85 -27.68 -10.27 2.64
CA ILE D 85 -26.90 -10.17 3.87
C ILE D 85 -27.20 -8.82 4.55
N PRO D 86 -27.61 -8.85 5.82
CA PRO D 86 -27.94 -7.59 6.51
C PRO D 86 -26.78 -6.62 6.61
N ALA D 87 -27.12 -5.34 6.52
CA ALA D 87 -26.11 -4.29 6.47
C ALA D 87 -25.26 -4.22 7.75
N GLU D 88 -25.73 -4.80 8.85
CA GLU D 88 -24.98 -4.67 10.12
C GLU D 88 -23.90 -5.76 10.27
N VAL D 89 -23.85 -6.66 9.32
CA VAL D 89 -22.85 -7.72 9.34
C VAL D 89 -21.48 -7.18 8.98
N ASP D 90 -20.51 -7.56 9.81
CA ASP D 90 -19.12 -7.08 9.74
C ASP D 90 -18.23 -8.01 8.93
N ALA D 91 -18.62 -9.26 8.89
CA ALA D 91 -17.72 -10.29 8.38
C ALA D 91 -18.48 -11.56 8.08
N LEU D 92 -17.97 -12.25 7.08
CA LEU D 92 -18.52 -13.53 6.66
C LEU D 92 -17.53 -14.64 6.96
N ILE D 93 -18.04 -15.71 7.55
CA ILE D 93 -17.25 -16.90 7.80
C ILE D 93 -17.81 -18.04 7.00
N GLY D 94 -16.95 -18.64 6.18
CA GLY D 94 -17.30 -19.78 5.34
C GLY D 94 -16.66 -21.08 5.85
N ILE D 95 -17.53 -22.03 6.18
CA ILE D 95 -17.07 -23.31 6.67
C ILE D 95 -17.59 -24.43 5.80
N GLY D 96 -16.67 -25.06 5.09
CA GLY D 96 -16.99 -26.22 4.26
C GLY D 96 -15.97 -26.53 3.17
N GLY D 97 -16.44 -27.30 2.20
CA GLY D 97 -15.63 -27.64 1.05
C GLY D 97 -15.37 -26.46 0.12
N GLY D 98 -14.67 -26.78 -0.96
CA GLY D 98 -14.22 -25.79 -1.92
C GLY D 98 -15.30 -24.96 -2.57
N LYS D 99 -16.43 -25.58 -2.85
CA LYS D 99 -17.54 -24.93 -3.50
C LYS D 99 -18.18 -23.97 -2.52
N ALA D 100 -18.36 -24.44 -1.30
CA ALA D 100 -18.94 -23.63 -0.25
C ALA D 100 -18.09 -22.38 -0.01
N ILE D 101 -16.80 -22.62 0.10
CA ILE D 101 -15.85 -21.53 0.40
C ILE D 101 -15.92 -20.49 -0.69
N ASP D 102 -15.86 -20.95 -1.92
CA ASP D 102 -15.87 -20.04 -3.07
C ASP D 102 -17.18 -19.23 -3.15
N ALA D 103 -18.27 -19.80 -2.69
CA ALA D 103 -19.55 -19.13 -2.76
C ALA D 103 -19.56 -17.97 -1.78
N VAL D 104 -19.08 -18.25 -0.58
CA VAL D 104 -19.13 -17.27 0.51
C VAL D 104 -18.11 -16.19 0.23
N LYS D 105 -16.97 -16.62 -0.29
CA LYS D 105 -15.92 -15.69 -0.69
C LYS D 105 -16.47 -14.68 -1.69
N TYR D 106 -17.30 -15.16 -2.61
CA TYR D 106 -17.78 -14.29 -3.66
C TYR D 106 -18.78 -13.32 -3.11
N MSE D 107 -19.57 -13.78 -2.14
CA MSE D 107 -20.53 -12.87 -1.50
C MSE D 107 -19.79 -11.76 -0.79
O MSE D 107 -20.20 -10.58 -0.88
CB MSE D 107 -21.41 -13.60 -0.46
CG MSE D 107 -22.40 -14.58 -1.10
SE MSE D 107 -23.77 -15.35 0.15
CE MSE D 107 -22.51 -16.11 1.36
N ALA D 108 -18.71 -12.12 -0.11
CA ALA D 108 -17.90 -11.15 0.62
C ALA D 108 -17.34 -10.15 -0.36
N PHE D 109 -16.98 -10.65 -1.53
CA PHE D 109 -16.46 -9.81 -2.59
C PHE D 109 -17.52 -8.80 -2.99
N LEU D 110 -18.74 -9.28 -3.22
CA LEU D 110 -19.79 -8.39 -3.73
C LEU D 110 -20.24 -7.37 -2.68
N ARG D 111 -20.09 -7.69 -1.40
CA ARG D 111 -20.48 -6.77 -0.34
C ARG D 111 -19.28 -6.07 0.31
N LYS D 112 -18.11 -6.30 -0.25
CA LYS D 112 -16.92 -5.67 0.28
C LYS D 112 -16.87 -5.93 1.77
N LEU D 113 -17.00 -7.21 2.14
CA LEU D 113 -16.89 -7.61 3.56
C LEU D 113 -15.67 -8.48 3.84
N PRO D 114 -15.10 -8.34 5.03
CA PRO D 114 -14.05 -9.29 5.37
C PRO D 114 -14.57 -10.71 5.30
N PHE D 115 -13.68 -11.61 4.89
CA PHE D 115 -14.00 -13.01 4.75
C PHE D 115 -13.00 -13.89 5.47
N ILE D 116 -13.51 -14.79 6.30
CA ILE D 116 -12.71 -15.83 6.98
C ILE D 116 -13.01 -17.20 6.37
N SER D 117 -11.95 -17.78 5.79
CA SER D 117 -12.00 -19.08 5.11
C SER D 117 -11.65 -20.22 6.08
N VAL D 118 -12.59 -21.12 6.28
CA VAL D 118 -12.43 -22.28 7.20
C VAL D 118 -12.73 -23.58 6.44
N PRO D 119 -11.79 -24.05 5.63
CA PRO D 119 -12.06 -25.19 4.78
C PRO D 119 -11.97 -26.51 5.48
N THR D 120 -12.89 -27.39 5.14
CA THR D 120 -12.98 -28.72 5.75
C THR D 120 -12.36 -29.74 4.81
N SER D 121 -11.93 -29.23 3.67
CA SER D 121 -11.15 -30.05 2.74
C SER D 121 -10.27 -29.14 1.93
N THR D 122 -9.29 -29.74 1.26
CA THR D 122 -8.38 -28.94 0.43
C THR D 122 -8.27 -29.46 -0.98
N SER D 123 -9.36 -29.36 -1.74
CA SER D 123 -9.37 -29.91 -3.08
C SER D 123 -8.64 -29.00 -4.03
N ASN D 124 -8.39 -27.79 -3.56
CA ASN D 124 -7.65 -26.80 -4.34
C ASN D 124 -7.32 -25.52 -3.56
N ASP D 125 -6.62 -24.59 -4.21
CA ASP D 125 -6.15 -23.38 -3.51
C ASP D 125 -7.17 -22.24 -3.52
N GLY D 126 -8.41 -22.59 -3.82
CA GLY D 126 -9.50 -21.61 -3.77
C GLY D 126 -9.68 -21.03 -2.37
N PHE D 127 -9.34 -21.81 -1.37
CA PHE D 127 -9.61 -21.37 0.02
C PHE D 127 -8.65 -20.29 0.47
N SER D 128 -7.61 -20.05 -0.32
CA SER D 128 -6.62 -19.03 0.06
C SER D 128 -6.42 -17.93 -0.97
N SER D 129 -7.09 -18.05 -2.09
CA SER D 129 -6.79 -17.19 -3.22
C SER D 129 -7.81 -16.10 -3.55
N PRO D 130 -7.46 -15.23 -4.50
CA PRO D 130 -8.32 -14.17 -4.94
C PRO D 130 -9.28 -14.58 -6.05
N VAL D 131 -9.33 -15.86 -6.41
CA VAL D 131 -10.27 -16.25 -7.45
C VAL D 131 -11.27 -17.27 -6.94
N ALA D 132 -12.46 -17.17 -7.51
CA ALA D 132 -13.53 -18.06 -7.16
C ALA D 132 -13.95 -18.87 -8.39
N SER D 133 -14.27 -20.13 -8.14
CA SER D 133 -14.76 -20.99 -9.19
C SER D 133 -16.28 -21.13 -9.06
N LEU D 134 -17.00 -20.61 -10.04
CA LEU D 134 -18.45 -20.58 -9.97
C LEU D 134 -19.08 -21.11 -11.25
N LEU D 135 -20.38 -21.32 -11.18
CA LEU D 135 -21.19 -21.67 -12.36
C LEU D 135 -21.72 -20.42 -13.01
N ILE D 136 -21.31 -20.24 -14.25
CA ILE D 136 -21.75 -19.13 -15.06
C ILE D 136 -22.34 -19.70 -16.33
N ASN D 137 -23.67 -19.65 -16.40
CA ASN D 137 -24.40 -20.15 -17.57
C ASN D 137 -24.21 -21.62 -17.70
N GLY D 138 -24.19 -22.28 -16.56
CA GLY D 138 -24.10 -23.74 -16.45
C GLY D 138 -22.69 -24.27 -16.54
N LYS D 139 -21.73 -23.38 -16.78
CA LYS D 139 -20.32 -23.76 -16.96
C LYS D 139 -19.42 -23.30 -15.80
N ARG D 140 -18.65 -24.24 -15.25
CA ARG D 140 -17.68 -23.91 -14.23
C ARG D 140 -16.67 -22.95 -14.83
N THR D 141 -16.46 -21.83 -14.12
CA THR D 141 -15.65 -20.72 -14.60
C THR D 141 -14.92 -20.03 -13.45
N SER D 142 -13.67 -19.69 -13.69
CA SER D 142 -12.87 -19.01 -12.69
C SER D 142 -13.02 -17.51 -12.88
N VAL D 143 -13.41 -16.86 -11.79
CA VAL D 143 -13.68 -15.43 -11.81
C VAL D 143 -12.98 -14.71 -10.65
N PRO D 144 -12.68 -13.43 -10.85
CA PRO D 144 -12.02 -12.60 -9.85
C PRO D 144 -12.90 -12.41 -8.67
N ALA D 145 -12.30 -12.56 -7.50
CA ALA D 145 -12.97 -12.31 -6.23
C ALA D 145 -12.04 -11.50 -5.33
N LYS D 146 -11.92 -11.90 -4.09
CA LYS D 146 -10.93 -11.28 -3.20
C LYS D 146 -10.31 -12.32 -2.27
N THR D 147 -9.03 -12.13 -1.99
CA THR D 147 -8.31 -13.03 -1.13
C THR D 147 -8.91 -13.00 0.27
N PRO D 148 -8.99 -14.14 0.95
CA PRO D 148 -9.53 -14.06 2.30
C PRO D 148 -8.71 -13.20 3.21
N ASP D 149 -9.38 -12.67 4.23
CA ASP D 149 -8.75 -11.86 5.26
C ASP D 149 -8.17 -12.76 6.34
N GLY D 150 -8.72 -13.96 6.40
CA GLY D 150 -8.28 -14.97 7.35
C GLY D 150 -8.45 -16.36 6.77
N ILE D 151 -7.50 -17.23 7.09
CA ILE D 151 -7.52 -18.63 6.66
C ILE D 151 -7.26 -19.49 7.87
N VAL D 152 -8.19 -20.38 8.16
CA VAL D 152 -8.07 -21.26 9.33
C VAL D 152 -8.28 -22.70 8.93
N VAL D 153 -7.20 -23.48 8.90
CA VAL D 153 -7.26 -24.86 8.47
C VAL D 153 -6.86 -25.80 9.57
N ASP D 154 -7.83 -26.61 9.96
CA ASP D 154 -7.66 -27.59 11.01
C ASP D 154 -7.33 -28.92 10.39
N ILE D 155 -6.10 -29.35 10.65
CA ILE D 155 -5.56 -30.56 10.05
C ILE D 155 -6.28 -31.81 10.49
N ASP D 156 -6.87 -31.78 11.68
CA ASP D 156 -7.67 -32.93 12.15
C ASP D 156 -8.86 -33.07 11.22
N VAL D 157 -9.51 -31.95 10.90
CA VAL D 157 -10.68 -31.99 10.03
C VAL D 157 -10.25 -32.50 8.63
N ILE D 158 -9.11 -32.01 8.14
CA ILE D 158 -8.65 -32.39 6.81
C ILE D 158 -8.29 -33.87 6.77
N LYS D 159 -7.77 -34.40 7.87
CA LYS D 159 -7.44 -35.83 8.01
C LYS D 159 -8.66 -36.67 7.67
N GLY D 160 -9.81 -36.17 8.06
CA GLY D 160 -11.05 -36.92 7.94
C GLY D 160 -11.79 -36.69 6.63
N SER D 161 -11.20 -35.92 5.73
CA SER D 161 -11.87 -35.65 4.45
C SER D 161 -11.70 -36.84 3.50
N PRO D 162 -12.58 -36.95 2.52
CA PRO D 162 -12.45 -38.03 1.54
C PRO D 162 -11.23 -37.85 0.68
N GLU D 163 -10.61 -38.97 0.34
CA GLU D 163 -9.32 -38.96 -0.35
C GLU D 163 -9.39 -38.18 -1.67
N LYS D 164 -10.54 -38.19 -2.32
CA LYS D 164 -10.62 -37.52 -3.61
C LYS D 164 -10.22 -36.04 -3.51
N PHE D 165 -10.49 -35.42 -2.38
CA PHE D 165 -10.14 -34.03 -2.23
C PHE D 165 -8.66 -33.88 -2.00
N ILE D 166 -8.03 -34.88 -1.39
CA ILE D 166 -6.59 -34.79 -1.12
C ILE D 166 -5.87 -34.93 -2.45
N TYR D 167 -6.34 -35.87 -3.27
CA TYR D 167 -5.71 -36.09 -4.58
C TYR D 167 -5.89 -34.86 -5.42
N SER D 168 -7.04 -34.24 -5.28
CA SER D 168 -7.34 -33.03 -6.01
C SER D 168 -6.37 -31.95 -5.61
N GLY D 169 -6.12 -31.87 -4.31
CA GLY D 169 -5.19 -30.88 -3.77
C GLY D 169 -3.76 -31.10 -4.25
N ILE D 170 -3.33 -32.35 -4.27
CA ILE D 170 -2.00 -32.68 -4.75
C ILE D 170 -1.86 -32.16 -6.19
N GLY D 171 -2.92 -32.32 -6.95
CA GLY D 171 -2.90 -31.98 -8.35
C GLY D 171 -2.79 -30.48 -8.55
N ASP D 172 -3.48 -29.70 -7.73
CA ASP D 172 -3.51 -28.24 -7.90
C ASP D 172 -2.18 -27.68 -7.38
N LEU D 173 -1.53 -28.40 -6.50
CA LEU D 173 -0.25 -27.94 -5.89
C LEU D 173 0.89 -28.11 -6.87
N VAL D 174 0.99 -29.31 -7.41
CA VAL D 174 2.07 -29.65 -8.30
C VAL D 174 2.06 -28.74 -9.53
N SER D 175 0.90 -28.20 -9.87
CA SER D 175 0.78 -27.34 -11.04
C SER D 175 1.65 -26.09 -10.94
N ASN D 176 2.12 -25.77 -9.75
CA ASN D 176 2.96 -24.59 -9.57
C ASN D 176 4.25 -24.74 -10.37
N ILE D 177 4.71 -25.97 -10.51
CA ILE D 177 5.98 -26.21 -11.20
C ILE D 177 5.87 -25.83 -12.68
N THR D 178 4.82 -26.28 -13.34
CA THR D 178 4.65 -25.95 -14.76
C THR D 178 4.15 -24.51 -14.96
N ALA D 179 3.39 -23.99 -14.00
CA ALA D 179 2.90 -22.62 -14.10
C ALA D 179 4.07 -21.63 -14.12
N LEU D 180 5.03 -21.87 -13.23
CA LEU D 180 6.17 -20.97 -13.11
C LEU D 180 7.00 -21.05 -14.36
N TYR D 181 7.11 -22.22 -14.95
CA TYR D 181 7.90 -22.38 -16.18
C TYR D 181 7.23 -21.62 -17.35
N ASP D 182 5.93 -21.74 -17.44
CA ASP D 182 5.19 -21.02 -18.49
C ASP D 182 5.33 -19.52 -18.28
N TRP D 183 5.36 -19.11 -17.01
CA TRP D 183 5.44 -17.69 -16.68
C TRP D 183 6.79 -17.13 -17.15
N LYS D 184 7.84 -17.90 -16.92
CA LYS D 184 9.18 -17.48 -17.35
C LYS D 184 9.24 -17.42 -18.86
N PHE D 185 8.59 -18.37 -19.52
CA PHE D 185 8.55 -18.42 -21.00
C PHE D 185 7.83 -17.20 -21.54
N GLU D 186 6.81 -16.81 -20.82
CA GLU D 186 5.98 -15.70 -21.21
C GLU D 186 6.81 -14.44 -21.17
N GLU D 187 7.57 -14.30 -20.08
CA GLU D 187 8.39 -13.11 -19.88
C GLU D 187 9.46 -13.03 -20.95
N GLU D 188 10.05 -14.16 -21.28
CA GLU D 188 11.10 -14.18 -22.30
C GLU D 188 10.54 -13.67 -23.62
N ASN D 189 9.23 -13.81 -23.78
CA ASN D 189 8.54 -13.39 -25.00
C ASN D 189 7.85 -12.05 -24.79
N HIS D 190 8.31 -11.35 -23.75
CA HIS D 190 7.86 -9.98 -23.46
C HIS D 190 6.36 -9.82 -23.32
N LYS D 191 5.71 -10.87 -22.87
CA LYS D 191 4.24 -10.85 -22.75
C LYS D 191 3.80 -10.77 -21.29
N SER D 192 4.79 -10.66 -20.42
CA SER D 192 4.53 -10.30 -19.02
C SER D 192 5.82 -10.11 -18.24
N ILE D 193 5.64 -9.68 -17.00
CA ILE D 193 6.76 -9.47 -16.08
C ILE D 193 6.57 -10.28 -14.80
N ILE D 194 7.61 -11.02 -14.45
CA ILE D 194 7.58 -11.88 -13.28
C ILE D 194 7.73 -11.10 -11.97
N ASP D 195 6.98 -11.56 -10.98
CA ASP D 195 7.07 -11.05 -9.62
C ASP D 195 7.94 -12.00 -8.79
N ASP D 196 9.14 -11.53 -8.53
CA ASP D 196 10.19 -12.38 -7.96
C ASP D 196 9.77 -12.99 -6.64
N PHE D 197 9.16 -12.19 -5.78
CA PHE D 197 8.80 -12.71 -4.47
C PHE D 197 7.70 -13.74 -4.63
N ALA D 198 6.75 -13.49 -5.53
CA ALA D 198 5.67 -14.46 -5.74
C ALA D 198 6.29 -15.79 -6.14
N VAL D 199 7.28 -15.73 -7.04
CA VAL D 199 7.91 -16.95 -7.56
C VAL D 199 8.60 -17.68 -6.40
N MSE D 200 9.23 -16.92 -5.55
CA MSE D 200 10.04 -17.49 -4.49
C MSE D 200 9.20 -18.28 -3.50
O MSE D 200 9.58 -19.37 -3.05
CB MSE D 200 10.78 -16.40 -3.74
CG MSE D 200 11.72 -16.94 -2.71
SE MSE D 200 12.81 -15.53 -1.88
CE MSE D 200 14.49 -16.54 -1.66
N ILE D 201 8.05 -17.73 -3.12
CA ILE D 201 7.23 -18.40 -2.12
C ILE D 201 6.47 -19.59 -2.69
N SER D 202 5.94 -19.42 -3.89
CA SER D 202 5.23 -20.50 -4.54
C SER D 202 6.26 -21.65 -4.69
N LYS D 203 7.43 -21.33 -5.24
CA LYS D 203 8.45 -22.36 -5.47
C LYS D 203 8.84 -23.04 -4.16
N LYS D 204 8.97 -22.27 -3.09
CA LYS D 204 9.37 -22.85 -1.78
C LYS D 204 8.27 -23.76 -1.23
N SER D 205 7.02 -23.39 -1.44
CA SER D 205 5.94 -24.18 -0.86
C SER D 205 5.99 -25.56 -1.51
N VAL D 206 6.00 -25.53 -2.83
CA VAL D 206 5.96 -26.73 -3.64
C VAL D 206 7.15 -27.64 -3.31
N ASN D 207 8.34 -27.07 -3.26
CA ASN D 207 9.55 -27.89 -3.09
C ASN D 207 9.59 -28.51 -1.70
N SER D 208 8.96 -27.85 -0.76
CA SER D 208 8.89 -28.36 0.60
C SER D 208 8.03 -29.63 0.61
N PHE D 209 6.93 -29.53 -0.11
CA PHE D 209 5.94 -30.61 -0.17
C PHE D 209 6.49 -31.81 -0.90
N VAL D 210 7.00 -31.54 -2.09
CA VAL D 210 7.58 -32.59 -2.94
C VAL D 210 8.70 -33.40 -2.26
N ARG D 211 9.35 -32.82 -1.27
CA ARG D 211 10.47 -33.51 -0.64
C ARG D 211 10.05 -34.29 0.60
N THR D 212 8.84 -34.01 1.07
CA THR D 212 8.37 -34.58 2.34
C THR D 212 8.13 -36.08 2.22
N ASP D 213 8.85 -36.84 3.04
CA ASP D 213 8.64 -38.29 3.12
C ASP D 213 7.25 -38.54 3.66
N PHE D 214 6.67 -39.66 3.25
CA PHE D 214 5.33 -40.03 3.70
C PHE D 214 4.93 -41.49 3.58
N LYS D 215 4.24 -41.90 4.64
CA LYS D 215 3.70 -43.24 4.74
C LYS D 215 2.42 -43.26 3.91
N SER D 216 1.53 -42.32 4.20
CA SER D 216 0.27 -42.21 3.44
C SER D 216 -0.19 -40.79 3.24
N ILE D 217 -1.21 -40.64 2.42
CA ILE D 217 -1.70 -39.31 2.09
C ILE D 217 -2.57 -38.74 3.22
N LYS D 218 -2.82 -39.53 4.25
CA LYS D 218 -3.59 -39.03 5.41
C LYS D 218 -2.66 -38.82 6.61
N ASP D 219 -1.38 -38.93 6.31
CA ASP D 219 -0.29 -38.59 7.24
C ASP D 219 -0.40 -37.11 7.62
N GLU D 220 -0.29 -36.84 8.90
CA GLU D 220 -0.47 -35.49 9.43
C GLU D 220 0.59 -34.50 8.91
N VAL D 221 1.83 -34.95 8.80
CA VAL D 221 2.93 -34.08 8.32
C VAL D 221 2.71 -33.80 6.84
N PHE D 222 2.27 -34.82 6.14
CA PHE D 222 2.01 -34.70 4.72
C PHE D 222 0.92 -33.68 4.45
N LEU D 223 -0.15 -33.82 5.21
CA LEU D 223 -1.32 -32.95 5.05
C LEU D 223 -0.94 -31.51 5.42
N LYS D 224 -0.18 -31.37 6.49
CA LYS D 224 0.18 -30.02 6.93
C LYS D 224 0.99 -29.33 5.84
N GLU D 225 1.85 -30.09 5.18
CA GLU D 225 2.66 -29.54 4.10
C GLU D 225 1.80 -29.21 2.90
N LEU D 226 0.86 -30.08 2.60
CA LEU D 226 -0.02 -29.87 1.47
C LEU D 226 -0.79 -28.57 1.68
N VAL D 227 -1.36 -28.43 2.86
CA VAL D 227 -2.18 -27.27 3.15
C VAL D 227 -1.33 -25.99 3.16
N ASP D 228 -0.15 -26.04 3.74
CA ASP D 228 0.73 -24.87 3.80
C ASP D 228 1.00 -24.37 2.38
N SER D 229 1.29 -25.29 1.48
CA SER D 229 1.63 -24.89 0.12
C SER D 229 0.44 -24.30 -0.61
N LEU D 230 -0.71 -24.97 -0.50
CA LEU D 230 -1.93 -24.49 -1.17
C LEU D 230 -2.24 -23.07 -0.63
N THR D 231 -1.98 -22.85 0.64
CA THR D 231 -2.24 -21.54 1.27
C THR D 231 -1.30 -20.51 0.63
N MSE D 232 -0.06 -20.93 0.54
N MSE D 232 -0.06 -20.94 0.53
CA MSE D 232 1.00 -20.10 -0.03
CA MSE D 232 1.01 -20.15 -0.04
C MSE D 232 0.72 -19.73 -1.48
C MSE D 232 0.71 -19.73 -1.47
O MSE D 232 1.01 -18.61 -1.92
O MSE D 232 1.01 -18.62 -1.88
CB MSE D 232 2.33 -20.84 -0.01
CB MSE D 232 2.27 -20.99 -0.06
CG MSE D 232 3.49 -19.90 0.12
CG MSE D 232 3.47 -20.25 0.44
SE MSE D 232 3.69 -19.00 1.78
SE MSE D 232 4.25 -21.26 1.91
CE MSE D 232 5.37 -19.67 2.53
CE MSE D 232 6.02 -20.43 1.97
N ASN D 233 0.15 -20.68 -2.22
CA ASN D 233 -0.14 -20.45 -3.64
C ASN D 233 -1.10 -19.31 -3.80
N GLY D 234 -2.11 -19.29 -2.96
CA GLY D 234 -3.13 -18.21 -2.95
C GLY D 234 -2.52 -16.87 -2.62
N ILE D 235 -1.63 -16.85 -1.64
CA ILE D 235 -1.03 -15.59 -1.24
C ILE D 235 -0.10 -15.15 -2.36
N ALA D 236 0.48 -16.12 -3.06
CA ALA D 236 1.43 -15.79 -4.14
C ALA D 236 0.67 -15.05 -5.23
N MSE D 237 -0.57 -15.49 -5.44
CA MSE D 237 -1.40 -14.90 -6.48
C MSE D 237 -1.78 -13.49 -6.09
O MSE D 237 -1.78 -12.56 -6.92
CB MSE D 237 -2.65 -15.72 -6.70
CG MSE D 237 -2.40 -17.04 -7.35
SE MSE D 237 -4.05 -18.09 -7.53
CE MSE D 237 -4.96 -17.00 -8.63
N GLU D 238 -2.10 -13.32 -4.81
CA GLU D 238 -2.45 -11.99 -4.30
C GLU D 238 -1.26 -11.05 -4.46
N ILE D 239 -0.07 -11.56 -4.18
CA ILE D 239 1.14 -10.76 -4.26
C ILE D 239 1.42 -10.35 -5.70
N ALA D 240 1.24 -11.28 -6.63
CA ALA D 240 1.57 -11.00 -8.03
C ALA D 240 0.51 -10.11 -8.68
N GLY D 241 -0.73 -10.21 -8.20
CA GLY D 241 -1.84 -9.42 -8.74
C GLY D 241 -2.47 -10.15 -9.92
N ASN D 242 -2.06 -11.39 -10.11
CA ASN D 242 -2.72 -12.25 -11.08
C ASN D 242 -2.47 -13.68 -10.71
N SER D 243 -2.97 -14.58 -11.53
CA SER D 243 -3.00 -15.99 -11.20
C SER D 243 -1.75 -16.75 -11.63
N SER D 244 -0.90 -16.11 -12.40
CA SER D 244 0.23 -16.77 -13.03
C SER D 244 1.11 -17.61 -12.13
N PRO D 245 1.37 -17.16 -10.88
CA PRO D 245 2.23 -17.97 -10.03
C PRO D 245 1.71 -19.40 -9.85
N ALA D 246 0.41 -19.58 -10.00
CA ALA D 246 -0.18 -20.90 -9.74
C ALA D 246 -1.04 -21.38 -10.89
N SER D 247 -1.06 -20.62 -11.96
CA SER D 247 -1.91 -20.97 -13.10
C SER D 247 -1.24 -20.68 -14.45
N GLY D 248 -0.86 -21.76 -15.09
CA GLY D 248 -0.27 -21.74 -16.44
C GLY D 248 -1.11 -22.55 -17.43
N ALA D 249 -0.45 -23.09 -18.44
CA ALA D 249 -1.15 -23.87 -19.46
C ALA D 249 -1.92 -25.03 -18.84
N GLU D 250 -1.38 -25.62 -17.83
CA GLU D 250 -2.03 -26.77 -17.23
C GLU D 250 -3.43 -26.35 -16.76
N HIS D 251 -3.52 -25.16 -16.19
CA HIS D 251 -4.83 -24.64 -15.73
C HIS D 251 -5.72 -24.27 -16.93
N LEU D 252 -5.11 -23.75 -17.98
CA LEU D 252 -5.87 -23.36 -19.16
C LEU D 252 -6.52 -24.61 -19.73
N ILE D 253 -5.82 -25.73 -19.62
CA ILE D 253 -6.33 -26.98 -20.13
C ILE D 253 -7.60 -27.34 -19.34
N SER D 254 -7.50 -27.23 -18.04
CA SER D 254 -8.61 -27.59 -17.16
C SER D 254 -9.81 -26.70 -17.40
N HIS D 255 -9.54 -25.40 -17.54
CA HIS D 255 -10.63 -24.44 -17.72
C HIS D 255 -11.34 -24.65 -19.08
N ALA D 256 -10.57 -25.12 -20.04
CA ALA D 256 -11.10 -25.41 -21.38
C ALA D 256 -11.99 -26.64 -21.30
N LEU D 257 -11.58 -27.64 -20.51
CA LEU D 257 -12.39 -28.85 -20.32
C LEU D 257 -13.74 -28.42 -19.75
N ASP D 258 -13.68 -27.51 -18.80
CA ASP D 258 -14.88 -27.08 -18.09
C ASP D 258 -15.91 -26.44 -19.04
N LYS D 259 -15.45 -25.93 -20.16
CA LYS D 259 -16.33 -25.21 -21.05
C LYS D 259 -17.13 -26.11 -22.00
N PHE D 260 -16.66 -27.34 -22.22
CA PHE D 260 -17.40 -28.24 -23.08
C PHE D 260 -17.84 -29.56 -22.42
N LEU D 261 -17.28 -29.90 -21.27
CA LEU D 261 -17.75 -31.07 -20.55
C LEU D 261 -18.98 -30.69 -19.74
N PRO D 262 -19.98 -31.58 -19.73
CA PRO D 262 -21.15 -31.36 -18.89
C PRO D 262 -20.80 -31.66 -17.46
N ASN D 263 -20.02 -32.71 -17.27
CA ASN D 263 -19.61 -33.19 -15.94
C ASN D 263 -18.11 -33.27 -15.75
N PRO D 264 -17.48 -32.12 -15.61
CA PRO D 264 -16.05 -32.12 -15.39
C PRO D 264 -15.67 -32.74 -14.06
N GLN D 265 -14.45 -33.24 -14.00
CA GLN D 265 -13.92 -33.77 -12.76
C GLN D 265 -13.44 -32.61 -11.91
N LEU D 266 -12.98 -32.95 -10.71
CA LEU D 266 -12.45 -31.97 -9.78
C LEU D 266 -11.35 -31.17 -10.47
N HIS D 267 -11.39 -29.87 -10.24
CA HIS D 267 -10.37 -28.95 -10.77
C HIS D 267 -8.98 -29.51 -10.59
N GLY D 268 -8.70 -29.89 -9.36
CA GLY D 268 -7.39 -30.42 -8.99
C GLY D 268 -6.98 -31.66 -9.75
N ILE D 269 -7.97 -32.51 -10.02
CA ILE D 269 -7.72 -33.76 -10.71
C ILE D 269 -7.37 -33.46 -12.15
N GLN D 270 -8.17 -32.61 -12.77
CA GLN D 270 -7.94 -32.23 -14.16
C GLN D 270 -6.58 -31.54 -14.25
N VAL D 271 -6.30 -30.66 -13.30
CA VAL D 271 -5.05 -29.87 -13.30
C VAL D 271 -3.84 -30.79 -13.14
N GLY D 272 -3.97 -31.78 -12.30
CA GLY D 272 -2.85 -32.70 -12.05
C GLY D 272 -2.44 -33.44 -13.33
N VAL D 273 -3.44 -33.99 -14.05
CA VAL D 273 -3.19 -34.70 -15.28
C VAL D 273 -2.58 -33.71 -16.27
N ALA D 274 -3.17 -32.53 -16.35
CA ALA D 274 -2.66 -31.48 -17.24
C ALA D 274 -1.20 -31.15 -16.93
N THR D 275 -0.85 -31.18 -15.65
CA THR D 275 0.50 -30.83 -15.21
C THR D 275 1.52 -31.85 -15.65
N TYR D 276 1.14 -33.12 -15.53
CA TYR D 276 1.99 -34.20 -16.03
C TYR D 276 2.24 -33.95 -17.52
N ILE D 277 1.17 -33.66 -18.24
CA ILE D 277 1.25 -33.50 -19.69
C ILE D 277 2.19 -32.35 -20.01
N MSE D 278 1.99 -31.24 -19.34
CA MSE D 278 2.79 -30.04 -19.62
C MSE D 278 4.27 -30.23 -19.27
O MSE D 278 5.17 -29.66 -19.89
CB MSE D 278 2.20 -28.82 -18.92
CG MSE D 278 0.89 -28.33 -19.52
SE MSE D 278 0.97 -28.11 -21.45
CE MSE D 278 2.55 -26.91 -21.53
N SER D 279 4.53 -31.08 -18.28
CA SER D 279 5.90 -31.30 -17.88
C SER D 279 6.66 -31.93 -19.06
N LYS D 280 5.98 -32.77 -19.82
CA LYS D 280 6.63 -33.54 -20.90
C LYS D 280 6.78 -32.60 -22.09
N VAL D 281 5.83 -31.68 -22.23
CA VAL D 281 5.90 -30.66 -23.28
C VAL D 281 7.03 -29.66 -22.95
N HIS D 282 7.14 -29.29 -21.68
CA HIS D 282 8.19 -28.36 -21.28
C HIS D 282 9.55 -29.04 -21.28
N LYS D 283 9.55 -30.36 -21.07
CA LYS D 283 10.80 -31.12 -20.88
C LYS D 283 11.50 -30.52 -19.68
N HIS D 284 10.73 -30.37 -18.62
CA HIS D 284 11.16 -29.72 -17.38
C HIS D 284 10.52 -30.30 -16.13
N ARG D 285 11.38 -30.74 -15.22
CA ARG D 285 10.98 -31.34 -13.94
C ARG D 285 10.07 -32.56 -14.11
N GLU D 286 10.27 -33.27 -15.21
CA GLU D 286 9.46 -34.43 -15.56
C GLU D 286 9.49 -35.52 -14.48
N GLU D 287 10.68 -35.84 -14.00
CA GLU D 287 10.81 -36.93 -13.03
C GLU D 287 10.16 -36.58 -11.70
N ARG D 288 10.31 -35.35 -11.27
CA ARG D 288 9.78 -34.94 -9.99
C ARG D 288 8.27 -35.09 -10.01
N ILE D 289 7.70 -34.59 -11.09
CA ILE D 289 6.25 -34.58 -11.26
C ILE D 289 5.70 -36.00 -11.38
N LYS D 290 6.41 -36.83 -12.14
CA LYS D 290 6.02 -38.22 -12.31
C LYS D 290 6.08 -38.90 -10.95
N LYS D 291 7.16 -38.63 -10.21
CA LYS D 291 7.41 -39.33 -8.94
C LYS D 291 6.32 -38.99 -7.93
N ILE D 292 6.01 -37.71 -7.81
CA ILE D 292 5.09 -37.29 -6.76
C ILE D 292 3.66 -37.77 -7.06
N LEU D 293 3.28 -37.70 -8.32
CA LEU D 293 1.93 -38.13 -8.74
C LEU D 293 1.76 -39.65 -8.70
N SER D 294 2.88 -40.37 -8.79
CA SER D 294 2.87 -41.84 -8.70
C SER D 294 2.83 -42.26 -7.25
N ASP D 295 3.87 -41.81 -6.54
CA ASP D 295 4.09 -42.17 -5.13
C ASP D 295 2.87 -41.88 -4.26
N THR D 296 2.14 -40.81 -4.57
CA THR D 296 0.99 -40.45 -3.73
C THR D 296 -0.25 -41.25 -4.08
N GLY D 297 -0.17 -41.99 -5.18
CA GLY D 297 -1.33 -42.76 -5.66
C GLY D 297 -2.30 -41.93 -6.50
N PHE D 298 -1.88 -40.72 -6.88
CA PHE D 298 -2.69 -39.83 -7.71
C PHE D 298 -3.09 -40.49 -9.03
N PHE D 299 -2.10 -41.07 -9.70
CA PHE D 299 -2.34 -41.71 -10.98
C PHE D 299 -3.32 -42.87 -10.82
N ASN D 300 -3.12 -43.72 -9.81
N ASN D 300 -3.09 -43.68 -9.78
CA ASN D 300 -3.99 -44.89 -9.67
CA ASN D 300 -3.91 -44.87 -9.53
C ASN D 300 -5.41 -44.44 -9.43
C ASN D 300 -5.35 -44.44 -9.42
N TYR D 301 -5.53 -43.37 -8.66
CA TYR D 301 -6.86 -42.85 -8.36
C TYR D 301 -7.54 -42.33 -9.62
N VAL D 302 -6.77 -41.62 -10.43
CA VAL D 302 -7.31 -41.01 -11.63
C VAL D 302 -7.81 -42.09 -12.63
N LYS D 303 -7.14 -43.23 -12.66
CA LYS D 303 -7.48 -44.29 -13.61
C LYS D 303 -8.95 -44.67 -13.47
N GLY D 304 -9.42 -44.65 -12.23
CA GLY D 304 -10.80 -45.05 -11.92
C GLY D 304 -11.87 -44.13 -12.46
N LEU D 305 -11.45 -42.96 -12.96
CA LEU D 305 -12.41 -41.92 -13.32
C LEU D 305 -12.78 -41.99 -14.81
N ASN D 306 -11.96 -42.69 -15.57
CA ASN D 306 -12.18 -42.82 -17.01
C ASN D 306 -12.27 -41.50 -17.78
N MSE D 307 -11.37 -40.58 -17.51
CA MSE D 307 -11.30 -39.38 -18.34
C MSE D 307 -10.81 -39.79 -19.74
O MSE D 307 -10.02 -40.71 -19.90
CB MSE D 307 -10.42 -38.31 -17.70
CG MSE D 307 -11.09 -37.64 -16.51
SE MSE D 307 -9.92 -36.37 -15.61
CE MSE D 307 -8.68 -37.68 -14.90
N LYS D 308 -11.35 -39.10 -20.74
CA LYS D 308 -11.08 -39.40 -22.15
C LYS D 308 -9.88 -38.66 -22.71
N LYS D 309 -9.06 -39.40 -23.43
CA LYS D 309 -7.96 -38.83 -24.19
C LYS D 309 -8.46 -37.73 -25.11
N SER D 310 -9.60 -37.99 -25.73
CA SER D 310 -10.11 -37.08 -26.78
C SER D 310 -10.49 -35.74 -26.17
N ASP D 311 -10.95 -35.76 -24.93
CA ASP D 311 -11.35 -34.54 -24.24
C ASP D 311 -10.11 -33.71 -23.96
N PHE D 312 -9.04 -34.37 -23.52
CA PHE D 312 -7.80 -33.67 -23.28
C PHE D 312 -7.21 -33.07 -24.53
N LYS D 313 -7.31 -33.79 -25.64
CA LYS D 313 -6.75 -33.30 -26.89
C LYS D 313 -7.50 -32.04 -27.29
N ARG D 314 -8.81 -32.04 -27.11
CA ARG D 314 -9.59 -30.85 -27.47
C ARG D 314 -9.26 -29.67 -26.54
N ALA D 315 -9.11 -29.97 -25.27
CA ALA D 315 -8.82 -28.96 -24.23
C ALA D 315 -7.48 -28.31 -24.54
N ILE D 316 -6.56 -29.15 -24.99
CA ILE D 316 -5.22 -28.67 -25.35
C ILE D 316 -5.32 -27.66 -26.50
N SER D 317 -6.17 -27.97 -27.47
CA SER D 317 -6.33 -27.10 -28.65
C SER D 317 -6.96 -25.78 -28.30
N GLU D 318 -7.82 -25.81 -27.30
CA GLU D 318 -8.67 -24.66 -26.93
C GLU D 318 -8.15 -23.93 -25.71
N ALA D 319 -7.04 -24.38 -25.17
CA ALA D 319 -6.50 -23.84 -23.92
C ALA D 319 -6.20 -22.35 -24.08
N HIS D 320 -5.66 -22.01 -25.22
CA HIS D 320 -5.25 -20.65 -25.49
C HIS D 320 -6.42 -19.67 -25.51
N LEU D 321 -7.63 -20.18 -25.78
CA LEU D 321 -8.80 -19.32 -25.91
C LEU D 321 -9.22 -18.80 -24.56
N ILE D 322 -8.83 -19.48 -23.50
CA ILE D 322 -9.24 -19.07 -22.15
C ILE D 322 -8.59 -17.73 -21.80
N LYS D 323 -7.33 -17.58 -22.17
CA LYS D 323 -6.57 -16.34 -21.89
C LYS D 323 -5.72 -15.97 -23.11
N PRO D 324 -6.36 -15.39 -24.13
CA PRO D 324 -5.68 -15.21 -25.41
C PRO D 324 -4.53 -14.21 -25.44
N ALA D 325 -4.46 -13.35 -24.44
CA ALA D 325 -3.43 -12.31 -24.42
C ALA D 325 -2.20 -12.82 -23.70
N ARG D 326 -2.31 -13.99 -23.07
CA ARG D 326 -1.15 -14.61 -22.46
C ARG D 326 -0.30 -15.28 -23.51
N TYR D 327 0.83 -15.81 -23.05
CA TYR D 327 1.72 -16.52 -23.94
C TYR D 327 2.40 -17.69 -23.23
N THR D 328 1.59 -18.72 -23.00
CA THR D 328 2.10 -19.94 -22.42
C THR D 328 2.57 -20.83 -23.55
N TYR D 329 3.11 -21.98 -23.21
CA TYR D 329 3.58 -22.92 -24.26
C TYR D 329 2.46 -23.28 -25.23
N LEU D 330 1.21 -23.32 -24.72
CA LEU D 330 0.06 -23.77 -25.51
C LEU D 330 -0.54 -22.63 -26.32
N HIS D 331 0.19 -21.52 -26.39
CA HIS D 331 -0.18 -20.40 -27.27
C HIS D 331 0.65 -20.54 -28.53
N VAL D 332 1.38 -21.64 -28.59
CA VAL D 332 2.19 -21.98 -29.77
C VAL D 332 1.75 -23.32 -30.35
N GLU D 333 1.35 -23.27 -31.62
CA GLU D 333 0.73 -24.42 -32.29
C GLU D 333 1.57 -25.71 -32.14
N LYS D 334 2.86 -25.58 -32.38
CA LYS D 334 3.75 -26.72 -32.33
C LYS D 334 3.66 -27.44 -30.98
N ASN D 335 3.60 -26.66 -29.92
CA ASN D 335 3.59 -27.23 -28.58
C ASN D 335 2.27 -27.95 -28.30
N CYS D 336 1.24 -27.52 -29.01
CA CYS D 336 -0.06 -28.16 -28.91
C CYS D 336 -0.05 -29.52 -29.59
N GLU D 337 0.57 -29.66 -30.77
N GLU D 337 0.64 -29.60 -30.73
CA GLU D 337 0.61 -30.98 -31.39
CA GLU D 337 0.72 -30.86 -31.45
C GLU D 337 1.48 -31.87 -30.52
C GLU D 337 1.51 -31.83 -30.58
N THR D 338 2.55 -31.31 -29.95
CA THR D 338 3.42 -32.12 -29.10
C THR D 338 2.58 -32.64 -27.94
N ALA D 339 1.77 -31.76 -27.38
CA ALA D 339 0.95 -32.13 -26.23
C ALA D 339 -0.02 -33.24 -26.63
N LYS D 340 -0.58 -33.10 -27.82
CA LYS D 340 -1.55 -34.08 -28.31
C LYS D 340 -0.90 -35.41 -28.63
N GLU D 341 0.36 -35.37 -29.09
CA GLU D 341 1.09 -36.62 -29.38
CA GLU D 341 1.14 -36.59 -29.38
C GLU D 341 1.43 -37.31 -28.07
N ILE D 342 1.63 -36.53 -27.04
CA ILE D 342 1.96 -37.06 -25.71
C ILE D 342 0.77 -37.84 -25.17
N VAL D 343 -0.42 -37.28 -25.35
CA VAL D 343 -1.64 -37.90 -24.84
C VAL D 343 -1.90 -39.22 -25.57
N ASP D 344 -1.44 -39.31 -26.82
CA ASP D 344 -1.71 -40.50 -27.63
C ASP D 344 -0.68 -41.58 -27.35
N THR D 345 0.49 -41.17 -26.88
CA THR D 345 1.66 -42.04 -26.82
C THR D 345 2.03 -42.46 -25.42
N ASP D 346 2.19 -41.47 -24.55
CA ASP D 346 2.65 -41.71 -23.20
C ASP D 346 2.05 -42.94 -22.54
N GLU D 347 2.92 -43.68 -21.85
CA GLU D 347 2.54 -44.96 -21.26
C GLU D 347 1.59 -44.77 -20.10
N ILE D 348 1.90 -43.81 -19.23
CA ILE D 348 1.03 -43.55 -18.06
C ILE D 348 -0.35 -43.09 -18.54
N LEU D 349 -0.37 -42.16 -19.48
CA LEU D 349 -1.64 -41.65 -19.98
C LEU D 349 -2.45 -42.77 -20.67
N ARG D 350 -1.77 -43.65 -21.40
CA ARG D 350 -2.48 -44.71 -22.11
C ARG D 350 -3.24 -45.54 -21.06
N ASN D 351 -2.64 -45.64 -19.89
CA ASN D 351 -3.18 -46.45 -18.81
C ASN D 351 -4.34 -45.76 -18.11
N ILE D 352 -4.11 -44.53 -17.68
CA ILE D 352 -5.07 -43.79 -16.85
C ILE D 352 -6.11 -42.99 -17.65
N LEU D 353 -6.17 -43.13 -18.96
CA LEU D 353 -7.17 -42.39 -19.72
C LEU D 353 -7.76 -43.35 -20.72
N VAL D 354 -9.01 -43.13 -21.09
CA VAL D 354 -9.68 -44.03 -22.01
C VAL D 354 -9.99 -43.38 -23.37
ZN ZN E . -24.40 10.49 -3.42
C1 EDO F . -26.02 12.62 -19.80
O1 EDO F . -27.10 11.76 -20.27
C2 EDO F . -25.43 13.50 -20.92
O2 EDO F . -25.73 14.92 -20.87
C1 EDO G . -28.22 12.08 -27.02
O1 EDO G . -27.61 12.74 -28.13
C2 EDO G . -27.17 11.43 -26.11
O2 EDO G . -27.18 12.05 -24.81
C1 EDO H . -22.36 2.18 -30.96
O1 EDO H . -23.50 1.59 -31.59
C2 EDO H . -22.39 1.74 -29.50
O2 EDO H . -23.20 2.63 -28.73
C1 PEG I . -23.15 -5.43 -24.61
O1 PEG I . -22.82 -6.61 -23.87
C2 PEG I . -24.24 -4.65 -23.87
O2 PEG I . -23.71 -3.66 -22.97
C3 PEG I . -24.55 -3.34 -21.84
C4 PEG I . -23.77 -3.33 -20.51
O4 PEG I . -24.62 -3.68 -19.40
ZN ZN J . 9.54 25.40 -0.38
C1 EDO K . 8.61 30.47 15.33
O1 EDO K . 7.57 30.50 16.32
C2 EDO K . 10.00 30.38 15.97
O2 EDO K . 10.57 31.69 16.12
ZN ZN L . 20.86 -11.02 13.14
C1 EDO M . 4.77 -20.23 23.96
O1 EDO M . 3.34 -20.24 23.96
C2 EDO M . 5.29 -18.86 24.39
O2 EDO M . 4.83 -18.57 25.71
C1 EDO N . 38.40 -10.15 -0.95
O1 EDO N . 37.71 -11.13 -0.17
C2 EDO N . 39.90 -10.34 -0.83
O2 EDO N . 40.35 -11.31 -1.78
C1 EDO O . 34.30 -17.31 -7.63
O1 EDO O . 34.95 -17.46 -6.36
C2 EDO O . 34.31 -18.63 -8.40
O2 EDO O . 34.02 -18.41 -9.78
C1 EDO P . 7.06 -6.18 18.41
O1 EDO P . 7.92 -7.02 19.21
C2 EDO P . 6.83 -4.84 19.09
O2 EDO P . 8.03 -4.51 19.78
C1 EDO Q . 13.53 -2.66 12.37
O1 EDO Q . 13.26 -3.79 11.52
C2 EDO Q . 13.13 -1.34 11.70
O2 EDO Q . 14.02 -0.98 10.62
C1 EDO R . 8.82 -17.80 31.71
O1 EDO R . 8.01 -18.96 31.93
C2 EDO R . 8.63 -16.83 32.85
O2 EDO R . 7.85 -15.72 32.38
ZN ZN S . -5.93 -24.26 -9.45
C1 EDO T . -13.57 -34.60 -27.69
O1 EDO T . -13.83 -35.64 -26.74
C2 EDO T . -14.89 -34.18 -28.35
O2 EDO T . -15.54 -33.22 -27.53
C1 EDO U . -16.93 -28.65 -2.43
O1 EDO U . -16.05 -29.76 -2.51
C2 EDO U . -18.09 -28.89 -1.47
O2 EDO U . -18.43 -27.64 -0.86
C1 EDO V . -27.13 -24.25 9.65
O1 EDO V . -28.27 -24.76 10.34
C2 EDO V . -26.50 -25.31 8.73
O2 EDO V . -26.24 -24.78 7.42
C1 EDO W . 13.13 -21.15 -19.72
O1 EDO W . 13.62 -20.25 -18.72
C2 EDO W . 11.60 -21.06 -19.83
O2 EDO W . 11.22 -21.06 -21.20
C1 EDO X . 4.81 -13.78 -30.23
O1 EDO X . 4.06 -13.05 -29.25
C2 EDO X . 6.04 -14.42 -29.59
O2 EDO X . 6.88 -13.38 -29.08
C1 PEG Y . 13.21 -33.89 -12.23
O1 PEG Y . 13.71 -32.80 -11.46
C2 PEG Y . 14.12 -34.24 -13.40
O2 PEG Y . 13.33 -34.82 -14.44
C3 PEG Y . 13.85 -34.58 -15.76
C4 PEG Y . 13.61 -33.13 -16.16
O4 PEG Y . 12.74 -33.01 -17.29
#